data_9EKT
#
_entry.id   9EKT
#
_cell.length_a   1.00
_cell.length_b   1.00
_cell.length_c   1.00
_cell.angle_alpha   90.00
_cell.angle_beta   90.00
_cell.angle_gamma   90.00
#
_symmetry.space_group_name_H-M   'P 1'
#
_entity_poly.entity_id   1
_entity_poly.type   'polypeptide(L)'
_entity_poly.pdbx_seq_one_letter_code
;MDYKDDDDKTAPAGPRGSETERLLTPNPGYGTQAGPSPAPPTPPEEEDLRRRLKYFFMSPCDKFRAKGRKPCKLMLQVVK
ILVVTVQLILFGLSNQLAVTFREENTIAFRHLFLLGYSDGADDTFAAYTREQLYQAIFHAVDQYLALPDVSLGRYAYVRG
GGDPWTNGSGLALCQRYYHRGHVDPANDTFDIDPMVVTDCIQVDPPERPPPPPSDDLTLLESSSSYKNLTLKFHKLVNVT
IHFRLKTINLQSLINNEIPDCYTFSVLITFDNKAHSGRIPISLETQAHIQECKHPSVFQHGDNSFRLLFDVVVILTCSLS
FLLCARSLLRGFLLQNEFVGFMWRQRGRVISLWERLEFVNGWYILLVTSDVLTISGTIMKIGIEAKNLASYDVCSILLGT
STLLVWVGVIRYLTFFHNYNILIATLRVALPSVMRFCCCAGVIYLGYCFCGWIVLGPYHVKFRSLSMVSECLFSLINGDD
MFVTFAAMQAQQGRSSLVWLFSQLYLYSFISLFIYMVLSLFIALITGAYDTIKHPGGAGAEESELQAYIAQCQDSPTSGK
FRRGSGSACSLLCCCGRDPSEEHSLLVN
;
_entity_poly.pdbx_strand_id   A,B,C,D
#
# COMPACT_ATOMS: atom_id res chain seq x y z
N GLY A 68 -21.54 -35.85 44.36
CA GLY A 68 -21.76 -36.77 43.26
C GLY A 68 -21.18 -36.27 41.95
N ARG A 69 -21.48 -36.99 40.86
CA ARG A 69 -20.99 -36.66 39.52
C ARG A 69 -22.16 -36.15 38.70
N LYS A 70 -22.02 -34.95 38.14
CA LYS A 70 -23.08 -34.37 37.31
C LYS A 70 -22.50 -33.37 36.32
N PRO A 71 -21.88 -33.84 35.23
CA PRO A 71 -21.36 -32.91 34.22
C PRO A 71 -22.40 -32.54 33.17
N CYS A 72 -23.67 -32.81 33.47
CA CYS A 72 -24.73 -32.60 32.47
C CYS A 72 -24.84 -31.14 32.06
N LYS A 73 -24.74 -30.21 33.03
CA LYS A 73 -24.82 -28.79 32.68
C LYS A 73 -23.65 -28.37 31.81
N LEU A 74 -22.45 -28.89 32.09
CA LEU A 74 -21.29 -28.57 31.27
C LEU A 74 -21.45 -29.08 29.84
N MET A 75 -22.09 -30.24 29.68
CA MET A 75 -22.33 -30.80 28.36
C MET A 75 -23.17 -29.86 27.50
N LEU A 76 -24.19 -29.25 28.09
CA LEU A 76 -25.15 -28.45 27.34
C LEU A 76 -24.47 -27.31 26.59
N GLN A 77 -23.51 -26.63 27.22
CA GLN A 77 -22.94 -25.44 26.60
C GLN A 77 -22.04 -25.76 25.42
N VAL A 78 -21.45 -26.95 25.35
CA VAL A 78 -20.65 -27.30 24.19
C VAL A 78 -21.53 -27.54 22.97
N VAL A 79 -22.65 -28.26 23.16
CA VAL A 79 -23.60 -28.42 22.06
C VAL A 79 -24.17 -27.08 21.66
N LYS A 80 -24.35 -26.16 22.61
CA LYS A 80 -24.78 -24.80 22.29
C LYS A 80 -23.78 -24.10 21.38
N ILE A 81 -22.49 -24.17 21.74
CA ILE A 81 -21.48 -23.55 20.90
C ILE A 81 -21.50 -24.16 19.50
N LEU A 82 -21.64 -25.49 19.43
CA LEU A 82 -21.66 -26.16 18.13
C LEU A 82 -22.82 -25.68 17.27
N VAL A 83 -24.03 -25.62 17.85
CA VAL A 83 -25.20 -25.31 17.04
C VAL A 83 -25.19 -23.84 16.63
N VAL A 84 -24.78 -22.93 17.52
CA VAL A 84 -24.73 -21.52 17.14
C VAL A 84 -23.67 -21.30 16.05
N THR A 85 -22.56 -22.04 16.11
CA THR A 85 -21.55 -21.90 15.06
C THR A 85 -22.07 -22.39 13.72
N VAL A 86 -22.74 -23.55 13.70
CA VAL A 86 -23.28 -24.06 12.44
C VAL A 86 -24.33 -23.11 11.88
N GLN A 87 -25.21 -22.59 12.74
CA GLN A 87 -26.25 -21.67 12.29
C GLN A 87 -25.65 -20.41 11.70
N LEU A 88 -24.62 -19.86 12.36
CA LEU A 88 -23.96 -18.67 11.84
C LEU A 88 -23.32 -18.95 10.50
N ILE A 89 -22.70 -20.11 10.34
CA ILE A 89 -22.04 -20.44 9.07
C ILE A 89 -23.06 -20.52 7.94
N LEU A 90 -24.19 -21.20 8.19
CA LEU A 90 -25.22 -21.34 7.16
C LEU A 90 -25.79 -19.98 6.78
N PHE A 91 -26.13 -19.16 7.78
CA PHE A 91 -26.68 -17.84 7.50
C PHE A 91 -25.69 -16.97 6.74
N GLY A 92 -24.41 -17.06 7.11
CA GLY A 92 -23.41 -16.29 6.40
C GLY A 92 -23.27 -16.70 4.94
N LEU A 93 -23.30 -18.00 4.67
CA LEU A 93 -23.22 -18.46 3.29
C LEU A 93 -24.39 -17.93 2.46
N SER A 94 -25.61 -18.06 3.00
CA SER A 94 -26.78 -17.57 2.26
C SER A 94 -26.70 -16.07 2.03
N ASN A 95 -26.31 -15.32 3.06
CA ASN A 95 -26.26 -13.86 2.96
C ASN A 95 -25.18 -13.43 1.97
N GLN A 96 -24.04 -14.12 1.95
CA GLN A 96 -23.01 -13.83 0.95
C GLN A 96 -23.53 -14.04 -0.46
N LEU A 97 -24.26 -15.13 -0.69
CA LEU A 97 -24.83 -15.35 -2.02
C LEU A 97 -25.75 -14.20 -2.42
N ALA A 98 -26.65 -13.80 -1.52
CA ALA A 98 -27.59 -12.73 -1.84
C ALA A 98 -26.87 -11.41 -2.08
N VAL A 99 -25.83 -11.12 -1.30
CA VAL A 99 -25.10 -9.86 -1.43
C VAL A 99 -24.31 -9.84 -2.73
N THR A 100 -23.73 -10.98 -3.12
CA THR A 100 -23.05 -11.05 -4.41
C THR A 100 -24.02 -10.77 -5.55
N PHE A 101 -25.22 -11.36 -5.48
CA PHE A 101 -26.20 -11.10 -6.53
C PHE A 101 -26.55 -9.62 -6.60
N ARG A 102 -26.81 -8.99 -5.46
CA ARG A 102 -27.15 -7.56 -5.43
C ARG A 102 -26.02 -6.71 -6.00
N GLU A 103 -24.79 -7.00 -5.59
CA GLU A 103 -23.65 -6.19 -6.02
C GLU A 103 -23.43 -6.31 -7.53
N GLU A 104 -23.51 -7.53 -8.06
CA GLU A 104 -23.33 -7.69 -9.51
C GLU A 104 -24.44 -6.99 -10.28
N ASN A 105 -25.69 -7.05 -9.78
CA ASN A 105 -26.76 -6.32 -10.44
C ASN A 105 -26.51 -4.82 -10.43
N THR A 106 -26.02 -4.29 -9.31
CA THR A 106 -25.74 -2.85 -9.24
C THR A 106 -24.61 -2.45 -10.19
N ILE A 107 -23.57 -3.27 -10.28
CA ILE A 107 -22.47 -2.97 -11.19
C ILE A 107 -22.96 -2.98 -12.64
N ALA A 108 -23.76 -3.98 -12.99
CA ALA A 108 -24.35 -4.01 -14.34
C ALA A 108 -25.21 -2.78 -14.60
N PHE A 109 -25.95 -2.33 -13.59
CA PHE A 109 -26.77 -1.13 -13.76
C PHE A 109 -25.92 0.10 -14.02
N ARG A 110 -24.82 0.25 -13.28
CA ARG A 110 -23.94 1.39 -13.53
C ARG A 110 -23.37 1.34 -14.95
N HIS A 111 -22.89 0.17 -15.37
CA HIS A 111 -22.33 0.07 -16.71
C HIS A 111 -23.38 0.31 -17.79
N LEU A 112 -24.64 -0.05 -17.52
CA LEU A 112 -25.68 0.16 -18.52
C LEU A 112 -26.13 1.62 -18.59
N PHE A 113 -26.22 2.31 -17.45
CA PHE A 113 -26.90 3.59 -17.40
C PHE A 113 -26.00 4.80 -17.25
N LEU A 114 -24.74 4.64 -16.85
CA LEU A 114 -23.83 5.76 -16.71
C LEU A 114 -22.98 5.90 -17.96
N LEU A 115 -23.09 7.04 -18.62
CA LEU A 115 -22.38 7.27 -19.87
C LEU A 115 -20.88 7.43 -19.63
N GLY A 116 -20.08 6.66 -20.35
CA GLY A 116 -18.64 6.73 -20.21
C GLY A 116 -18.15 6.30 -18.84
N TYR A 117 -18.78 5.30 -18.25
CA TYR A 117 -18.41 4.83 -16.91
C TYR A 117 -17.39 3.70 -17.03
N SER A 118 -16.39 3.73 -16.15
CA SER A 118 -15.37 2.70 -16.08
C SER A 118 -15.23 2.22 -14.64
N ASP A 119 -14.80 0.97 -14.49
CA ASP A 119 -14.62 0.41 -13.15
C ASP A 119 -13.53 1.16 -12.41
N GLY A 120 -13.80 1.47 -11.14
CA GLY A 120 -12.87 2.21 -10.30
C GLY A 120 -13.13 3.70 -10.25
N ALA A 121 -13.88 4.25 -11.21
CA ALA A 121 -14.20 5.68 -11.24
C ALA A 121 -15.60 5.86 -10.66
N ASP A 122 -15.68 5.75 -9.33
CA ASP A 122 -16.93 5.90 -8.60
C ASP A 122 -17.04 7.21 -7.86
N ASP A 123 -15.98 7.63 -7.17
CA ASP A 123 -15.99 8.89 -6.44
C ASP A 123 -15.61 10.08 -7.30
N THR A 124 -14.82 9.87 -8.35
CA THR A 124 -14.40 10.95 -9.25
C THR A 124 -15.31 11.08 -10.47
N PHE A 125 -16.33 10.25 -10.60
CA PHE A 125 -17.22 10.31 -11.75
C PHE A 125 -18.15 11.52 -11.61
N ALA A 126 -18.00 12.48 -12.51
CA ALA A 126 -18.76 13.72 -12.42
C ALA A 126 -18.86 14.35 -13.80
N ALA A 127 -19.79 15.29 -13.93
CA ALA A 127 -19.95 16.08 -15.13
C ALA A 127 -19.39 17.49 -14.91
N TYR A 128 -18.92 18.10 -16.00
CA TYR A 128 -18.29 19.41 -15.91
C TYR A 128 -18.84 20.42 -16.91
N THR A 129 -19.59 19.99 -17.91
CA THR A 129 -20.19 20.91 -18.88
C THR A 129 -21.67 20.64 -19.01
N ARG A 130 -22.39 21.66 -19.48
CA ARG A 130 -23.83 21.54 -19.69
C ARG A 130 -24.14 20.46 -20.71
N GLU A 131 -23.35 20.40 -21.79
CA GLU A 131 -23.52 19.36 -22.80
C GLU A 131 -23.27 17.99 -22.21
N GLN A 132 -22.26 17.86 -21.34
CA GLN A 132 -21.99 16.58 -20.68
C GLN A 132 -23.18 16.15 -19.83
N LEU A 133 -23.74 17.08 -19.06
CA LEU A 133 -24.88 16.74 -18.20
C LEU A 133 -26.09 16.32 -19.03
N TYR A 134 -26.38 17.07 -20.10
CA TYR A 134 -27.49 16.72 -20.98
C TYR A 134 -27.29 15.34 -21.58
N GLN A 135 -26.08 15.06 -22.07
CA GLN A 135 -25.80 13.75 -22.66
C GLN A 135 -25.94 12.63 -21.65
N ALA A 136 -25.46 12.85 -20.43
CA ALA A 136 -25.59 11.82 -19.40
C ALA A 136 -27.05 11.51 -19.09
N ILE A 137 -27.87 12.55 -18.91
CA ILE A 137 -29.27 12.34 -18.60
C ILE A 137 -29.99 11.63 -19.75
N PHE A 138 -29.76 12.11 -20.97
CA PHE A 138 -30.43 11.52 -22.13
C PHE A 138 -29.99 10.08 -22.35
N HIS A 139 -28.71 9.80 -22.15
CA HIS A 139 -28.21 8.43 -22.30
C HIS A 139 -28.84 7.52 -21.26
N ALA A 140 -28.98 7.99 -20.02
CA ALA A 140 -29.62 7.18 -18.99
C ALA A 140 -31.07 6.85 -19.39
N VAL A 141 -31.81 7.86 -19.84
CA VAL A 141 -33.21 7.61 -20.20
C VAL A 141 -33.31 6.68 -21.41
N ASP A 142 -32.47 6.89 -22.42
CA ASP A 142 -32.53 6.05 -23.61
C ASP A 142 -32.13 4.61 -23.30
N GLN A 143 -31.13 4.42 -22.44
CA GLN A 143 -30.77 3.06 -22.04
C GLN A 143 -31.87 2.40 -21.23
N TYR A 144 -32.60 3.19 -20.44
CA TYR A 144 -33.80 2.65 -19.79
C TYR A 144 -34.82 2.20 -20.82
N LEU A 145 -35.00 2.99 -21.89
CA LEU A 145 -36.00 2.64 -22.89
C LEU A 145 -35.59 1.43 -23.73
N ALA A 146 -34.28 1.22 -23.94
CA ALA A 146 -33.79 0.13 -24.76
C ALA A 146 -33.34 -1.07 -23.96
N LEU A 147 -33.67 -1.12 -22.67
CA LEU A 147 -33.18 -2.18 -21.80
C LEU A 147 -33.60 -3.58 -22.25
N PRO A 148 -34.86 -3.86 -22.58
CA PRO A 148 -35.21 -5.22 -23.00
C PRO A 148 -34.48 -5.68 -24.26
N ASP A 149 -34.00 -4.75 -25.08
CA ASP A 149 -33.27 -5.09 -26.29
C ASP A 149 -31.77 -5.24 -26.06
N VAL A 150 -31.19 -4.45 -25.15
CA VAL A 150 -29.73 -4.40 -25.05
C VAL A 150 -29.21 -5.18 -23.85
N SER A 151 -30.05 -5.38 -22.83
CA SER A 151 -29.57 -5.90 -21.57
C SER A 151 -29.40 -7.42 -21.61
N LEU A 152 -28.57 -7.92 -20.69
CA LEU A 152 -28.31 -9.35 -20.52
C LEU A 152 -29.00 -9.93 -19.29
N GLY A 153 -29.94 -9.21 -18.68
CA GLY A 153 -30.39 -9.60 -17.36
C GLY A 153 -31.87 -9.89 -17.17
N ARG A 154 -32.66 -9.83 -18.24
CA ARG A 154 -34.09 -10.18 -18.19
C ARG A 154 -34.81 -9.41 -17.07
N TYR A 155 -34.87 -8.10 -17.28
CA TYR A 155 -35.52 -7.20 -16.33
C TYR A 155 -36.91 -6.83 -16.82
N ALA A 156 -37.82 -6.61 -15.88
CA ALA A 156 -39.19 -6.24 -16.17
C ALA A 156 -39.50 -4.87 -15.59
N TYR A 157 -40.38 -4.14 -16.28
CA TYR A 157 -40.82 -2.83 -15.81
C TYR A 157 -41.88 -3.00 -14.72
N VAL A 158 -42.15 -1.90 -14.03
CA VAL A 158 -43.07 -1.93 -12.89
C VAL A 158 -44.32 -1.09 -13.11
N ARG A 159 -44.32 -0.13 -14.04
CA ARG A 159 -45.44 0.78 -14.26
C ARG A 159 -45.85 1.44 -12.95
N GLY A 160 -44.92 2.25 -12.44
CA GLY A 160 -44.99 2.80 -11.09
C GLY A 160 -46.32 3.39 -10.65
N GLY A 161 -46.60 3.26 -9.35
CA GLY A 161 -47.79 3.84 -8.76
C GLY A 161 -47.51 4.41 -7.39
N GLY A 162 -46.25 4.71 -7.10
CA GLY A 162 -45.84 5.24 -5.82
C GLY A 162 -45.85 6.75 -5.78
N ASP A 163 -44.95 7.31 -4.95
CA ASP A 163 -44.88 8.76 -4.79
C ASP A 163 -44.12 9.43 -5.94
N PRO A 164 -42.90 8.98 -6.29
CA PRO A 164 -42.22 9.64 -7.41
C PRO A 164 -42.93 9.48 -8.75
N TRP A 165 -43.59 8.34 -8.97
CA TRP A 165 -44.17 8.01 -10.26
C TRP A 165 -45.68 8.21 -10.23
N THR A 166 -46.22 8.86 -11.26
CA THR A 166 -47.66 8.97 -11.41
C THR A 166 -48.23 7.62 -11.82
N ASN A 167 -49.56 7.57 -11.89
CA ASN A 167 -50.27 6.31 -12.17
C ASN A 167 -50.06 5.93 -13.63
N GLY A 168 -49.07 5.09 -13.89
CA GLY A 168 -48.80 4.61 -15.23
C GLY A 168 -47.52 5.11 -15.84
N SER A 169 -46.50 5.33 -15.01
CA SER A 169 -45.20 5.78 -15.49
C SER A 169 -44.11 4.96 -14.81
N GLY A 170 -43.09 4.60 -15.59
CA GLY A 170 -42.01 3.78 -15.07
C GLY A 170 -40.81 4.56 -14.59
N LEU A 171 -40.47 5.65 -15.27
CA LEU A 171 -39.30 6.45 -14.96
C LEU A 171 -39.72 7.88 -14.64
N ALA A 172 -39.13 8.43 -13.59
CA ALA A 172 -39.41 9.81 -13.16
C ALA A 172 -38.12 10.61 -13.22
N LEU A 173 -38.10 11.62 -14.09
CA LEU A 173 -36.98 12.55 -14.19
C LEU A 173 -37.39 13.88 -13.55
N CYS A 174 -36.68 14.27 -12.50
CA CYS A 174 -37.11 15.38 -11.65
C CYS A 174 -35.95 16.34 -11.44
N GLN A 175 -36.18 17.62 -11.74
CA GLN A 175 -35.28 18.66 -11.26
C GLN A 175 -35.65 19.05 -9.82
N ARG A 176 -34.74 19.80 -9.21
CA ARG A 176 -34.98 20.37 -7.87
C ARG A 176 -34.18 21.65 -7.79
N TYR A 177 -34.88 22.79 -7.74
CA TYR A 177 -34.24 24.09 -7.82
C TYR A 177 -34.95 25.07 -6.89
N TYR A 178 -34.29 26.18 -6.62
CA TYR A 178 -34.84 27.21 -5.76
C TYR A 178 -36.04 27.89 -6.42
N HIS A 179 -36.98 28.34 -5.58
CA HIS A 179 -38.17 29.00 -6.12
C HIS A 179 -37.82 30.36 -6.71
N ARG A 180 -37.08 31.18 -5.97
CA ARG A 180 -36.59 32.46 -6.45
C ARG A 180 -35.07 32.46 -6.35
N GLY A 181 -34.40 32.40 -7.50
CA GLY A 181 -32.95 32.46 -7.51
C GLY A 181 -32.39 33.40 -8.56
N HIS A 182 -31.70 34.44 -8.12
CA HIS A 182 -31.04 35.39 -9.00
C HIS A 182 -29.63 35.61 -8.49
N VAL A 183 -28.63 35.04 -9.17
CA VAL A 183 -27.23 35.20 -8.81
C VAL A 183 -26.56 36.03 -9.90
N ASP A 184 -26.05 37.20 -9.51
CA ASP A 184 -25.36 38.09 -10.44
C ASP A 184 -24.03 38.40 -9.75
N PRO A 185 -23.03 37.52 -9.93
CA PRO A 185 -21.72 37.74 -9.31
C PRO A 185 -21.00 39.00 -9.78
N ALA A 186 -21.36 39.52 -10.95
CA ALA A 186 -20.65 40.64 -11.56
C ALA A 186 -21.07 41.99 -10.98
N ASN A 187 -22.23 42.07 -10.36
CA ASN A 187 -22.62 43.25 -9.59
C ASN A 187 -22.48 43.01 -8.09
N ASP A 188 -22.00 41.82 -7.70
CA ASP A 188 -21.90 41.40 -6.32
C ASP A 188 -23.23 41.53 -5.58
N THR A 189 -24.32 41.22 -6.29
CA THR A 189 -25.66 41.24 -5.74
C THR A 189 -26.37 39.94 -6.08
N PHE A 190 -27.36 39.61 -5.26
CA PHE A 190 -28.17 38.41 -5.45
C PHE A 190 -29.37 38.49 -4.51
N ASP A 191 -30.43 37.79 -4.89
CA ASP A 191 -31.57 37.56 -4.00
C ASP A 191 -32.05 36.12 -4.20
N ILE A 192 -32.16 35.38 -3.10
CA ILE A 192 -32.48 33.96 -3.14
C ILE A 192 -33.55 33.67 -2.10
N ASP A 193 -34.56 32.88 -2.49
CA ASP A 193 -35.56 32.36 -1.57
C ASP A 193 -35.30 30.87 -1.42
N PRO A 194 -34.68 30.42 -0.34
CA PRO A 194 -34.36 28.98 -0.21
C PRO A 194 -35.62 28.15 -0.02
N MET A 195 -36.07 27.52 -1.11
CA MET A 195 -37.22 26.62 -1.08
C MET A 195 -37.20 25.77 -2.34
N VAL A 196 -37.19 24.46 -2.19
CA VAL A 196 -36.93 23.55 -3.31
C VAL A 196 -38.22 23.35 -4.09
N VAL A 197 -38.22 23.79 -5.34
CA VAL A 197 -39.31 23.54 -6.28
C VAL A 197 -38.94 22.33 -7.13
N THR A 198 -39.87 21.38 -7.27
CA THR A 198 -39.63 20.14 -7.97
C THR A 198 -40.59 20.02 -9.14
N ASP A 199 -40.04 19.89 -10.35
CA ASP A 199 -40.81 19.63 -11.55
C ASP A 199 -40.32 18.31 -12.15
N CYS A 200 -41.25 17.39 -12.37
CA CYS A 200 -40.93 16.04 -12.83
C CYS A 200 -41.53 15.76 -14.19
N ILE A 201 -40.77 15.01 -15.00
CA ILE A 201 -41.24 14.49 -16.28
C ILE A 201 -41.41 12.98 -16.13
N GLN A 202 -42.57 12.48 -16.54
CA GLN A 202 -42.91 11.07 -16.40
C GLN A 202 -42.73 10.36 -17.74
N VAL A 203 -42.01 9.25 -17.72
CA VAL A 203 -41.74 8.45 -18.92
C VAL A 203 -42.35 7.07 -18.71
N ASP A 204 -43.15 6.62 -19.67
CA ASP A 204 -43.73 5.30 -19.61
C ASP A 204 -43.07 4.40 -20.65
N PRO A 205 -42.70 3.17 -20.28
CA PRO A 205 -41.97 2.31 -21.21
C PRO A 205 -42.90 1.66 -22.21
N PRO A 206 -42.52 1.61 -23.48
CA PRO A 206 -43.29 0.85 -24.46
C PRO A 206 -43.31 -0.64 -24.10
N GLU A 207 -44.40 -1.29 -24.45
CA GLU A 207 -44.61 -2.70 -24.12
C GLU A 207 -44.06 -3.65 -25.18
N ARG A 208 -43.44 -3.12 -26.24
CA ARG A 208 -42.90 -3.94 -27.32
C ARG A 208 -43.99 -4.79 -27.97
N SER A 224 -41.97 11.32 -24.01
CA SER A 224 -41.82 11.85 -25.35
C SER A 224 -41.17 13.23 -25.32
N SER A 225 -41.46 14.00 -24.28
CA SER A 225 -40.96 15.36 -24.14
C SER A 225 -39.80 15.45 -23.16
N TYR A 226 -39.18 14.33 -22.81
CA TYR A 226 -38.02 14.38 -21.92
C TYR A 226 -36.79 14.96 -22.62
N LYS A 227 -36.77 14.95 -23.95
CA LYS A 227 -35.67 15.56 -24.70
C LYS A 227 -35.76 17.08 -24.71
N ASN A 228 -36.87 17.66 -24.27
CA ASN A 228 -37.05 19.10 -24.20
C ASN A 228 -36.73 19.65 -22.83
N LEU A 229 -36.06 18.87 -21.99
CA LEU A 229 -35.80 19.27 -20.61
C LEU A 229 -34.83 20.44 -20.56
N THR A 230 -35.15 21.43 -19.73
CA THR A 230 -34.27 22.58 -19.46
C THR A 230 -33.92 22.57 -17.99
N LEU A 231 -32.62 22.67 -17.69
CA LEU A 231 -32.14 22.35 -16.35
C LEU A 231 -32.14 23.53 -15.38
N LYS A 232 -32.13 24.77 -15.88
CA LYS A 232 -32.09 25.95 -15.00
C LYS A 232 -30.86 25.89 -14.09
N PHE A 233 -29.70 25.95 -14.75
CA PHE A 233 -28.44 25.59 -14.10
C PHE A 233 -28.12 26.51 -12.92
N HIS A 234 -28.43 27.81 -13.04
CA HIS A 234 -28.09 28.75 -11.97
C HIS A 234 -28.84 28.43 -10.68
N LYS A 235 -30.12 28.06 -10.79
CA LYS A 235 -30.91 27.70 -9.62
C LYS A 235 -30.86 26.22 -9.28
N LEU A 236 -30.19 25.40 -10.08
CA LEU A 236 -30.24 23.95 -9.92
C LEU A 236 -29.62 23.51 -8.61
N VAL A 237 -30.27 22.55 -7.95
CA VAL A 237 -29.75 21.91 -6.74
C VAL A 237 -29.33 20.46 -7.02
N ASN A 238 -30.23 19.68 -7.61
CA ASN A 238 -29.90 18.32 -8.02
C ASN A 238 -30.88 17.85 -9.08
N VAL A 239 -30.47 16.82 -9.81
CA VAL A 239 -31.31 16.13 -10.78
C VAL A 239 -31.28 14.64 -10.45
N THR A 240 -32.45 14.01 -10.40
CA THR A 240 -32.54 12.60 -10.04
C THR A 240 -33.41 11.85 -11.04
N ILE A 241 -33.07 10.60 -11.25
CA ILE A 241 -33.82 9.68 -12.11
C ILE A 241 -34.24 8.49 -11.26
N HIS A 242 -35.54 8.20 -11.25
CA HIS A 242 -36.10 7.13 -10.43
C HIS A 242 -36.80 6.11 -11.33
N PHE A 243 -36.45 4.85 -11.17
CA PHE A 243 -37.17 3.76 -11.81
C PHE A 243 -36.88 2.47 -11.05
N ARG A 244 -37.72 1.47 -11.30
CA ARG A 244 -37.60 0.19 -10.61
C ARG A 244 -37.55 -0.94 -11.64
N LEU A 245 -36.89 -2.03 -11.25
CA LEU A 245 -36.69 -3.18 -12.13
C LEU A 245 -36.96 -4.46 -11.36
N LYS A 246 -37.69 -5.39 -11.97
CA LYS A 246 -38.02 -6.67 -11.37
C LYS A 246 -37.23 -7.77 -12.07
N THR A 247 -36.58 -8.63 -11.28
CA THR A 247 -35.80 -9.73 -11.82
C THR A 247 -36.02 -10.96 -10.93
N ILE A 248 -35.60 -12.12 -11.44
CA ILE A 248 -35.70 -13.38 -10.74
C ILE A 248 -34.28 -13.87 -10.44
N ASN A 249 -34.01 -14.15 -9.17
CA ASN A 249 -32.69 -14.63 -8.75
C ASN A 249 -32.59 -16.12 -9.09
N LEU A 250 -31.78 -16.44 -10.09
CA LEU A 250 -31.59 -17.81 -10.51
C LEU A 250 -30.36 -18.47 -9.91
N GLN A 251 -29.58 -17.74 -9.11
CA GLN A 251 -28.46 -18.35 -8.41
C GLN A 251 -28.93 -19.36 -7.36
N SER A 252 -30.12 -19.14 -6.79
CA SER A 252 -30.64 -20.01 -5.75
C SER A 252 -30.98 -21.41 -6.26
N LEU A 253 -30.99 -21.63 -7.57
CA LEU A 253 -31.04 -23.01 -8.07
C LEU A 253 -29.88 -23.83 -7.52
N ILE A 254 -28.72 -23.21 -7.34
CA ILE A 254 -27.65 -23.79 -6.55
C ILE A 254 -27.98 -23.57 -5.08
N ASN A 255 -27.62 -24.54 -4.24
CA ASN A 255 -27.97 -24.66 -2.82
C ASN A 255 -29.41 -25.13 -2.67
N ASN A 256 -30.07 -25.50 -3.77
CA ASN A 256 -31.41 -26.10 -3.73
C ASN A 256 -32.43 -25.20 -3.07
N GLU A 257 -32.34 -23.90 -3.36
CA GLU A 257 -33.33 -22.94 -2.88
C GLU A 257 -34.30 -22.57 -4.00
N ILE A 258 -35.49 -22.14 -3.59
CA ILE A 258 -36.50 -21.69 -4.56
C ILE A 258 -36.14 -20.28 -5.01
N PRO A 259 -36.13 -20.00 -6.31
CA PRO A 259 -35.76 -18.67 -6.79
C PRO A 259 -36.60 -17.56 -6.18
N ASP A 260 -35.95 -16.43 -5.92
CA ASP A 260 -36.54 -15.28 -5.26
C ASP A 260 -36.88 -14.22 -6.29
N CYS A 261 -37.92 -13.43 -5.99
CA CYS A 261 -38.34 -12.32 -6.84
C CYS A 261 -37.75 -11.04 -6.29
N TYR A 262 -36.80 -10.45 -7.03
CA TYR A 262 -36.15 -9.21 -6.63
C TYR A 262 -36.79 -8.02 -7.34
N THR A 263 -36.87 -6.90 -6.62
CA THR A 263 -37.27 -5.60 -7.18
C THR A 263 -36.22 -4.59 -6.80
N PHE A 264 -35.48 -4.10 -7.79
CA PHE A 264 -34.42 -3.12 -7.57
C PHE A 264 -34.95 -1.72 -7.81
N SER A 265 -34.86 -0.86 -6.80
CA SER A 265 -35.15 0.56 -6.95
C SER A 265 -33.85 1.28 -7.26
N VAL A 266 -33.79 1.94 -8.41
CA VAL A 266 -32.56 2.54 -8.92
C VAL A 266 -32.70 4.06 -8.85
N LEU A 267 -31.72 4.71 -8.24
CA LEU A 267 -31.66 6.16 -8.14
C LEU A 267 -30.36 6.66 -8.74
N ILE A 268 -30.45 7.49 -9.76
CA ILE A 268 -29.30 8.16 -10.35
C ILE A 268 -29.37 9.63 -9.98
N THR A 269 -28.36 10.10 -9.25
CA THR A 269 -28.35 11.46 -8.72
C THR A 269 -27.28 12.29 -9.42
N PHE A 270 -27.67 13.46 -9.91
CA PHE A 270 -26.74 14.48 -10.40
C PHE A 270 -26.80 15.62 -9.40
N ASP A 271 -25.81 15.68 -8.52
CA ASP A 271 -25.86 16.55 -7.35
C ASP A 271 -25.08 17.83 -7.60
N ASN A 272 -25.77 18.97 -7.48
CA ASN A 272 -25.17 20.29 -7.63
C ASN A 272 -25.36 21.11 -6.36
N LYS A 273 -25.27 20.47 -5.20
CA LYS A 273 -25.49 21.17 -3.94
C LYS A 273 -24.34 22.08 -3.56
N ALA A 274 -23.15 21.88 -4.13
CA ALA A 274 -21.99 22.70 -3.82
C ALA A 274 -21.86 23.92 -4.73
N HIS A 275 -22.56 23.92 -5.87
CA HIS A 275 -22.50 25.02 -6.86
C HIS A 275 -21.06 25.40 -7.16
N SER A 276 -20.21 24.39 -7.39
CA SER A 276 -18.80 24.60 -7.62
C SER A 276 -18.38 24.34 -9.06
N GLY A 277 -19.33 24.08 -9.95
CA GLY A 277 -19.02 23.76 -11.33
C GLY A 277 -18.77 22.29 -11.60
N ARG A 278 -18.69 21.47 -10.55
CA ARG A 278 -18.46 20.03 -10.67
C ARG A 278 -19.65 19.30 -10.10
N ILE A 279 -20.34 18.53 -10.93
CA ILE A 279 -21.55 17.83 -10.52
C ILE A 279 -21.31 16.33 -10.46
N PRO A 280 -21.15 15.75 -9.27
CA PRO A 280 -20.95 14.30 -9.18
C PRO A 280 -22.16 13.53 -9.66
N ILE A 281 -21.91 12.36 -10.24
CA ILE A 281 -22.96 11.46 -10.72
C ILE A 281 -22.78 10.12 -10.05
N SER A 282 -23.83 9.65 -9.37
CA SER A 282 -23.79 8.39 -8.65
C SER A 282 -25.07 7.60 -8.93
N LEU A 283 -24.96 6.28 -8.85
CA LEU A 283 -26.09 5.37 -9.01
C LEU A 283 -26.17 4.48 -7.78
N GLU A 284 -27.32 4.51 -7.10
CA GLU A 284 -27.57 3.68 -5.93
C GLU A 284 -28.81 2.83 -6.15
N THR A 285 -28.78 1.62 -5.58
CA THR A 285 -29.88 0.67 -5.70
C THR A 285 -30.35 0.22 -4.33
N GLN A 286 -31.64 -0.08 -4.23
CA GLN A 286 -32.23 -0.67 -3.04
C GLN A 286 -33.09 -1.85 -3.47
N ALA A 287 -32.76 -3.04 -2.98
CA ALA A 287 -33.43 -4.27 -3.39
C ALA A 287 -34.52 -4.64 -2.40
N HIS A 288 -35.71 -4.95 -2.91
CA HIS A 288 -36.83 -5.45 -2.13
C HIS A 288 -37.10 -6.89 -2.53
N ILE A 289 -36.77 -7.82 -1.64
CA ILE A 289 -36.93 -9.25 -1.94
C ILE A 289 -38.33 -9.69 -1.54
N GLN A 290 -39.01 -10.39 -2.44
CA GLN A 290 -40.31 -10.96 -2.17
C GLN A 290 -40.36 -12.37 -2.73
N GLU A 291 -41.42 -13.09 -2.41
CA GLU A 291 -41.63 -14.43 -2.94
C GLU A 291 -42.29 -14.35 -4.32
N CYS A 292 -42.14 -15.43 -5.08
CA CYS A 292 -42.67 -15.52 -6.43
C CYS A 292 -43.98 -16.28 -6.43
N LYS A 293 -44.95 -15.77 -7.20
CA LYS A 293 -46.33 -16.26 -7.11
C LYS A 293 -46.44 -17.73 -7.49
N HIS A 294 -45.79 -18.13 -8.58
CA HIS A 294 -45.85 -19.51 -9.08
C HIS A 294 -44.43 -20.03 -9.24
N PRO A 295 -43.76 -20.39 -8.15
CA PRO A 295 -42.39 -20.93 -8.21
C PRO A 295 -42.34 -22.45 -8.39
N SER A 296 -42.61 -22.90 -9.61
CA SER A 296 -42.58 -24.33 -9.94
C SER A 296 -41.21 -24.69 -10.48
N VAL A 297 -40.46 -25.49 -9.73
CA VAL A 297 -39.12 -25.92 -10.13
C VAL A 297 -39.08 -27.45 -10.05
N PHE A 298 -39.44 -28.11 -11.15
CA PHE A 298 -39.26 -29.54 -11.37
C PHE A 298 -39.50 -30.39 -10.13
N GLN A 299 -38.43 -30.93 -9.55
CA GLN A 299 -38.48 -31.74 -8.33
C GLN A 299 -37.84 -30.93 -7.21
N HIS A 300 -38.64 -30.11 -6.55
CA HIS A 300 -38.15 -29.29 -5.44
C HIS A 300 -39.34 -28.76 -4.64
N SER A 304 -37.13 -27.63 5.13
CA SER A 304 -37.57 -27.48 6.50
C SER A 304 -36.42 -27.77 7.48
N PHE A 305 -35.31 -28.26 6.93
CA PHE A 305 -34.14 -28.54 7.76
C PHE A 305 -33.64 -27.28 8.45
N ARG A 306 -33.59 -26.17 7.71
CA ARG A 306 -33.11 -24.91 8.27
C ARG A 306 -34.02 -24.43 9.41
N LEU A 307 -35.34 -24.50 9.19
CA LEU A 307 -36.28 -24.06 10.22
C LEU A 307 -36.20 -24.95 11.46
N LEU A 308 -36.09 -26.26 11.26
CA LEU A 308 -35.99 -27.17 12.41
C LEU A 308 -34.68 -26.96 13.17
N PHE A 309 -33.59 -26.68 12.44
CA PHE A 309 -32.32 -26.40 13.10
C PHE A 309 -32.39 -25.11 13.91
N ASP A 310 -33.08 -24.09 13.36
CA ASP A 310 -33.28 -22.86 14.13
C ASP A 310 -34.09 -23.13 15.38
N VAL A 311 -35.12 -23.97 15.28
CA VAL A 311 -35.93 -24.32 16.45
C VAL A 311 -35.06 -25.03 17.48
N VAL A 312 -34.19 -25.92 17.03
CA VAL A 312 -33.30 -26.64 17.95
C VAL A 312 -32.37 -25.68 18.67
N VAL A 313 -31.81 -24.71 17.93
CA VAL A 313 -30.95 -23.70 18.55
C VAL A 313 -31.72 -22.92 19.60
N ILE A 314 -32.97 -22.54 19.30
CA ILE A 314 -33.79 -21.82 20.26
C ILE A 314 -34.00 -22.65 21.52
N LEU A 315 -34.30 -23.95 21.35
CA LEU A 315 -34.53 -24.81 22.50
C LEU A 315 -33.28 -24.93 23.38
N THR A 316 -32.12 -25.16 22.76
CA THR A 316 -30.90 -25.30 23.54
C THR A 316 -30.54 -23.99 24.25
N CYS A 317 -30.74 -22.85 23.60
CA CYS A 317 -30.44 -21.59 24.26
C CYS A 317 -31.45 -21.25 25.35
N SER A 318 -32.68 -21.72 25.24
CA SER A 318 -33.64 -21.50 26.33
C SER A 318 -33.32 -22.38 27.53
N LEU A 319 -32.90 -23.62 27.29
CA LEU A 319 -32.43 -24.46 28.40
C LEU A 319 -31.22 -23.85 29.09
N SER A 320 -30.25 -23.34 28.31
CA SER A 320 -29.09 -22.71 28.91
C SER A 320 -29.48 -21.48 29.72
N PHE A 321 -30.40 -20.67 29.19
CA PHE A 321 -30.88 -19.51 29.93
C PHE A 321 -31.53 -19.93 31.24
N LEU A 322 -32.36 -20.97 31.20
CA LEU A 322 -33.04 -21.43 32.41
C LEU A 322 -32.04 -21.88 33.48
N LEU A 323 -31.07 -22.70 33.09
CA LEU A 323 -30.10 -23.18 34.07
C LEU A 323 -29.25 -22.03 34.63
N CYS A 324 -28.83 -21.09 33.77
CA CYS A 324 -28.05 -19.96 34.27
C CYS A 324 -28.85 -19.10 35.22
N ALA A 325 -30.14 -18.89 34.93
CA ALA A 325 -30.99 -18.12 35.83
C ALA A 325 -31.15 -18.82 37.17
N ARG A 326 -31.35 -20.14 37.15
CA ARG A 326 -31.43 -20.88 38.42
C ARG A 326 -30.14 -20.76 39.22
N SER A 327 -29.00 -20.85 38.54
CA SER A 327 -27.71 -20.73 39.23
C SER A 327 -27.55 -19.34 39.84
N LEU A 328 -27.97 -18.30 39.12
CA LEU A 328 -27.93 -16.95 39.69
C LEU A 328 -28.85 -16.82 40.90
N LEU A 329 -30.01 -17.47 40.87
CA LEU A 329 -30.90 -17.44 42.02
C LEU A 329 -30.26 -18.09 43.23
N ARG A 330 -29.61 -19.24 43.02
CA ARG A 330 -28.90 -19.90 44.12
C ARG A 330 -27.78 -19.01 44.65
N GLY A 331 -27.05 -18.36 43.74
CA GLY A 331 -25.98 -17.45 44.16
C GLY A 331 -26.49 -16.32 45.03
N PHE A 332 -27.61 -15.70 44.62
CA PHE A 332 -28.17 -14.62 45.42
C PHE A 332 -28.67 -15.12 46.77
N LEU A 333 -29.29 -16.30 46.80
CA LEU A 333 -29.72 -16.88 48.07
C LEU A 333 -28.55 -17.06 49.02
N LEU A 334 -27.45 -17.62 48.51
CA LEU A 334 -26.27 -17.80 49.34
C LEU A 334 -25.65 -16.46 49.73
N GLN A 335 -25.75 -15.45 48.86
CA GLN A 335 -25.26 -14.12 49.23
C GLN A 335 -26.03 -13.54 50.40
N ASN A 336 -27.36 -13.68 50.40
CA ASN A 336 -28.13 -13.23 51.56
C ASN A 336 -27.82 -14.05 52.81
N GLU A 337 -27.63 -15.37 52.64
CA GLU A 337 -27.34 -16.21 53.80
C GLU A 337 -25.98 -15.87 54.42
N PHE A 338 -24.97 -15.57 53.60
CA PHE A 338 -23.67 -15.19 54.13
C PHE A 338 -23.65 -13.75 54.64
N VAL A 339 -24.44 -12.86 54.04
CA VAL A 339 -24.56 -11.50 54.55
C VAL A 339 -25.19 -11.53 55.93
N GLY A 340 -26.09 -12.47 56.18
CA GLY A 340 -26.68 -12.60 57.51
C GLY A 340 -25.74 -13.14 58.57
N PHE A 341 -24.43 -13.11 58.30
CA PHE A 341 -23.44 -13.54 59.28
C PHE A 341 -22.35 -12.50 59.49
N MET A 342 -22.08 -11.66 58.48
CA MET A 342 -21.11 -10.59 58.66
C MET A 342 -21.52 -9.68 59.81
N TRP A 343 -22.83 -9.46 59.97
CA TRP A 343 -23.41 -8.95 61.20
C TRP A 343 -22.93 -7.53 61.52
N GLU A 354 -14.99 -5.03 46.23
CA GLU A 354 -15.39 -6.18 45.42
C GLU A 354 -15.93 -7.30 46.29
N ARG A 355 -15.93 -7.09 47.61
CA ARG A 355 -16.45 -8.10 48.52
C ARG A 355 -17.96 -8.25 48.41
N LEU A 356 -18.65 -7.19 48.02
CA LEU A 356 -20.11 -7.24 47.95
C LEU A 356 -20.60 -8.23 46.90
N GLU A 357 -19.96 -8.25 45.74
CA GLU A 357 -20.41 -9.11 44.65
C GLU A 357 -19.92 -10.55 44.88
N PHE A 358 -20.83 -11.51 44.69
CA PHE A 358 -20.50 -12.93 44.76
C PHE A 358 -21.23 -13.67 43.64
N VAL A 359 -21.23 -13.08 42.43
CA VAL A 359 -21.94 -13.64 41.29
C VAL A 359 -20.91 -14.14 40.28
N ASN A 360 -21.30 -15.18 39.53
CA ASN A 360 -20.45 -15.77 38.51
C ASN A 360 -20.65 -15.02 37.20
N GLY A 361 -19.63 -14.30 36.76
CA GLY A 361 -19.74 -13.52 35.54
C GLY A 361 -19.90 -14.37 34.29
N TRP A 362 -19.39 -15.61 34.33
CA TRP A 362 -19.55 -16.50 33.18
C TRP A 362 -21.02 -16.78 32.91
N TYR A 363 -21.81 -16.96 33.97
CA TYR A 363 -23.24 -17.20 33.80
C TYR A 363 -23.95 -15.98 33.23
N ILE A 364 -23.51 -14.78 33.64
CA ILE A 364 -24.08 -13.55 33.08
C ILE A 364 -23.79 -13.47 31.58
N LEU A 365 -22.55 -13.77 31.20
CA LEU A 365 -22.19 -13.78 29.78
C LEU A 365 -23.01 -14.81 29.02
N LEU A 366 -23.20 -15.98 29.61
CA LEU A 366 -24.00 -17.02 28.98
C LEU A 366 -25.45 -16.58 28.79
N VAL A 367 -26.02 -15.91 29.80
CA VAL A 367 -27.39 -15.41 29.69
C VAL A 367 -27.49 -14.39 28.56
N THR A 368 -26.53 -13.47 28.48
CA THR A 368 -26.54 -12.48 27.41
C THR A 368 -26.45 -13.14 26.05
N SER A 369 -25.56 -14.13 25.92
CA SER A 369 -25.42 -14.84 24.64
C SER A 369 -26.70 -15.58 24.27
N ASP A 370 -27.35 -16.22 25.25
CA ASP A 370 -28.60 -16.92 24.98
C ASP A 370 -29.68 -15.96 24.49
N VAL A 371 -29.82 -14.81 25.15
CA VAL A 371 -30.84 -13.84 24.74
C VAL A 371 -30.55 -13.35 23.33
N LEU A 372 -29.28 -13.02 23.05
CA LEU A 372 -28.91 -12.55 21.72
C LEU A 372 -29.19 -13.62 20.67
N THR A 373 -28.88 -14.88 20.98
CA THR A 373 -29.10 -15.95 20.01
C THR A 373 -30.58 -16.17 19.73
N ILE A 374 -31.42 -16.14 20.78
CA ILE A 374 -32.86 -16.31 20.55
C ILE A 374 -33.41 -15.17 19.71
N SER A 375 -33.04 -13.93 20.03
CA SER A 375 -33.51 -12.79 19.24
C SER A 375 -33.05 -12.91 17.79
N GLY A 376 -31.77 -13.23 17.58
CA GLY A 376 -31.26 -13.39 16.24
C GLY A 376 -31.91 -14.53 15.47
N THR A 377 -32.24 -15.62 16.16
CA THR A 377 -32.86 -16.76 15.49
C THR A 377 -34.28 -16.43 15.06
N ILE A 378 -35.05 -15.77 15.93
CA ILE A 378 -36.39 -15.33 15.52
C ILE A 378 -36.29 -14.36 14.35
N MET A 379 -35.34 -13.44 14.40
CA MET A 379 -35.17 -12.48 13.31
C MET A 379 -34.77 -13.19 12.02
N LYS A 380 -33.95 -14.24 12.13
CA LYS A 380 -33.55 -15.01 10.97
C LYS A 380 -34.72 -15.78 10.38
N ILE A 381 -35.57 -16.35 11.23
CA ILE A 381 -36.76 -17.04 10.73
C ILE A 381 -37.64 -16.07 9.96
N GLY A 382 -37.82 -14.86 10.50
CA GLY A 382 -38.56 -13.84 9.77
C GLY A 382 -37.94 -13.47 8.43
N ILE A 383 -36.64 -13.19 8.45
CA ILE A 383 -35.93 -12.81 7.22
C ILE A 383 -36.06 -13.89 6.15
N GLU A 384 -35.92 -15.15 6.55
CA GLU A 384 -36.03 -16.24 5.58
C GLU A 384 -37.47 -16.44 5.13
N ALA A 385 -38.45 -16.13 5.99
CA ALA A 385 -39.85 -16.14 5.57
C ALA A 385 -40.19 -14.96 4.68
N LYS A 386 -39.29 -13.98 4.56
CA LYS A 386 -39.39 -12.86 3.62
C LYS A 386 -40.31 -11.76 4.13
N ASN A 387 -40.76 -11.85 5.37
CA ASN A 387 -41.56 -10.79 5.96
C ASN A 387 -40.72 -9.71 6.63
N LEU A 388 -39.40 -9.91 6.74
CA LEU A 388 -38.49 -8.91 7.28
C LEU A 388 -37.23 -8.90 6.45
N ALA A 389 -36.71 -7.71 6.14
CA ALA A 389 -35.42 -7.63 5.46
C ALA A 389 -34.31 -7.42 6.49
N SER A 390 -34.28 -6.24 7.11
CA SER A 390 -33.58 -5.95 8.37
C SER A 390 -32.32 -6.77 8.59
N TYR A 391 -31.44 -6.80 7.58
CA TYR A 391 -30.34 -7.77 7.60
C TYR A 391 -29.25 -7.43 8.61
N ASP A 392 -29.06 -6.14 8.91
CA ASP A 392 -27.94 -5.73 9.75
C ASP A 392 -28.14 -6.18 11.20
N VAL A 393 -29.34 -5.98 11.75
CA VAL A 393 -29.56 -6.23 13.17
C VAL A 393 -29.40 -7.71 13.48
N CYS A 394 -29.98 -8.57 12.64
CA CYS A 394 -29.89 -10.01 12.87
C CYS A 394 -28.45 -10.49 12.81
N SER A 395 -27.69 -10.02 11.81
CA SER A 395 -26.30 -10.42 11.68
C SER A 395 -25.48 -9.95 12.89
N ILE A 396 -25.73 -8.72 13.36
CA ILE A 396 -25.00 -8.20 14.51
C ILE A 396 -25.31 -9.04 15.75
N LEU A 397 -26.59 -9.35 15.96
CA LEU A 397 -26.96 -10.16 17.12
C LEU A 397 -26.31 -11.53 17.07
N LEU A 398 -26.39 -12.20 15.92
CA LEU A 398 -25.84 -13.54 15.80
C LEU A 398 -24.32 -13.54 15.97
N GLY A 399 -23.63 -12.56 15.38
CA GLY A 399 -22.19 -12.49 15.51
C GLY A 399 -21.74 -12.20 16.92
N THR A 400 -22.39 -11.26 17.59
CA THR A 400 -22.04 -10.97 18.98
C THR A 400 -22.29 -12.18 19.87
N SER A 401 -23.41 -12.88 19.64
CA SER A 401 -23.69 -14.09 20.44
C SER A 401 -22.64 -15.17 20.19
N THR A 402 -22.24 -15.37 18.94
CA THR A 402 -21.22 -16.37 18.64
C THR A 402 -19.89 -16.02 19.30
N LEU A 403 -19.51 -14.73 19.24
CA LEU A 403 -18.28 -14.32 19.92
C LEU A 403 -18.37 -14.57 21.43
N LEU A 404 -19.50 -14.23 22.03
CA LEU A 404 -19.65 -14.42 23.47
C LEU A 404 -19.58 -15.89 23.85
N VAL A 405 -20.22 -16.76 23.07
CA VAL A 405 -20.16 -18.19 23.42
C VAL A 405 -18.76 -18.75 23.19
N TRP A 406 -18.01 -18.20 22.23
CA TRP A 406 -16.63 -18.63 22.06
C TRP A 406 -15.71 -18.07 23.13
N VAL A 407 -16.14 -17.05 23.87
CA VAL A 407 -15.35 -16.59 25.02
C VAL A 407 -15.36 -17.64 26.14
N GLY A 408 -16.46 -18.39 26.29
CA GLY A 408 -16.61 -19.30 27.42
C GLY A 408 -15.63 -20.46 27.44
N VAL A 409 -14.98 -20.76 26.32
CA VAL A 409 -13.93 -21.76 26.34
C VAL A 409 -12.81 -21.32 27.27
N ILE A 410 -12.63 -20.01 27.44
CA ILE A 410 -11.73 -19.53 28.48
C ILE A 410 -12.20 -19.98 29.86
N ARG A 411 -13.51 -19.91 30.11
CA ARG A 411 -14.04 -20.41 31.38
C ARG A 411 -13.71 -21.89 31.56
N TYR A 412 -13.84 -22.68 30.50
CA TYR A 412 -13.45 -24.09 30.61
C TYR A 412 -11.96 -24.23 30.90
N LEU A 413 -11.12 -23.40 30.27
CA LEU A 413 -9.68 -23.49 30.49
C LEU A 413 -9.27 -23.05 31.90
N THR A 414 -10.06 -22.17 32.54
CA THR A 414 -9.72 -21.73 33.89
C THR A 414 -9.77 -22.88 34.89
N PHE A 415 -10.57 -23.92 34.59
CA PHE A 415 -10.67 -25.06 35.49
C PHE A 415 -9.31 -25.73 35.71
N PHE A 416 -8.40 -25.59 34.75
CA PHE A 416 -7.04 -26.09 34.89
C PHE A 416 -6.19 -25.12 35.71
N HIS A 417 -4.87 -25.31 35.73
CA HIS A 417 -4.00 -24.52 36.59
C HIS A 417 -3.08 -23.59 35.82
N ASN A 418 -2.37 -24.10 34.80
CA ASN A 418 -1.46 -23.26 34.04
C ASN A 418 -2.24 -22.26 33.18
N TYR A 419 -3.30 -22.72 32.52
CA TYR A 419 -4.19 -21.80 31.83
C TYR A 419 -4.77 -20.79 32.81
N ASN A 420 -5.10 -21.24 34.02
CA ASN A 420 -5.66 -20.34 35.01
C ASN A 420 -4.69 -19.23 35.39
N ILE A 421 -3.41 -19.56 35.57
CA ILE A 421 -2.45 -18.52 35.90
C ILE A 421 -2.20 -17.60 34.70
N LEU A 422 -2.23 -18.17 33.48
CA LEU A 422 -2.06 -17.33 32.30
C LEU A 422 -3.22 -16.35 32.12
N ILE A 423 -4.42 -16.72 32.55
CA ILE A 423 -5.55 -15.79 32.47
C ILE A 423 -5.58 -14.84 33.66
N ALA A 424 -5.11 -15.29 34.83
CA ALA A 424 -5.04 -14.42 35.99
C ALA A 424 -3.97 -13.35 35.85
N THR A 425 -2.94 -13.61 35.05
CA THR A 425 -1.96 -12.56 34.75
C THR A 425 -2.64 -11.39 34.05
N LEU A 426 -3.44 -11.68 33.02
CA LEU A 426 -4.18 -10.63 32.32
C LEU A 426 -5.19 -9.95 33.24
N ARG A 427 -5.87 -10.74 34.07
CA ARG A 427 -6.82 -10.15 35.02
C ARG A 427 -6.12 -9.16 35.94
N VAL A 428 -4.93 -9.51 36.42
CA VAL A 428 -4.17 -8.61 37.28
C VAL A 428 -3.72 -7.37 36.51
N ALA A 429 -3.29 -7.54 35.27
CA ALA A 429 -2.74 -6.43 34.50
C ALA A 429 -3.81 -5.44 34.01
N LEU A 430 -5.06 -5.87 33.90
CA LEU A 430 -6.11 -5.00 33.33
C LEU A 430 -6.28 -3.65 34.01
N PRO A 431 -6.40 -3.54 35.34
CA PRO A 431 -6.69 -2.22 35.94
C PRO A 431 -5.64 -1.15 35.62
N SER A 432 -4.36 -1.49 35.75
CA SER A 432 -3.31 -0.53 35.42
C SER A 432 -3.35 -0.18 33.95
N VAL A 433 -3.73 -1.15 33.11
CA VAL A 433 -3.85 -0.88 31.68
C VAL A 433 -4.94 0.16 31.42
N MET A 434 -6.07 0.07 32.13
CA MET A 434 -7.11 1.08 31.96
C MET A 434 -6.70 2.44 32.51
N ARG A 435 -5.98 2.44 33.64
CA ARG A 435 -5.56 3.71 34.24
C ARG A 435 -4.56 4.42 33.34
N PHE A 436 -3.64 3.69 32.72
CA PHE A 436 -2.74 4.29 31.74
C PHE A 436 -3.48 4.66 30.46
N CYS A 437 -4.53 3.91 30.11
CA CYS A 437 -5.32 4.23 28.93
C CYS A 437 -5.93 5.61 29.05
N CYS A 438 -6.46 5.96 30.23
CA CYS A 438 -7.01 7.30 30.42
C CYS A 438 -5.94 8.39 30.22
N CYS A 439 -4.78 8.20 30.85
CA CYS A 439 -3.71 9.21 30.78
C CYS A 439 -3.20 9.37 29.36
N ALA A 440 -3.13 8.29 28.59
CA ALA A 440 -2.70 8.40 27.20
C ALA A 440 -3.83 8.86 26.29
N GLY A 441 -5.08 8.64 26.68
CA GLY A 441 -6.22 9.01 25.87
C GLY A 441 -6.47 10.49 25.89
N VAL A 442 -6.18 11.16 27.00
CA VAL A 442 -6.30 12.61 27.00
C VAL A 442 -5.33 13.24 26.00
N ILE A 443 -4.08 12.78 26.01
CA ILE A 443 -3.10 13.26 25.02
C ILE A 443 -3.55 12.91 23.61
N TYR A 444 -4.05 11.69 23.43
CA TYR A 444 -4.48 11.23 22.11
C TYR A 444 -5.62 12.09 21.58
N LEU A 445 -6.58 12.45 22.45
CA LEU A 445 -7.68 13.33 22.05
C LEU A 445 -7.17 14.71 21.69
N GLY A 446 -6.24 15.25 22.48
CA GLY A 446 -5.68 16.56 22.16
C GLY A 446 -4.97 16.55 20.81
N TYR A 447 -4.20 15.49 20.53
CA TYR A 447 -3.54 15.37 19.24
C TYR A 447 -4.53 15.19 18.10
N CYS A 448 -5.63 14.47 18.35
CA CYS A 448 -6.66 14.33 17.32
C CYS A 448 -7.27 15.67 16.96
N PHE A 449 -7.62 16.46 17.98
CA PHE A 449 -8.20 17.77 17.73
C PHE A 449 -7.23 18.68 16.98
N CYS A 450 -5.97 18.71 17.42
CA CYS A 450 -4.98 19.56 16.77
C CYS A 450 -4.74 19.13 15.32
N GLY A 451 -4.60 17.82 15.09
CA GLY A 451 -4.38 17.34 13.74
C GLY A 451 -5.55 17.63 12.83
N TRP A 452 -6.78 17.43 13.31
CA TRP A 452 -7.95 17.78 12.51
C TRP A 452 -7.91 19.25 12.14
N ILE A 453 -7.81 20.13 13.14
CA ILE A 453 -7.94 21.57 12.89
C ILE A 453 -6.84 22.09 11.98
N VAL A 454 -5.64 21.49 12.04
CA VAL A 454 -4.56 22.03 11.21
C VAL A 454 -4.48 21.36 9.85
N LEU A 455 -4.57 20.04 9.78
CA LEU A 455 -4.31 19.30 8.55
C LEU A 455 -5.58 18.88 7.82
N GLY A 456 -6.75 19.37 8.23
CA GLY A 456 -7.93 19.17 7.44
C GLY A 456 -7.87 19.76 6.04
N PRO A 457 -7.46 21.03 5.91
CA PRO A 457 -7.42 21.66 4.58
C PRO A 457 -6.43 21.03 3.61
N TYR A 458 -5.41 20.31 4.10
CA TYR A 458 -4.31 19.90 3.23
C TYR A 458 -4.06 18.41 3.18
N HIS A 459 -4.67 17.60 4.05
CA HIS A 459 -4.36 16.18 4.10
C HIS A 459 -5.64 15.37 3.91
N VAL A 460 -5.57 14.36 3.05
CA VAL A 460 -6.74 13.55 2.74
C VAL A 460 -7.17 12.73 3.95
N LYS A 461 -6.21 12.27 4.75
CA LYS A 461 -6.50 11.41 5.89
C LYS A 461 -6.92 12.19 7.13
N PHE A 462 -7.02 13.52 7.06
CA PHE A 462 -7.33 14.34 8.22
C PHE A 462 -8.61 15.14 8.03
N ARG A 463 -9.53 14.69 7.17
CA ARG A 463 -10.71 15.48 6.85
C ARG A 463 -11.73 15.48 7.97
N SER A 464 -11.97 14.33 8.60
CA SER A 464 -12.95 14.21 9.67
C SER A 464 -12.27 13.73 10.94
N LEU A 465 -12.98 13.90 12.07
CA LEU A 465 -12.40 13.52 13.36
C LEU A 465 -12.22 12.02 13.48
N SER A 466 -13.19 11.23 12.98
CA SER A 466 -13.05 9.78 13.01
C SER A 466 -11.89 9.34 12.12
N MET A 467 -11.73 9.96 10.95
CA MET A 467 -10.60 9.66 10.09
C MET A 467 -9.28 10.01 10.76
N VAL A 468 -9.23 11.14 11.46
CA VAL A 468 -8.02 11.52 12.19
C VAL A 468 -7.70 10.49 13.26
N SER A 469 -8.73 10.03 13.98
CA SER A 469 -8.52 9.02 15.01
C SER A 469 -7.99 7.72 14.41
N GLU A 470 -8.56 7.29 13.29
CA GLU A 470 -8.07 6.07 12.64
C GLU A 470 -6.64 6.23 12.16
N CYS A 471 -6.31 7.40 11.58
CA CYS A 471 -4.96 7.65 11.12
C CYS A 471 -3.97 7.60 12.27
N LEU A 472 -4.30 8.25 13.39
CA LEU A 472 -3.40 8.25 14.54
C LEU A 472 -3.26 6.85 15.13
N PHE A 473 -4.36 6.11 15.18
CA PHE A 473 -4.31 4.74 15.72
C PHE A 473 -3.43 3.85 14.85
N SER A 474 -3.54 3.97 13.53
CA SER A 474 -2.68 3.19 12.65
C SER A 474 -1.23 3.64 12.73
N LEU A 475 -1.00 4.94 12.94
CA LEU A 475 0.36 5.44 13.13
C LEU A 475 0.99 4.86 14.39
N ILE A 476 0.20 4.75 15.46
CA ILE A 476 0.70 4.20 16.71
C ILE A 476 1.17 2.76 16.53
N ASN A 477 0.47 1.98 15.70
CA ASN A 477 0.78 0.57 15.51
C ASN A 477 1.73 0.32 14.35
N GLY A 478 2.25 1.37 13.73
CA GLY A 478 3.25 1.20 12.69
C GLY A 478 2.72 0.91 11.32
N ASP A 479 1.65 1.60 10.91
CA ASP A 479 1.06 1.38 9.59
C ASP A 479 0.74 2.71 8.94
N ASP A 480 1.01 2.79 7.63
CA ASP A 480 0.63 3.95 6.80
C ASP A 480 1.28 5.23 7.30
N MET A 481 2.60 5.17 7.53
CA MET A 481 3.36 6.32 7.99
C MET A 481 4.00 7.10 6.85
N PHE A 482 4.65 6.38 5.92
CA PHE A 482 5.27 7.06 4.79
C PHE A 482 4.23 7.70 3.88
N VAL A 483 3.04 7.12 3.77
CA VAL A 483 2.01 7.74 2.95
C VAL A 483 1.57 9.07 3.55
N THR A 484 1.43 9.14 4.87
CA THR A 484 1.13 10.40 5.54
C THR A 484 2.24 11.41 5.30
N PHE A 485 3.49 11.00 5.49
CA PHE A 485 4.61 11.91 5.30
C PHE A 485 4.69 12.41 3.87
N ALA A 486 4.44 11.53 2.89
CA ALA A 486 4.52 11.92 1.48
C ALA A 486 3.35 12.82 1.10
N ALA A 487 2.16 12.56 1.67
CA ALA A 487 1.03 13.45 1.43
C ALA A 487 1.32 14.84 1.94
N MET A 488 1.98 14.94 3.10
CA MET A 488 2.37 16.26 3.58
C MET A 488 3.48 16.86 2.72
N GLN A 489 4.40 16.02 2.25
CA GLN A 489 5.53 16.50 1.44
C GLN A 489 5.09 17.03 0.08
N ALA A 490 3.99 16.49 -0.45
CA ALA A 490 3.50 16.91 -1.76
C ALA A 490 3.04 18.36 -1.76
N GLN A 491 3.01 18.98 -0.59
CA GLN A 491 2.64 20.38 -0.42
C GLN A 491 3.69 21.13 0.40
N GLN A 492 4.97 20.79 0.19
CA GLN A 492 6.03 21.47 0.92
C GLN A 492 6.29 22.86 0.35
N GLY A 493 6.17 23.03 -0.96
CA GLY A 493 6.43 24.32 -1.57
C GLY A 493 5.43 25.38 -1.14
N ARG A 494 4.18 25.01 -0.96
CA ARG A 494 3.13 25.92 -0.50
C ARG A 494 2.90 25.71 0.99
N SER A 495 2.85 26.81 1.74
CA SER A 495 2.66 26.81 3.19
C SER A 495 3.76 25.98 3.87
N SER A 496 4.98 26.50 3.76
CA SER A 496 6.11 25.89 4.45
C SER A 496 5.90 25.90 5.97
N LEU A 497 5.17 26.89 6.48
CA LEU A 497 4.81 26.88 7.90
C LEU A 497 3.96 25.66 8.24
N VAL A 498 2.97 25.36 7.39
CA VAL A 498 2.13 24.19 7.61
C VAL A 498 2.96 22.91 7.49
N TRP A 499 3.89 22.87 6.53
CA TRP A 499 4.73 21.69 6.38
C TRP A 499 5.61 21.46 7.61
N LEU A 500 6.22 22.53 8.14
CA LEU A 500 7.03 22.40 9.34
C LEU A 500 6.20 21.98 10.54
N PHE A 501 5.00 22.56 10.67
CA PHE A 501 4.13 22.16 11.78
C PHE A 501 3.75 20.69 11.66
N SER A 502 3.46 20.24 10.43
CA SER A 502 3.10 18.84 10.24
C SER A 502 4.26 17.92 10.59
N GLN A 503 5.48 18.29 10.21
CA GLN A 503 6.65 17.52 10.58
C GLN A 503 6.77 17.40 12.10
N LEU A 504 6.71 18.54 12.79
CA LEU A 504 6.82 18.52 14.25
C LEU A 504 5.70 17.68 14.87
N TYR A 505 4.47 17.87 14.39
CA TYR A 505 3.31 17.15 14.92
C TYR A 505 3.48 15.65 14.77
N LEU A 506 3.79 15.20 13.56
CA LEU A 506 3.90 13.76 13.30
C LEU A 506 5.06 13.15 14.08
N TYR A 507 6.23 13.80 14.06
CA TYR A 507 7.37 13.24 14.77
C TYR A 507 7.12 13.17 16.27
N SER A 508 6.57 14.24 16.85
CA SER A 508 6.28 14.25 18.28
C SER A 508 5.28 13.16 18.64
N PHE A 509 4.19 13.06 17.88
CA PHE A 509 3.18 12.05 18.19
C PHE A 509 3.76 10.64 18.12
N ILE A 510 4.44 10.32 17.01
CA ILE A 510 4.94 8.96 16.84
C ILE A 510 5.97 8.62 17.91
N SER A 511 6.91 9.53 18.15
CA SER A 511 7.92 9.26 19.19
C SER A 511 7.26 9.07 20.55
N LEU A 512 6.43 10.02 20.97
CA LEU A 512 5.83 9.98 22.30
C LEU A 512 5.00 8.72 22.51
N PHE A 513 4.22 8.31 21.51
CA PHE A 513 3.35 7.15 21.72
C PHE A 513 4.08 5.83 21.52
N ILE A 514 4.72 5.65 20.35
CA ILE A 514 5.34 4.37 20.05
C ILE A 514 6.49 4.09 21.01
N TYR A 515 7.33 5.08 21.30
CA TYR A 515 8.53 4.83 22.08
C TYR A 515 8.29 4.85 23.59
N MET A 516 7.18 5.42 24.06
CA MET A 516 6.92 5.50 25.49
C MET A 516 5.64 4.78 25.92
N VAL A 517 4.53 5.03 25.25
CA VAL A 517 3.24 4.49 25.69
C VAL A 517 3.21 2.97 25.53
N LEU A 518 3.59 2.48 24.36
CA LEU A 518 3.61 1.03 24.13
C LEU A 518 4.64 0.35 25.01
N SER A 519 5.79 0.99 25.20
CA SER A 519 6.81 0.44 26.08
C SER A 519 6.28 0.33 27.51
N LEU A 520 5.53 1.33 27.97
CA LEU A 520 4.95 1.25 29.31
C LEU A 520 3.86 0.19 29.38
N PHE A 521 3.10 -0.01 28.30
CA PHE A 521 2.12 -1.10 28.30
C PHE A 521 2.81 -2.45 28.47
N ILE A 522 3.88 -2.68 27.70
CA ILE A 522 4.64 -3.91 27.82
C ILE A 522 5.23 -4.04 29.22
N ALA A 523 5.72 -2.94 29.78
CA ALA A 523 6.29 -2.97 31.12
C ALA A 523 5.25 -3.34 32.16
N LEU A 524 4.04 -2.78 32.04
CA LEU A 524 2.98 -3.09 33.01
C LEU A 524 2.60 -4.56 32.95
N ILE A 525 2.40 -5.09 31.74
CA ILE A 525 1.99 -6.49 31.64
C ILE A 525 3.12 -7.42 32.07
N THR A 526 4.38 -7.09 31.83
CA THR A 526 5.42 -8.00 32.35
C THR A 526 5.37 -8.03 33.87
N GLY A 527 5.04 -6.91 34.51
CA GLY A 527 4.96 -6.83 35.97
C GLY A 527 3.93 -7.80 36.51
N ALA A 528 2.75 -7.85 35.91
CA ALA A 528 1.70 -8.79 36.33
C ALA A 528 2.16 -10.24 36.16
N TYR A 529 2.84 -10.54 35.06
CA TYR A 529 3.38 -11.91 34.84
C TYR A 529 4.30 -12.26 36.03
N ASP A 530 5.20 -11.33 36.38
CA ASP A 530 6.13 -11.60 37.51
C ASP A 530 5.34 -11.78 38.81
N THR A 531 4.34 -10.94 39.07
CA THR A 531 3.54 -11.04 40.30
C THR A 531 2.87 -12.39 40.38
N ILE A 532 2.33 -12.91 39.28
CA ILE A 532 1.59 -14.21 39.31
C ILE A 532 2.60 -15.36 39.47
N LYS A 533 3.79 -15.24 38.88
CA LYS A 533 4.83 -16.29 39.08
C LYS A 533 5.40 -16.20 40.52
N HIS A 534 5.15 -15.09 41.23
CA HIS A 534 5.60 -14.98 42.65
C HIS A 534 4.42 -15.15 43.63
N GLY B 68 -9.09 26.01 54.46
CA GLY B 68 -10.48 26.03 54.01
C GLY B 68 -10.69 25.30 52.70
N ARG B 69 -11.89 25.42 52.15
CA ARG B 69 -12.26 24.77 50.90
C ARG B 69 -12.41 25.83 49.82
N LYS B 70 -11.68 25.66 48.72
CA LYS B 70 -11.74 26.63 47.62
C LYS B 70 -11.37 25.96 46.30
N PRO B 71 -12.26 25.18 45.70
CA PRO B 71 -11.96 24.56 44.41
C PRO B 71 -12.31 25.45 43.23
N CYS B 72 -12.51 26.74 43.50
CA CYS B 72 -12.98 27.66 42.47
C CYS B 72 -11.98 27.77 41.32
N LYS B 73 -10.68 27.85 41.63
CA LYS B 73 -9.68 27.94 40.57
C LYS B 73 -9.66 26.67 39.72
N LEU B 74 -9.83 25.51 40.35
CA LEU B 74 -9.86 24.25 39.60
C LEU B 74 -11.06 24.20 38.67
N MET B 75 -12.19 24.78 39.09
CA MET B 75 -13.39 24.80 38.26
C MET B 75 -13.14 25.55 36.96
N LEU B 76 -12.43 26.67 37.04
CA LEU B 76 -12.25 27.55 35.88
C LEU B 76 -11.61 26.82 34.71
N GLN B 77 -10.60 25.98 34.96
CA GLN B 77 -9.86 25.38 33.86
C GLN B 77 -10.65 24.32 33.12
N VAL B 78 -11.64 23.68 33.75
CA VAL B 78 -12.46 22.71 33.05
C VAL B 78 -13.41 23.40 32.08
N VAL B 79 -14.02 24.51 32.52
CA VAL B 79 -14.85 25.30 31.60
C VAL B 79 -13.98 25.85 30.47
N LYS B 80 -12.73 26.19 30.77
CA LYS B 80 -11.80 26.64 29.73
C LYS B 80 -11.58 25.54 28.68
N ILE B 81 -11.32 24.32 29.14
CA ILE B 81 -11.14 23.22 28.20
C ILE B 81 -12.39 23.04 27.36
N LEU B 82 -13.56 23.11 27.99
CA LEU B 82 -14.81 22.93 27.26
C LEU B 82 -14.99 23.98 26.17
N VAL B 83 -14.76 25.25 26.52
CA VAL B 83 -15.05 26.32 25.56
C VAL B 83 -14.03 26.32 24.43
N VAL B 84 -12.76 26.06 24.72
CA VAL B 84 -11.77 26.01 23.65
C VAL B 84 -12.04 24.83 22.72
N THR B 85 -12.51 23.70 23.27
CA THR B 85 -12.84 22.57 22.42
C THR B 85 -14.02 22.89 21.51
N VAL B 86 -15.08 23.50 22.05
CA VAL B 86 -16.23 23.84 21.21
C VAL B 86 -15.84 24.85 20.13
N GLN B 87 -15.04 25.86 20.50
CA GLN B 87 -14.60 26.86 19.53
C GLN B 87 -13.79 26.23 18.41
N LEU B 88 -12.87 25.33 18.77
CA LEU B 88 -12.07 24.65 17.75
C LEU B 88 -12.96 23.82 16.82
N ILE B 89 -13.96 23.13 17.39
CA ILE B 89 -14.83 22.30 16.55
C ILE B 89 -15.60 23.16 15.57
N LEU B 90 -16.16 24.27 16.03
CA LEU B 90 -16.93 25.15 15.14
C LEU B 90 -16.05 25.72 14.04
N PHE B 91 -14.86 26.22 14.41
CA PHE B 91 -13.96 26.78 13.41
C PHE B 91 -13.53 25.73 12.40
N GLY B 92 -13.27 24.51 12.87
CA GLY B 92 -12.89 23.45 11.96
C GLY B 92 -13.99 23.10 10.98
N LEU B 93 -15.24 23.04 11.45
CA LEU B 93 -16.34 22.75 10.54
C LEU B 93 -16.46 23.82 9.45
N SER B 94 -16.42 25.10 9.85
CA SER B 94 -16.52 26.17 8.86
C SER B 94 -15.36 26.12 7.87
N ASN B 95 -14.14 25.91 8.37
CA ASN B 95 -12.97 25.89 7.50
C ASN B 95 -13.01 24.72 6.55
N GLN B 96 -13.50 23.56 7.01
CA GLN B 96 -13.66 22.41 6.11
C GLN B 96 -14.64 22.72 5.00
N LEU B 97 -15.76 23.38 5.32
CA LEU B 97 -16.70 23.75 4.27
C LEU B 97 -16.05 24.66 3.24
N ALA B 98 -15.33 25.69 3.69
CA ALA B 98 -14.70 26.60 2.75
C ALA B 98 -13.62 25.92 1.91
N VAL B 99 -12.86 25.02 2.51
CA VAL B 99 -11.80 24.32 1.79
C VAL B 99 -12.38 23.36 0.76
N THR B 100 -13.49 22.68 1.10
CA THR B 100 -14.16 21.83 0.13
C THR B 100 -14.63 22.64 -1.07
N PHE B 101 -15.22 23.82 -0.82
CA PHE B 101 -15.65 24.67 -1.92
C PHE B 101 -14.48 25.05 -2.81
N ARG B 102 -13.37 25.49 -2.21
CA ARG B 102 -12.20 25.90 -2.99
C ARG B 102 -11.66 24.74 -3.82
N GLU B 103 -11.55 23.56 -3.21
CA GLU B 103 -10.98 22.40 -3.90
C GLU B 103 -11.85 21.96 -5.07
N GLU B 104 -13.17 21.93 -4.87
CA GLU B 104 -14.05 21.55 -5.98
C GLU B 104 -13.99 22.58 -7.11
N ASN B 105 -13.91 23.86 -6.77
CA ASN B 105 -13.76 24.88 -7.82
C ASN B 105 -12.46 24.67 -8.60
N THR B 106 -11.37 24.38 -7.90
CA THR B 106 -10.09 24.16 -8.58
C THR B 106 -10.14 22.92 -9.49
N ILE B 107 -10.77 21.85 -9.03
CA ILE B 107 -10.87 20.65 -9.85
C ILE B 107 -11.70 20.94 -11.11
N ALA B 108 -12.81 21.65 -10.94
CA ALA B 108 -13.61 22.04 -12.10
C ALA B 108 -12.80 22.91 -13.06
N PHE B 109 -11.97 23.81 -12.52
CA PHE B 109 -11.14 24.64 -13.39
C PHE B 109 -10.15 23.81 -14.19
N ARG B 110 -9.51 22.82 -13.56
CA ARG B 110 -8.60 21.95 -14.29
C ARG B 110 -9.32 21.20 -15.40
N HIS B 111 -10.49 20.63 -15.08
CA HIS B 111 -11.23 19.88 -16.09
C HIS B 111 -11.70 20.78 -17.22
N LEU B 112 -11.99 22.05 -16.93
CA LEU B 112 -12.46 22.96 -17.98
C LEU B 112 -11.31 23.45 -18.86
N PHE B 113 -10.14 23.72 -18.28
CA PHE B 113 -9.11 24.45 -19.00
C PHE B 113 -7.91 23.63 -19.43
N LEU B 114 -7.71 22.43 -18.90
CA LEU B 114 -6.58 21.60 -19.30
C LEU B 114 -7.04 20.59 -20.34
N LEU B 115 -6.43 20.65 -21.52
CA LEU B 115 -6.84 19.79 -22.62
C LEU B 115 -6.41 18.35 -22.36
N GLY B 116 -7.37 17.43 -22.48
CA GLY B 116 -7.07 16.01 -22.25
C GLY B 116 -6.65 15.70 -20.84
N TYR B 117 -7.25 16.37 -19.86
CA TYR B 117 -6.90 16.15 -18.46
C TYR B 117 -7.81 15.10 -17.84
N SER B 118 -7.21 14.22 -17.04
CA SER B 118 -7.93 13.18 -16.32
C SER B 118 -7.56 13.22 -14.86
N ASP B 119 -8.49 12.77 -14.02
CA ASP B 119 -8.23 12.74 -12.58
C ASP B 119 -7.09 11.80 -12.26
N GLY B 120 -6.19 12.25 -11.39
CA GLY B 120 -5.02 11.49 -10.99
C GLY B 120 -3.77 11.80 -11.78
N ALA B 121 -3.90 12.43 -12.95
CA ALA B 121 -2.75 12.80 -13.76
C ALA B 121 -2.43 14.27 -13.50
N ASP B 122 -1.82 14.53 -12.34
CA ASP B 122 -1.45 15.87 -11.94
C ASP B 122 0.04 16.14 -12.03
N ASP B 123 0.87 15.19 -11.58
CA ASP B 123 2.32 15.36 -11.64
C ASP B 123 2.90 14.90 -12.97
N THR B 124 2.25 13.97 -13.66
CA THR B 124 2.73 13.49 -14.95
C THR B 124 2.10 14.21 -16.13
N PHE B 125 1.21 15.17 -15.89
CA PHE B 125 0.58 15.90 -16.97
C PHE B 125 1.57 16.89 -17.59
N ALA B 126 1.92 16.66 -18.85
CA ALA B 126 2.92 17.47 -19.51
C ALA B 126 2.72 17.40 -21.02
N ALA B 127 3.35 18.34 -21.71
CA ALA B 127 3.35 18.38 -23.17
C ALA B 127 4.71 17.90 -23.68
N TYR B 128 4.70 17.31 -24.87
CA TYR B 128 5.92 16.75 -25.45
C TYR B 128 6.19 17.20 -26.88
N THR B 129 5.22 17.79 -27.56
CA THR B 129 5.41 18.28 -28.92
C THR B 129 4.96 19.73 -29.02
N ARG B 130 5.50 20.42 -30.03
CA ARG B 130 5.14 21.80 -30.28
C ARG B 130 3.65 21.93 -30.59
N GLU B 131 3.11 20.99 -31.39
CA GLU B 131 1.68 20.99 -31.68
C GLU B 131 0.86 20.77 -30.42
N GLN B 132 1.32 19.89 -29.53
CA GLN B 132 0.62 19.66 -28.27
C GLN B 132 0.58 20.93 -27.44
N LEU B 133 1.72 21.63 -27.35
CA LEU B 133 1.76 22.86 -26.55
C LEU B 133 0.85 23.93 -27.13
N TYR B 134 0.87 24.10 -28.46
CA TYR B 134 0.00 25.06 -29.11
C TYR B 134 -1.46 24.73 -28.86
N GLN B 135 -1.83 23.45 -28.99
CA GLN B 135 -3.21 23.05 -28.77
C GLN B 135 -3.63 23.28 -27.33
N ALA B 136 -2.75 22.98 -26.37
CA ALA B 136 -3.09 23.20 -24.97
C ALA B 136 -3.35 24.68 -24.69
N ILE B 137 -2.46 25.55 -25.18
CA ILE B 137 -2.62 26.99 -24.92
C ILE B 137 -3.90 27.51 -25.58
N PHE B 138 -4.12 27.14 -26.84
CA PHE B 138 -5.29 27.62 -27.56
C PHE B 138 -6.58 27.09 -26.93
N HIS B 139 -6.58 25.84 -26.48
CA HIS B 139 -7.75 25.28 -25.82
C HIS B 139 -8.04 26.01 -24.52
N ALA B 140 -7.00 26.32 -23.75
CA ALA B 140 -7.21 27.07 -22.52
C ALA B 140 -7.85 28.43 -22.80
N VAL B 141 -7.32 29.14 -23.80
CA VAL B 141 -7.86 30.47 -24.10
C VAL B 141 -9.29 30.37 -24.62
N ASP B 142 -9.57 29.41 -25.50
CA ASP B 142 -10.92 29.27 -26.05
C ASP B 142 -11.92 28.87 -24.97
N GLN B 143 -11.52 27.99 -24.06
CA GLN B 143 -12.42 27.62 -22.96
C GLN B 143 -12.65 28.79 -22.03
N TYR B 144 -11.65 29.66 -21.86
CA TYR B 144 -11.89 30.91 -21.14
C TYR B 144 -12.92 31.78 -21.86
N LEU B 145 -12.84 31.83 -23.19
CA LEU B 145 -13.77 32.68 -23.94
C LEU B 145 -15.19 32.11 -23.96
N ALA B 146 -15.34 30.79 -23.89
CA ALA B 146 -16.64 30.13 -23.96
C ALA B 146 -17.18 29.75 -22.58
N LEU B 147 -16.57 30.26 -21.51
CA LEU B 147 -16.96 29.85 -20.16
C LEU B 147 -18.41 30.14 -19.83
N PRO B 148 -18.96 31.33 -20.08
CA PRO B 148 -20.37 31.57 -19.73
C PRO B 148 -21.34 30.67 -20.47
N ASP B 149 -20.94 30.11 -21.61
CA ASP B 149 -21.79 29.20 -22.37
C ASP B 149 -21.63 27.75 -21.96
N VAL B 150 -20.43 27.34 -21.57
CA VAL B 150 -20.18 25.91 -21.38
C VAL B 150 -20.15 25.52 -19.89
N SER B 151 -19.86 26.48 -19.02
CA SER B 151 -19.58 26.15 -17.63
C SER B 151 -20.86 25.92 -16.84
N LEU B 152 -20.71 25.21 -15.72
CA LEU B 152 -21.79 24.92 -14.79
C LEU B 152 -21.72 25.74 -13.50
N GLY B 153 -20.88 26.77 -13.47
CA GLY B 153 -20.56 27.40 -12.20
C GLY B 153 -20.86 28.87 -12.02
N ARG B 154 -21.46 29.51 -13.02
CA ARG B 154 -21.88 30.92 -12.93
C ARG B 154 -20.72 31.81 -12.47
N TYR B 155 -19.73 31.90 -13.35
CA TYR B 155 -18.53 32.71 -13.10
C TYR B 155 -18.63 34.03 -13.85
N ALA B 156 -18.04 35.06 -13.25
CA ALA B 156 -18.04 36.40 -13.83
C ALA B 156 -16.60 36.84 -14.12
N TYR B 157 -16.44 37.64 -15.16
CA TYR B 157 -15.15 38.20 -15.52
C TYR B 157 -14.83 39.39 -14.62
N VAL B 158 -13.56 39.80 -14.65
CA VAL B 158 -13.08 40.86 -13.76
C VAL B 158 -12.63 42.10 -14.52
N ARG B 159 -12.30 42.01 -15.81
CA ARG B 159 -11.78 43.13 -16.59
C ARG B 159 -10.57 43.72 -15.89
N GLY B 160 -9.52 42.92 -15.81
CA GLY B 160 -8.35 43.19 -14.98
C GLY B 160 -7.76 44.58 -15.05
N GLY B 161 -7.22 45.03 -13.93
CA GLY B 161 -6.54 46.31 -13.84
C GLY B 161 -5.30 46.25 -12.98
N GLY B 162 -4.77 45.05 -12.79
CA GLY B 162 -3.59 44.84 -11.96
C GLY B 162 -2.30 44.91 -12.75
N ASP B 163 -1.30 44.16 -12.26
CA ASP B 163 0.01 44.17 -12.89
C ASP B 163 0.05 43.29 -14.15
N PRO B 164 -0.39 42.02 -14.09
CA PRO B 164 -0.35 41.21 -15.33
C PRO B 164 -1.27 41.73 -16.42
N TRP B 165 -2.41 42.31 -16.05
CA TRP B 165 -3.44 42.70 -17.01
C TRP B 165 -3.42 44.21 -17.23
N THR B 166 -3.46 44.61 -18.50
CA THR B 166 -3.61 46.02 -18.82
C THR B 166 -5.03 46.49 -18.50
N ASN B 167 -5.25 47.79 -18.65
CA ASN B 167 -6.52 48.39 -18.27
C ASN B 167 -7.59 47.98 -19.27
N GLY B 168 -8.34 46.93 -18.94
CA GLY B 168 -9.43 46.48 -19.78
C GLY B 168 -9.19 45.13 -20.45
N SER B 169 -8.45 44.25 -19.77
CA SER B 169 -8.19 42.91 -20.28
C SER B 169 -8.41 41.89 -19.18
N GLY B 170 -9.01 40.76 -19.54
CA GLY B 170 -9.32 39.73 -18.57
C GLY B 170 -8.27 38.64 -18.47
N LEU B 171 -7.68 38.25 -19.60
CA LEU B 171 -6.72 37.16 -19.66
C LEU B 171 -5.40 37.68 -20.19
N ALA B 172 -4.30 37.27 -19.56
CA ALA B 172 -2.95 37.65 -19.96
C ALA B 172 -2.17 36.40 -20.32
N LEU B 173 -1.77 36.30 -21.59
CA LEU B 173 -0.93 35.22 -22.07
C LEU B 173 0.48 35.77 -22.28
N CYS B 174 1.44 35.22 -21.55
CA CYS B 174 2.78 35.80 -21.47
C CYS B 174 3.84 34.73 -21.70
N GLN B 175 4.72 34.95 -22.67
CA GLN B 175 5.95 34.18 -22.75
C GLN B 175 7.00 34.74 -21.78
N ARG B 176 8.05 33.97 -21.59
CA ARG B 176 9.20 34.41 -20.79
C ARG B 176 10.42 33.68 -21.34
N TYR B 177 11.32 34.41 -21.98
CA TYR B 177 12.45 33.83 -22.68
C TYR B 177 13.69 34.70 -22.49
N TYR B 178 14.84 34.11 -22.81
CA TYR B 178 16.10 34.83 -22.68
C TYR B 178 16.20 35.94 -23.72
N HIS B 179 16.92 37.01 -23.35
CA HIS B 179 17.07 38.14 -24.27
C HIS B 179 17.93 37.76 -25.46
N ARG B 180 19.09 37.16 -25.21
CA ARG B 180 19.97 36.67 -26.26
C ARG B 180 20.18 35.17 -26.03
N GLY B 181 19.59 34.35 -26.89
CA GLY B 181 19.79 32.92 -26.81
C GLY B 181 20.08 32.27 -28.14
N HIS B 182 21.28 31.68 -28.26
CA HIS B 182 21.68 30.94 -29.46
C HIS B 182 22.30 29.62 -29.01
N VAL B 183 21.55 28.53 -29.18
CA VAL B 183 22.02 27.19 -28.82
C VAL B 183 22.22 26.42 -30.12
N ASP B 184 23.46 26.00 -30.38
CA ASP B 184 23.81 25.23 -31.57
C ASP B 184 24.56 24.02 -31.05
N PRO B 185 23.84 22.97 -30.63
CA PRO B 185 24.48 21.76 -30.10
C PRO B 185 25.38 21.05 -31.10
N ALA B 186 25.15 21.25 -32.40
CA ALA B 186 25.85 20.52 -33.45
C ALA B 186 27.24 21.06 -33.72
N ASN B 187 27.52 22.30 -33.35
CA ASN B 187 28.88 22.84 -33.37
C ASN B 187 29.48 22.89 -31.98
N ASP B 188 28.74 22.43 -30.97
CA ASP B 188 29.13 22.49 -29.57
C ASP B 188 29.48 23.91 -29.16
N THR B 189 28.73 24.88 -29.68
CA THR B 189 28.90 26.28 -29.36
C THR B 189 27.55 26.90 -29.02
N PHE B 190 27.60 27.98 -28.24
CA PHE B 190 26.41 28.70 -27.82
C PHE B 190 26.84 30.01 -27.20
N ASP B 191 25.94 31.00 -27.24
CA ASP B 191 26.09 32.23 -26.47
C ASP B 191 24.73 32.62 -25.91
N ILE B 192 24.67 32.85 -24.61
CA ILE B 192 23.43 33.11 -23.91
C ILE B 192 23.61 34.30 -22.98
N ASP B 193 22.63 35.21 -22.98
CA ASP B 193 22.58 36.30 -22.02
C ASP B 193 21.42 36.02 -21.07
N PRO B 194 21.69 35.52 -19.85
CA PRO B 194 20.58 35.18 -18.95
C PRO B 194 19.85 36.41 -18.46
N MET B 195 18.69 36.69 -19.07
CA MET B 195 17.82 37.79 -18.68
C MET B 195 16.45 37.57 -19.28
N VAL B 196 15.42 37.52 -18.43
CA VAL B 196 14.10 37.09 -18.87
C VAL B 196 13.37 38.24 -19.53
N VAL B 197 13.08 38.09 -20.82
CA VAL B 197 12.26 39.03 -21.58
C VAL B 197 10.83 38.50 -21.60
N THR B 198 9.87 39.37 -21.29
CA THR B 198 8.46 38.98 -21.18
C THR B 198 7.65 39.78 -22.19
N ASP B 199 6.96 39.05 -23.08
CA ASP B 199 6.02 39.65 -24.03
C ASP B 199 4.65 39.04 -23.77
N CYS B 200 3.65 39.89 -23.55
CA CYS B 200 2.31 39.46 -23.17
C CYS B 200 1.29 39.84 -24.23
N ILE B 201 0.31 38.96 -24.42
CA ILE B 201 -0.85 39.23 -25.27
C ILE B 201 -2.06 39.35 -24.34
N GLN B 202 -2.82 40.43 -24.53
CA GLN B 202 -3.98 40.72 -23.69
C GLN B 202 -5.25 40.34 -24.41
N VAL B 203 -6.11 39.58 -23.73
CA VAL B 203 -7.38 39.13 -24.28
C VAL B 203 -8.50 39.71 -23.42
N ASP B 204 -9.47 40.35 -24.06
CA ASP B 204 -10.63 40.88 -23.35
C ASP B 204 -11.86 40.05 -23.67
N PRO B 205 -12.66 39.69 -22.66
CA PRO B 205 -13.79 38.80 -22.90
C PRO B 205 -14.97 39.56 -23.48
N PRO B 206 -15.63 39.00 -24.49
CA PRO B 206 -16.89 39.61 -24.97
C PRO B 206 -17.94 39.62 -23.88
N GLU B 207 -18.80 40.63 -23.92
CA GLU B 207 -19.83 40.82 -22.90
C GLU B 207 -21.14 40.10 -23.24
N ARG B 208 -21.18 39.36 -24.34
CA ARG B 208 -22.39 38.65 -24.77
C ARG B 208 -23.57 39.59 -24.96
N SER B 224 -7.69 38.78 -30.10
CA SER B 224 -7.93 38.47 -31.50
C SER B 224 -6.68 37.88 -32.15
N SER B 225 -5.51 38.34 -31.73
CA SER B 225 -4.24 37.91 -32.29
C SER B 225 -3.52 36.91 -31.41
N TYR B 226 -4.23 36.29 -30.45
CA TYR B 226 -3.59 35.26 -29.63
C TYR B 226 -3.34 33.98 -30.40
N LYS B 227 -4.05 33.76 -31.51
CA LYS B 227 -3.80 32.62 -32.37
C LYS B 227 -2.54 32.76 -33.20
N ASN B 228 -1.95 33.95 -33.25
CA ASN B 228 -0.71 34.18 -34.00
C ASN B 228 0.52 34.08 -33.10
N LEU B 229 0.37 33.50 -31.92
CA LEU B 229 1.46 33.44 -30.95
C LEU B 229 2.58 32.54 -31.44
N THR B 230 3.81 33.00 -31.32
CA THR B 230 5.01 32.22 -31.63
C THR B 230 5.83 32.06 -30.36
N LEU B 231 6.21 30.83 -30.04
CA LEU B 231 6.70 30.51 -28.70
C LEU B 231 8.19 30.70 -28.52
N LYS B 232 8.99 30.68 -29.60
CA LYS B 232 10.44 30.80 -29.50
C LYS B 232 11.01 29.70 -28.59
N PHE B 233 10.83 28.46 -29.06
CA PHE B 233 11.01 27.29 -28.21
C PHE B 233 12.44 27.17 -27.69
N HIS B 234 13.44 27.51 -28.51
CA HIS B 234 14.81 27.36 -28.09
C HIS B 234 15.15 28.27 -26.91
N LYS B 235 14.65 29.50 -26.92
CA LYS B 235 14.89 30.43 -25.82
C LYS B 235 13.82 30.36 -24.72
N LEU B 236 12.78 29.56 -24.90
CA LEU B 236 11.65 29.58 -23.99
C LEU B 236 12.04 29.13 -22.60
N VAL B 237 11.50 29.81 -21.58
CA VAL B 237 11.66 29.43 -20.19
C VAL B 237 10.34 28.94 -19.60
N ASN B 238 9.27 29.72 -19.77
CA ASN B 238 7.95 29.27 -19.33
C ASN B 238 6.89 30.09 -20.06
N VAL B 239 5.67 29.54 -20.07
CA VAL B 239 4.48 30.22 -20.60
C VAL B 239 3.42 30.17 -19.53
N THR B 240 2.79 31.30 -19.25
CA THR B 240 1.78 31.40 -18.20
C THR B 240 0.53 32.08 -18.72
N ILE B 241 -0.62 31.67 -18.18
CA ILE B 241 -1.90 32.27 -18.49
C ILE B 241 -2.51 32.74 -17.17
N HIS B 242 -2.89 34.03 -17.13
CA HIS B 242 -3.41 34.65 -15.92
C HIS B 242 -4.82 35.17 -16.19
N PHE B 243 -5.76 34.80 -15.34
CA PHE B 243 -7.10 35.38 -15.37
C PHE B 243 -7.75 35.16 -14.01
N ARG B 244 -8.81 35.91 -13.75
CA ARG B 244 -9.52 35.83 -12.48
C ARG B 244 -11.01 35.61 -12.72
N LEU B 245 -11.65 34.96 -11.75
CA LEU B 245 -13.06 34.59 -11.86
C LEU B 245 -13.75 34.92 -10.54
N LYS B 246 -14.94 35.52 -10.63
CA LYS B 246 -15.73 35.87 -9.47
C LYS B 246 -16.95 34.96 -9.39
N THR B 247 -17.19 34.39 -8.21
CA THR B 247 -18.32 33.50 -7.98
C THR B 247 -18.91 33.78 -6.61
N ILE B 248 -20.10 33.25 -6.37
CA ILE B 248 -20.81 33.39 -5.11
C ILE B 248 -20.91 32.02 -4.47
N ASN B 249 -20.45 31.92 -3.22
CA ASN B 249 -20.49 30.64 -2.49
C ASN B 249 -21.91 30.44 -1.97
N LEU B 250 -22.62 29.49 -2.55
CA LEU B 250 -23.99 29.19 -2.16
C LEU B 250 -24.09 28.03 -1.18
N GLN B 251 -22.97 27.39 -0.82
CA GLN B 251 -23.00 26.36 0.20
C GLN B 251 -23.33 26.93 1.57
N SER B 252 -22.98 28.19 1.81
CA SER B 252 -23.22 28.82 3.10
C SER B 252 -24.70 29.02 3.41
N LEU B 253 -25.58 28.85 2.43
CA LEU B 253 -27.01 28.78 2.74
C LEU B 253 -27.29 27.68 3.75
N ILE B 254 -26.54 26.58 3.68
CA ILE B 254 -26.50 25.60 4.75
C ILE B 254 -25.57 26.13 5.83
N ASN B 255 -25.91 25.84 7.10
CA ASN B 255 -25.29 26.38 8.31
C ASN B 255 -25.75 27.81 8.56
N ASN B 256 -26.73 28.30 7.78
CA ASN B 256 -27.36 29.60 8.01
C ASN B 256 -26.35 30.74 7.97
N GLU B 257 -25.40 30.67 7.05
CA GLU B 257 -24.45 31.75 6.83
C GLU B 257 -24.83 32.58 5.61
N ILE B 258 -24.39 33.82 5.61
CA ILE B 258 -24.62 34.72 4.46
C ILE B 258 -23.64 34.36 3.35
N PRO B 259 -24.09 34.18 2.11
CA PRO B 259 -23.18 33.79 1.03
C PRO B 259 -22.01 34.75 0.87
N ASP B 260 -20.85 34.18 0.54
CA ASP B 260 -19.59 34.90 0.42
C ASP B 260 -19.28 35.15 -1.05
N CYS B 261 -18.57 36.24 -1.32
CA CYS B 261 -18.14 36.59 -2.66
C CYS B 261 -16.70 36.13 -2.83
N TYR B 262 -16.49 35.11 -3.68
CA TYR B 262 -15.17 34.57 -3.96
C TYR B 262 -14.60 35.15 -5.25
N THR B 263 -13.29 35.38 -5.26
CA THR B 263 -12.55 35.75 -6.46
C THR B 263 -11.37 34.80 -6.59
N PHE B 264 -11.40 33.95 -7.61
CA PHE B 264 -10.36 32.97 -7.85
C PHE B 264 -9.36 33.52 -8.86
N SER B 265 -8.09 33.59 -8.47
CA SER B 265 -7.01 33.92 -9.39
C SER B 265 -6.42 32.62 -9.91
N VAL B 266 -6.48 32.43 -11.23
CA VAL B 266 -6.10 31.17 -11.86
C VAL B 266 -4.81 31.38 -12.63
N LEU B 267 -3.82 30.51 -12.38
CA LEU B 267 -2.54 30.52 -13.07
C LEU B 267 -2.30 29.18 -13.71
N ILE B 268 -2.16 29.16 -15.03
CA ILE B 268 -1.79 27.97 -15.77
C ILE B 268 -0.35 28.14 -16.26
N THR B 269 0.54 27.27 -15.82
CA THR B 269 1.96 27.38 -16.09
C THR B 269 2.40 26.26 -17.02
N PHE B 270 3.09 26.62 -18.10
CA PHE B 270 3.77 25.68 -18.97
C PHE B 270 5.27 25.91 -18.76
N ASP B 271 5.89 25.05 -17.96
CA ASP B 271 7.23 25.29 -17.44
C ASP B 271 8.27 24.54 -18.28
N ASN B 272 9.21 25.29 -18.84
CA ASN B 272 10.31 24.71 -19.63
C ASN B 272 11.66 25.12 -19.02
N LYS B 273 11.74 25.15 -17.69
CA LYS B 273 12.97 25.58 -17.04
C LYS B 273 14.06 24.52 -17.11
N ALA B 274 13.71 23.26 -17.36
CA ALA B 274 14.70 22.19 -17.44
C ALA B 274 15.25 21.98 -18.84
N HIS B 275 14.57 22.52 -19.87
CA HIS B 275 14.98 22.37 -21.27
C HIS B 275 15.30 20.91 -21.60
N SER B 276 14.42 20.01 -21.17
CA SER B 276 14.62 18.58 -21.34
C SER B 276 13.68 17.97 -22.36
N GLY B 277 12.89 18.77 -23.06
CA GLY B 277 11.92 18.27 -24.01
C GLY B 277 10.58 17.92 -23.43
N ARG B 278 10.44 17.97 -22.10
CA ARG B 278 9.20 17.65 -21.41
C ARG B 278 8.76 18.89 -20.64
N ILE B 279 7.60 19.42 -20.99
CA ILE B 279 7.10 20.66 -20.38
C ILE B 279 5.89 20.37 -19.51
N PRO B 280 6.04 20.35 -18.18
CA PRO B 280 4.89 20.09 -17.31
C PRO B 280 3.86 21.21 -17.40
N ILE B 281 2.59 20.83 -17.25
CA ILE B 281 1.47 21.77 -17.27
C ILE B 281 0.72 21.63 -15.95
N SER B 282 0.57 22.74 -15.23
CA SER B 282 -0.11 22.76 -13.96
C SER B 282 -1.06 23.95 -13.89
N LEU B 283 -2.11 23.80 -13.09
CA LEU B 283 -3.08 24.86 -12.85
C LEU B 283 -3.19 25.08 -11.35
N GLU B 284 -2.93 26.30 -10.91
CA GLU B 284 -3.03 26.68 -9.49
C GLU B 284 -4.00 27.84 -9.34
N THR B 285 -4.71 27.84 -8.21
CA THR B 285 -5.69 28.88 -7.91
C THR B 285 -5.39 29.51 -6.55
N GLN B 286 -5.74 30.79 -6.43
CA GLN B 286 -5.66 31.52 -5.18
C GLN B 286 -6.98 32.26 -4.98
N ALA B 287 -7.68 31.95 -3.90
CA ALA B 287 -9.01 32.52 -3.65
C ALA B 287 -8.92 33.72 -2.71
N HIS B 288 -9.57 34.81 -3.10
CA HIS B 288 -9.69 36.01 -2.27
C HIS B 288 -11.14 36.17 -1.86
N ILE B 289 -11.43 35.91 -0.58
CA ILE B 289 -12.80 35.98 -0.07
C ILE B 289 -13.10 37.41 0.36
N GLN B 290 -14.25 37.92 -0.07
CA GLN B 290 -14.73 39.24 0.33
C GLN B 290 -16.21 39.15 0.62
N GLU B 291 -16.76 40.22 1.17
CA GLU B 291 -18.19 40.29 1.42
C GLU B 291 -18.93 40.76 0.17
N CYS B 292 -20.22 40.47 0.14
CA CYS B 292 -21.06 40.80 -1.01
C CYS B 292 -21.85 42.08 -0.72
N LYS B 293 -21.93 42.95 -1.74
CA LYS B 293 -22.44 44.30 -1.52
C LYS B 293 -23.89 44.31 -1.06
N HIS B 294 -24.74 43.50 -1.70
CA HIS B 294 -26.16 43.43 -1.37
C HIS B 294 -26.54 41.98 -1.10
N PRO B 295 -26.19 41.46 0.07
CA PRO B 295 -26.55 40.07 0.43
C PRO B 295 -27.91 39.94 1.11
N SER B 296 -28.96 40.02 0.30
CA SER B 296 -30.33 39.90 0.80
C SER B 296 -30.77 38.45 0.66
N VAL B 297 -30.98 37.77 1.80
CA VAL B 297 -31.41 36.38 1.82
C VAL B 297 -32.64 36.30 2.72
N PHE B 298 -33.83 36.47 2.11
CA PHE B 298 -35.13 36.20 2.72
C PHE B 298 -35.21 36.58 4.19
N GLN B 299 -35.24 35.57 5.07
CA GLN B 299 -35.29 35.76 6.51
C GLN B 299 -33.95 35.31 7.08
N HIS B 300 -32.99 36.22 7.12
CA HIS B 300 -31.67 35.93 7.66
C HIS B 300 -30.92 37.24 7.92
N SER B 304 -24.58 36.41 15.71
CA SER B 304 -23.76 37.05 16.74
C SER B 304 -23.37 36.03 17.81
N PHE B 305 -23.96 34.84 17.73
CA PHE B 305 -23.63 33.77 18.68
C PHE B 305 -22.15 33.43 18.63
N ARG B 306 -21.59 33.32 17.42
CA ARG B 306 -20.19 32.98 17.26
C ARG B 306 -19.28 34.05 17.87
N LEU B 307 -19.59 35.32 17.59
CA LEU B 307 -18.78 36.41 18.14
C LEU B 307 -18.86 36.45 19.66
N LEU B 308 -20.06 36.28 20.21
CA LEU B 308 -20.20 36.30 21.67
C LEU B 308 -19.50 35.11 22.31
N PHE B 309 -19.53 33.94 21.66
CA PHE B 309 -18.81 32.79 22.18
C PHE B 309 -17.30 33.03 22.15
N ASP B 310 -16.80 33.67 21.09
CA ASP B 310 -15.39 34.03 21.04
C ASP B 310 -15.03 34.99 22.17
N VAL B 311 -15.91 35.96 22.43
CA VAL B 311 -15.67 36.90 23.53
C VAL B 311 -15.62 36.16 24.86
N VAL B 312 -16.52 35.19 25.05
CA VAL B 312 -16.55 34.41 26.28
C VAL B 312 -15.26 33.62 26.45
N VAL B 313 -14.78 33.01 25.37
CA VAL B 313 -13.51 32.29 25.42
C VAL B 313 -12.38 33.22 25.81
N ILE B 314 -12.35 34.42 25.23
CA ILE B 314 -11.32 35.39 25.57
C ILE B 314 -11.37 35.74 27.06
N LEU B 315 -12.59 35.96 27.59
CA LEU B 315 -12.74 36.31 29.00
C LEU B 315 -12.24 35.19 29.91
N THR B 316 -12.64 33.95 29.62
CA THR B 316 -12.21 32.84 30.47
C THR B 316 -10.70 32.64 30.39
N CYS B 317 -10.10 32.80 29.21
CA CYS B 317 -8.66 32.63 29.12
C CYS B 317 -7.90 33.79 29.76
N SER B 318 -8.48 34.99 29.80
CA SER B 318 -7.83 36.09 30.50
C SER B 318 -7.90 35.91 32.01
N LEU B 319 -9.03 35.40 32.52
CA LEU B 319 -9.09 35.06 33.95
C LEU B 319 -8.09 33.97 34.31
N SER B 320 -7.97 32.93 33.48
CA SER B 320 -7.00 31.88 33.74
C SER B 320 -5.57 32.44 33.73
N PHE B 321 -5.27 33.30 32.76
CA PHE B 321 -3.95 33.93 32.71
C PHE B 321 -3.68 34.73 33.97
N LEU B 322 -4.67 35.50 34.43
CA LEU B 322 -4.48 36.32 35.62
C LEU B 322 -4.20 35.47 36.84
N LEU B 323 -4.99 34.42 37.05
CA LEU B 323 -4.77 33.56 38.23
C LEU B 323 -3.43 32.85 38.15
N CYS B 324 -3.04 32.36 36.97
CA CYS B 324 -1.75 31.69 36.85
C CYS B 324 -0.59 32.65 37.11
N ALA B 325 -0.72 33.90 36.63
CA ALA B 325 0.32 34.89 36.90
C ALA B 325 0.43 35.21 38.38
N ARG B 326 -0.71 35.34 39.06
CA ARG B 326 -0.68 35.57 40.51
C ARG B 326 -0.02 34.41 41.23
N SER B 327 -0.34 33.17 40.83
CA SER B 327 0.27 32.01 41.45
C SER B 327 1.79 31.99 41.23
N LEU B 328 2.23 32.35 40.03
CA LEU B 328 3.67 32.43 39.78
C LEU B 328 4.32 33.51 40.64
N LEU B 329 3.64 34.64 40.85
CA LEU B 329 4.18 35.68 41.72
C LEU B 329 4.34 35.17 43.15
N ARG B 330 3.32 34.46 43.66
CA ARG B 330 3.44 33.88 45.00
C ARG B 330 4.58 32.87 45.06
N GLY B 331 4.72 32.05 44.02
CA GLY B 331 5.82 31.09 43.99
C GLY B 331 7.18 31.76 44.05
N PHE B 332 7.37 32.83 43.27
CA PHE B 332 8.64 33.54 43.31
C PHE B 332 8.87 34.20 44.66
N LEU B 333 7.83 34.78 45.27
CA LEU B 333 7.98 35.36 46.60
C LEU B 333 8.44 34.31 47.61
N LEU B 334 7.82 33.13 47.58
CA LEU B 334 8.25 32.07 48.48
C LEU B 334 9.64 31.57 48.15
N GLN B 335 10.03 31.58 46.87
CA GLN B 335 11.39 31.20 46.50
C GLN B 335 12.41 32.14 47.11
N ASN B 336 12.15 33.45 47.06
CA ASN B 336 13.07 34.39 47.71
C ASN B 336 13.06 34.22 49.23
N GLU B 337 11.89 33.96 49.82
CA GLU B 337 11.83 33.80 51.26
C GLU B 337 12.58 32.54 51.73
N PHE B 338 12.51 31.46 50.97
CA PHE B 338 13.25 30.25 51.33
C PHE B 338 14.73 30.37 51.00
N VAL B 339 15.08 31.09 49.93
CA VAL B 339 16.48 31.34 49.62
C VAL B 339 17.12 32.14 50.74
N GLY B 340 16.36 33.03 51.38
CA GLY B 340 16.89 33.79 52.49
C GLY B 340 17.09 32.99 53.76
N PHE B 341 17.12 31.65 53.64
CA PHE B 341 17.38 30.78 54.79
C PHE B 341 18.48 29.77 54.51
N MET B 342 18.68 29.40 53.24
CA MET B 342 19.78 28.51 52.90
C MET B 342 21.11 29.11 53.33
N TRP B 343 21.25 30.43 53.22
CA TRP B 343 22.28 31.19 53.93
C TRP B 343 23.68 30.81 53.48
N GLU B 354 18.55 20.99 40.08
CA GLU B 354 17.10 21.22 39.97
C GLU B 354 16.56 21.83 41.25
N ARG B 355 17.44 22.03 42.24
CA ARG B 355 17.02 22.62 43.51
C ARG B 355 16.67 24.09 43.35
N LEU B 356 17.29 24.77 42.38
CA LEU B 356 17.05 26.21 42.21
C LEU B 356 15.61 26.50 41.83
N GLU B 357 15.05 25.71 40.92
CA GLU B 357 13.70 25.96 40.44
C GLU B 357 12.66 25.47 41.44
N PHE B 358 11.65 26.30 41.71
CA PHE B 358 10.52 25.93 42.56
C PHE B 358 9.23 26.47 41.95
N VAL B 359 9.09 26.32 40.64
CA VAL B 359 7.94 26.85 39.92
C VAL B 359 7.09 25.68 39.43
N ASN B 360 5.79 25.92 39.32
CA ASN B 360 4.83 24.91 38.87
C ASN B 360 4.75 24.96 37.35
N GLY B 361 5.24 23.92 36.69
CA GLY B 361 5.23 23.90 35.23
C GLY B 361 3.84 23.85 34.63
N TRP B 362 2.87 23.30 35.37
CA TRP B 362 1.50 23.28 34.88
C TRP B 362 0.97 24.68 34.66
N TYR B 363 1.29 25.60 35.58
CA TYR B 363 0.85 26.98 35.42
C TYR B 363 1.50 27.65 34.23
N ILE B 364 2.77 27.32 33.96
CA ILE B 364 3.45 27.85 32.78
C ILE B 364 2.75 27.36 31.51
N LEU B 365 2.43 26.07 31.47
CA LEU B 365 1.72 25.52 30.31
C LEU B 365 0.35 26.19 30.15
N LEU B 366 -0.35 26.42 31.27
CA LEU B 366 -1.64 27.08 31.21
C LEU B 366 -1.51 28.51 30.69
N VAL B 367 -0.48 29.24 31.12
CA VAL B 367 -0.26 30.60 30.62
C VAL B 367 -0.01 30.58 29.12
N THR B 368 0.83 29.66 28.65
CA THR B 368 1.10 29.57 27.23
C THR B 368 -0.18 29.26 26.44
N SER B 369 -0.98 28.33 26.95
CA SER B 369 -2.24 27.98 26.29
C SER B 369 -3.19 29.16 26.25
N ASP B 370 -3.28 29.92 27.35
CA ASP B 370 -4.15 31.09 27.38
C ASP B 370 -3.72 32.13 26.36
N VAL B 371 -2.42 32.41 26.29
CA VAL B 371 -1.92 33.40 25.32
C VAL B 371 -2.23 32.94 23.90
N LEU B 372 -1.95 31.66 23.61
CA LEU B 372 -2.23 31.13 22.28
C LEU B 372 -3.72 31.22 21.94
N THR B 373 -4.58 30.92 22.90
CA THR B 373 -6.02 30.95 22.65
C THR B 373 -6.49 32.37 22.39
N ILE B 374 -6.01 33.34 23.17
CA ILE B 374 -6.43 34.73 22.94
C ILE B 374 -5.98 35.22 21.57
N SER B 375 -4.72 34.93 21.21
CA SER B 375 -4.23 35.34 19.89
C SER B 375 -5.04 34.68 18.78
N GLY B 376 -5.29 33.37 18.91
CA GLY B 376 -6.07 32.68 17.91
C GLY B 376 -7.51 33.17 17.82
N THR B 377 -8.09 33.55 18.95
CA THR B 377 -9.48 34.03 18.93
C THR B 377 -9.59 35.39 18.28
N ILE B 378 -8.65 36.30 18.58
CA ILE B 378 -8.64 37.58 17.87
C ILE B 378 -8.43 37.36 16.38
N MET B 379 -7.52 36.46 16.02
CA MET B 379 -7.27 36.19 14.60
C MET B 379 -8.51 35.60 13.94
N LYS B 380 -9.25 34.75 14.67
CA LYS B 380 -10.48 34.16 14.15
C LYS B 380 -11.56 35.21 13.96
N ILE B 381 -11.68 36.15 14.90
CA ILE B 381 -12.65 37.23 14.75
C ILE B 381 -12.32 38.03 13.50
N GLY B 382 -11.04 38.33 13.27
CA GLY B 382 -10.65 39.01 12.06
C GLY B 382 -10.99 38.23 10.79
N ILE B 383 -10.60 36.95 10.77
CA ILE B 383 -10.85 36.10 9.61
C ILE B 383 -12.34 36.04 9.28
N GLU B 384 -13.19 35.90 10.31
CA GLU B 384 -14.61 35.84 10.07
C GLU B 384 -15.18 37.20 9.66
N ALA B 385 -14.57 38.29 10.12
CA ALA B 385 -14.95 39.62 9.65
C ALA B 385 -14.47 39.89 8.23
N LYS B 386 -13.61 39.02 7.69
CA LYS B 386 -13.16 39.02 6.30
C LYS B 386 -12.07 40.05 6.04
N ASN B 387 -11.54 40.66 7.09
CA ASN B 387 -10.41 41.58 6.94
C ASN B 387 -9.07 40.88 6.99
N LEU B 388 -9.04 39.59 7.31
CA LEU B 388 -7.81 38.80 7.32
C LEU B 388 -8.11 37.43 6.74
N ALA B 389 -7.22 36.93 5.88
CA ALA B 389 -7.37 35.56 5.40
C ALA B 389 -6.54 34.61 6.24
N SER B 390 -5.20 34.70 6.14
CA SER B 390 -4.22 34.20 7.10
C SER B 390 -4.66 32.94 7.84
N TYR B 391 -5.12 31.93 7.11
CA TYR B 391 -5.81 30.81 7.74
C TYR B 391 -4.88 29.89 8.50
N ASP B 392 -3.62 29.79 8.07
CA ASP B 392 -2.70 28.81 8.66
C ASP B 392 -2.34 29.19 10.10
N VAL B 393 -2.01 30.46 10.34
CA VAL B 393 -1.49 30.87 11.65
C VAL B 393 -2.56 30.68 12.72
N CYS B 394 -3.79 31.11 12.43
CA CYS B 394 -4.88 31.00 13.40
C CYS B 394 -5.16 29.54 13.74
N SER B 395 -5.20 28.68 12.72
CA SER B 395 -5.45 27.26 12.96
C SER B 395 -4.33 26.64 13.79
N ILE B 396 -3.08 26.99 13.50
CA ILE B 396 -1.96 26.45 14.26
C ILE B 396 -2.05 26.89 15.71
N LEU B 397 -2.33 28.17 15.95
CA LEU B 397 -2.44 28.68 17.31
C LEU B 397 -3.55 27.97 18.07
N LEU B 398 -4.73 27.86 17.46
CA LEU B 398 -5.86 27.24 18.14
C LEU B 398 -5.60 25.76 18.42
N GLY B 399 -5.03 25.04 17.45
CA GLY B 399 -4.76 23.64 17.67
C GLY B 399 -3.71 23.38 18.74
N THR B 400 -2.63 24.17 18.74
CA THR B 400 -1.62 24.02 19.77
C THR B 400 -2.20 24.34 21.15
N SER B 401 -3.02 25.39 21.23
CA SER B 401 -3.65 25.73 22.50
C SER B 401 -4.58 24.61 22.98
N THR B 402 -5.37 24.04 22.08
CA THR B 402 -6.26 22.94 22.47
C THR B 402 -5.47 21.74 22.95
N LEU B 403 -4.37 21.40 22.26
CA LEU B 403 -3.54 20.29 22.72
C LEU B 403 -2.97 20.57 24.10
N LEU B 404 -2.47 21.79 24.32
CA LEU B 404 -1.88 22.13 25.62
C LEU B 404 -2.92 22.05 26.73
N VAL B 405 -4.14 22.54 26.49
CA VAL B 405 -5.15 22.48 27.55
C VAL B 405 -5.59 21.04 27.78
N TRP B 406 -5.57 20.19 26.76
CA TRP B 406 -5.87 18.78 26.98
C TRP B 406 -4.73 18.03 27.66
N VAL B 407 -3.52 18.61 27.69
CA VAL B 407 -2.45 18.00 28.48
C VAL B 407 -2.74 18.12 29.98
N GLY B 408 -3.40 19.20 30.41
CA GLY B 408 -3.60 19.47 31.83
C GLY B 408 -4.45 18.45 32.57
N VAL B 409 -5.23 17.65 31.84
CA VAL B 409 -5.96 16.57 32.51
C VAL B 409 -4.97 15.60 33.15
N ILE B 410 -3.75 15.50 32.61
CA ILE B 410 -2.70 14.76 33.30
C ILE B 410 -2.42 15.40 34.66
N ARG B 411 -2.35 16.73 34.71
CA ARG B 411 -2.17 17.42 35.99
C ARG B 411 -3.27 17.05 36.96
N TYR B 412 -4.52 17.00 36.49
CA TYR B 412 -5.60 16.58 37.37
C TYR B 412 -5.42 15.14 37.84
N LEU B 413 -4.95 14.26 36.95
CA LEU B 413 -4.76 12.86 37.31
C LEU B 413 -3.60 12.67 38.29
N THR B 414 -2.62 13.56 38.28
CA THR B 414 -1.49 13.43 39.21
C THR B 414 -1.93 13.57 40.66
N PHE B 415 -3.05 14.28 40.89
CA PHE B 415 -3.55 14.46 42.25
C PHE B 415 -3.86 13.12 42.91
N PHE B 416 -4.14 12.08 42.13
CA PHE B 416 -4.34 10.74 42.64
C PHE B 416 -3.00 10.05 42.88
N HIS B 417 -3.01 8.75 43.13
CA HIS B 417 -1.80 8.03 43.50
C HIS B 417 -1.34 7.04 42.43
N ASN B 418 -2.23 6.18 41.95
CA ASN B 418 -1.82 5.21 40.93
C ASN B 418 -1.51 5.91 39.60
N TYR B 419 -2.37 6.85 39.20
CA TYR B 419 -2.05 7.67 38.03
C TYR B 419 -0.74 8.43 38.26
N ASN B 420 -0.52 8.89 39.48
CA ASN B 420 0.72 9.63 39.78
C ASN B 420 1.95 8.76 39.58
N ILE B 421 1.90 7.50 40.04
CA ILE B 421 3.06 6.62 39.85
C ILE B 421 3.22 6.25 38.37
N LEU B 422 2.10 6.10 37.65
CA LEU B 422 2.19 5.81 36.22
C LEU B 422 2.81 6.96 35.44
N ILE B 423 2.59 8.20 35.89
CA ILE B 423 3.21 9.35 35.22
C ILE B 423 4.63 9.58 35.70
N ALA B 424 4.92 9.24 36.97
CA ALA B 424 6.27 9.37 37.48
C ALA B 424 7.21 8.33 36.89
N THR B 425 6.69 7.19 36.45
CA THR B 425 7.51 6.23 35.73
C THR B 425 8.06 6.84 34.44
N LEU B 426 7.19 7.49 33.66
CA LEU B 426 7.62 8.17 32.44
C LEU B 426 8.57 9.31 32.75
N ARG B 427 8.27 10.08 33.81
CA ARG B 427 9.17 11.16 34.20
C ARG B 427 10.56 10.64 34.50
N VAL B 428 10.64 9.50 35.20
CA VAL B 428 11.94 8.91 35.51
C VAL B 428 12.63 8.42 34.24
N ALA B 429 11.87 7.81 33.33
CA ALA B 429 12.46 7.20 32.14
C ALA B 429 12.92 8.23 31.10
N LEU B 430 12.37 9.45 31.11
CA LEU B 430 12.69 10.44 30.08
C LEU B 430 14.17 10.76 29.90
N PRO B 431 14.95 11.05 30.95
CA PRO B 431 16.35 11.46 30.71
C PRO B 431 17.19 10.43 29.98
N SER B 432 17.11 9.17 30.39
CA SER B 432 17.85 8.13 29.69
C SER B 432 17.36 7.97 28.26
N VAL B 433 16.07 8.20 28.04
CA VAL B 433 15.53 8.13 26.69
C VAL B 433 16.15 9.22 25.82
N MET B 434 16.33 10.43 26.35
CA MET B 434 16.98 11.48 25.57
C MET B 434 18.46 11.19 25.33
N ARG B 435 19.14 10.64 26.34
CA ARG B 435 20.56 10.36 26.20
C ARG B 435 20.80 9.27 25.16
N PHE B 436 19.94 8.24 25.13
CA PHE B 436 20.03 7.25 24.07
C PHE B 436 19.58 7.81 22.73
N CYS B 437 18.66 8.78 22.75
CA CYS B 437 18.22 9.41 21.51
C CYS B 437 19.39 10.09 20.80
N CYS B 438 20.23 10.79 21.55
CA CYS B 438 21.42 11.41 20.94
C CYS B 438 22.33 10.37 20.29
N CYS B 439 22.65 9.30 21.03
CA CYS B 439 23.55 8.27 20.53
C CYS B 439 23.01 7.58 19.29
N ALA B 440 21.69 7.37 19.24
CA ALA B 440 21.10 6.76 18.05
C ALA B 440 20.88 7.77 16.93
N GLY B 441 20.77 9.04 17.26
CA GLY B 441 20.53 10.07 16.28
C GLY B 441 21.76 10.39 15.48
N VAL B 442 22.95 10.27 16.09
CA VAL B 442 24.16 10.46 15.29
C VAL B 442 24.26 9.38 14.21
N ILE B 443 24.00 8.12 14.57
CA ILE B 443 23.99 7.04 13.58
C ILE B 443 22.90 7.28 12.55
N TYR B 444 21.72 7.70 13.00
CA TYR B 444 20.60 7.94 12.10
C TYR B 444 20.93 9.02 11.08
N LEU B 445 21.58 10.10 11.53
CA LEU B 445 21.99 11.17 10.63
C LEU B 445 23.03 10.68 9.62
N GLY B 446 23.99 9.88 10.09
CA GLY B 446 24.98 9.34 9.16
C GLY B 446 24.34 8.46 8.10
N TYR B 447 23.38 7.62 8.51
CA TYR B 447 22.67 6.77 7.56
C TYR B 447 21.82 7.59 6.61
N CYS B 448 21.21 8.69 7.09
CA CYS B 448 20.44 9.56 6.22
C CYS B 448 21.32 10.17 5.14
N PHE B 449 22.49 10.69 5.54
CA PHE B 449 23.39 11.28 4.56
C PHE B 449 23.87 10.25 3.54
N CYS B 450 24.25 9.06 4.01
CA CYS B 450 24.74 8.03 3.10
C CYS B 450 23.63 7.58 2.14
N GLY B 451 22.43 7.36 2.66
CA GLY B 451 21.33 6.94 1.82
C GLY B 451 20.97 7.99 0.79
N TRP B 452 20.92 9.26 1.19
CA TRP B 452 20.67 10.32 0.22
C TRP B 452 21.72 10.29 -0.89
N ILE B 453 23.01 10.35 -0.51
CA ILE B 453 24.07 10.51 -1.50
C ILE B 453 24.13 9.31 -2.45
N VAL B 454 23.79 8.11 -1.97
CA VAL B 454 23.93 6.95 -2.85
C VAL B 454 22.65 6.67 -3.62
N LEU B 455 21.48 6.69 -2.97
CA LEU B 455 20.24 6.24 -3.58
C LEU B 455 19.37 7.37 -4.09
N GLY B 456 19.87 8.61 -4.12
CA GLY B 456 19.15 9.67 -4.79
C GLY B 456 18.93 9.44 -6.27
N PRO B 457 19.97 9.07 -7.01
CA PRO B 457 19.80 8.87 -8.47
C PRO B 457 18.86 7.74 -8.84
N TYR B 458 18.62 6.77 -7.96
CA TYR B 458 17.94 5.55 -8.36
C TYR B 458 16.67 5.22 -7.58
N HIS B 459 16.40 5.91 -6.48
CA HIS B 459 15.26 5.57 -5.64
C HIS B 459 14.35 6.77 -5.48
N VAL B 460 13.04 6.54 -5.66
CA VAL B 460 12.07 7.63 -5.58
C VAL B 460 11.98 8.18 -4.17
N LYS B 461 12.11 7.32 -3.16
CA LYS B 461 11.97 7.72 -1.77
C LYS B 461 13.22 8.34 -1.18
N PHE B 462 14.30 8.48 -1.97
CA PHE B 462 15.57 8.99 -1.47
C PHE B 462 16.02 10.27 -2.18
N ARG B 463 15.08 11.03 -2.75
CA ARG B 463 15.45 12.19 -3.56
C ARG B 463 15.93 13.36 -2.71
N SER B 464 15.27 13.63 -1.59
CA SER B 464 15.63 14.74 -0.72
C SER B 464 15.98 14.22 0.67
N LEU B 465 16.64 15.08 1.45
CA LEU B 465 17.07 14.68 2.80
C LEU B 465 15.88 14.45 3.71
N SER B 466 14.86 15.32 3.64
CA SER B 466 13.66 15.11 4.45
C SER B 466 12.93 13.84 4.06
N MET B 467 12.87 13.55 2.76
CA MET B 467 12.27 12.30 2.30
C MET B 467 13.05 11.09 2.80
N VAL B 468 14.40 11.18 2.78
CA VAL B 468 15.22 10.10 3.30
C VAL B 468 14.95 9.89 4.78
N SER B 469 14.84 10.99 5.54
CA SER B 469 14.56 10.88 6.97
C SER B 469 13.20 10.22 7.21
N GLU B 470 12.18 10.61 6.44
CA GLU B 470 10.87 10.00 6.61
C GLU B 470 10.90 8.52 6.24
N CYS B 471 11.61 8.17 5.17
CA CYS B 471 11.72 6.78 4.77
C CYS B 471 12.39 5.94 5.85
N LEU B 472 13.50 6.45 6.41
CA LEU B 472 14.20 5.72 7.46
C LEU B 472 13.35 5.60 8.71
N PHE B 473 12.63 6.68 9.06
CA PHE B 473 11.77 6.64 10.25
C PHE B 473 10.65 5.62 10.09
N SER B 474 10.04 5.56 8.90
CA SER B 474 9.02 4.56 8.66
C SER B 474 9.60 3.15 8.63
N LEU B 475 10.82 3.00 8.12
CA LEU B 475 11.48 1.70 8.14
C LEU B 475 11.72 1.22 9.57
N ILE B 476 12.12 2.14 10.46
CA ILE B 476 12.37 1.80 11.86
C ILE B 476 11.11 1.25 12.51
N ASN B 477 9.95 1.80 12.17
CA ASN B 477 8.69 1.41 12.80
C ASN B 477 7.97 0.30 12.05
N GLY B 478 8.58 -0.26 11.02
CA GLY B 478 8.00 -1.40 10.33
C GLY B 478 6.96 -1.06 9.28
N ASP B 479 7.21 -0.03 8.47
CA ASP B 479 6.27 0.37 7.44
C ASP B 479 7.02 0.64 6.14
N ASP B 480 6.42 0.20 5.02
CA ASP B 480 6.91 0.50 3.68
C ASP B 480 8.33 -0.02 3.46
N MET B 481 8.54 -1.29 3.80
CA MET B 481 9.83 -1.94 3.64
C MET B 481 9.95 -2.70 2.32
N PHE B 482 8.93 -3.50 2.00
CA PHE B 482 8.97 -4.24 0.74
C PHE B 482 8.91 -3.31 -0.46
N VAL B 483 8.24 -2.17 -0.35
CA VAL B 483 8.21 -1.23 -1.47
C VAL B 483 9.61 -0.67 -1.72
N THR B 484 10.35 -0.35 -0.66
CA THR B 484 11.73 0.09 -0.81
C THR B 484 12.58 -1.00 -1.45
N PHE B 485 12.46 -2.23 -0.95
CA PHE B 485 13.24 -3.33 -1.49
C PHE B 485 12.92 -3.58 -2.96
N ALA B 486 11.63 -3.50 -3.33
CA ALA B 486 11.24 -3.75 -4.71
C ALA B 486 11.65 -2.60 -5.62
N ALA B 487 11.61 -1.37 -5.13
CA ALA B 487 12.11 -0.25 -5.91
C ALA B 487 13.60 -0.40 -6.20
N MET B 488 14.36 -0.89 -5.22
CA MET B 488 15.77 -1.17 -5.49
C MET B 488 15.93 -2.37 -6.42
N GLN B 489 15.07 -3.37 -6.29
CA GLN B 489 15.18 -4.58 -7.12
C GLN B 489 14.85 -4.31 -8.58
N ALA B 490 14.01 -3.32 -8.84
CA ALA B 490 13.60 -2.99 -10.21
C ALA B 490 14.79 -2.48 -11.02
N GLN B 491 15.93 -2.26 -10.38
CA GLN B 491 17.16 -1.82 -11.03
C GLN B 491 18.31 -2.72 -10.64
N GLN B 492 18.06 -4.03 -10.51
CA GLN B 492 19.14 -4.95 -10.17
C GLN B 492 20.04 -5.23 -11.36
N GLY B 493 19.47 -5.29 -12.57
CA GLY B 493 20.27 -5.57 -13.76
C GLY B 493 21.28 -4.48 -14.06
N ARG B 494 20.93 -3.23 -13.82
CA ARG B 494 21.82 -2.09 -14.03
C ARG B 494 22.41 -1.68 -12.69
N SER B 495 23.73 -1.48 -12.65
CA SER B 495 24.47 -1.10 -11.45
C SER B 495 24.26 -2.12 -10.34
N SER B 496 24.75 -3.33 -10.59
CA SER B 496 24.74 -4.38 -9.58
C SER B 496 25.52 -3.97 -8.34
N LEU B 497 26.54 -3.12 -8.51
CA LEU B 497 27.25 -2.58 -7.35
C LEU B 497 26.31 -1.74 -6.49
N VAL B 498 25.51 -0.89 -7.13
CA VAL B 498 24.55 -0.08 -6.39
C VAL B 498 23.50 -0.97 -5.73
N TRP B 499 23.06 -2.01 -6.43
CA TRP B 499 22.07 -2.92 -5.83
C TRP B 499 22.62 -3.62 -4.60
N LEU B 500 23.85 -4.11 -4.68
CA LEU B 500 24.48 -4.77 -3.53
C LEU B 500 24.67 -3.79 -2.38
N PHE B 501 25.10 -2.56 -2.68
CA PHE B 501 25.26 -1.57 -1.62
C PHE B 501 23.91 -1.26 -0.97
N SER B 502 22.86 -1.16 -1.77
CA SER B 502 21.53 -0.89 -1.22
C SER B 502 21.06 -2.03 -0.33
N GLN B 503 21.31 -3.27 -0.73
CA GLN B 503 20.98 -4.42 0.11
C GLN B 503 21.70 -4.33 1.45
N LEU B 504 23.02 -4.12 1.41
CA LEU B 504 23.78 -4.03 2.66
C LEU B 504 23.29 -2.88 3.52
N TYR B 505 23.06 -1.72 2.91
CA TYR B 505 22.61 -0.53 3.62
C TYR B 505 21.28 -0.77 4.32
N LEU B 506 20.30 -1.26 3.58
CA LEU B 506 18.96 -1.47 4.15
C LEU B 506 18.98 -2.52 5.23
N TYR B 507 19.64 -3.66 4.98
CA TYR B 507 19.67 -4.72 5.98
C TYR B 507 20.38 -4.26 7.25
N SER B 508 21.53 -3.59 7.12
CA SER B 508 22.26 -3.12 8.28
C SER B 508 21.43 -2.12 9.08
N PHE B 509 20.82 -1.15 8.39
CA PHE B 509 20.03 -0.15 9.09
C PHE B 509 18.87 -0.79 9.84
N ILE B 510 18.08 -1.62 9.15
CA ILE B 510 16.90 -2.20 9.78
C ILE B 510 17.29 -3.08 10.96
N SER B 511 18.28 -3.94 10.77
CA SER B 511 18.72 -4.81 11.87
C SER B 511 19.19 -3.99 13.05
N LEU B 512 20.13 -3.06 12.82
CA LEU B 512 20.74 -2.30 13.90
C LEU B 512 19.71 -1.50 14.68
N PHE B 513 18.75 -0.87 13.99
CA PHE B 513 17.79 -0.04 14.71
C PHE B 513 16.64 -0.84 15.31
N ILE B 514 15.94 -1.63 14.49
CA ILE B 514 14.78 -2.34 14.99
C ILE B 514 15.17 -3.36 16.06
N TYR B 515 16.25 -4.11 15.84
CA TYR B 515 16.57 -5.20 16.74
C TYR B 515 17.36 -4.76 17.97
N MET B 516 17.97 -3.57 17.96
CA MET B 516 18.77 -3.11 19.09
C MET B 516 18.26 -1.83 19.71
N VAL B 517 17.99 -0.80 18.90
CA VAL B 517 17.63 0.51 19.45
C VAL B 517 16.27 0.46 20.13
N LEU B 518 15.28 -0.10 19.45
CA LEU B 518 13.94 -0.20 20.04
C LEU B 518 13.94 -1.12 21.24
N SER B 519 14.70 -2.22 21.16
CA SER B 519 14.81 -3.12 22.29
C SER B 519 15.42 -2.42 23.50
N LEU B 520 16.42 -1.57 23.28
CA LEU B 520 17.00 -0.81 24.38
C LEU B 520 16.04 0.23 24.92
N PHE B 521 15.21 0.83 24.05
CA PHE B 521 14.18 1.75 24.54
C PHE B 521 13.22 1.04 25.47
N ILE B 522 12.73 -0.13 25.04
CA ILE B 522 11.83 -0.92 25.88
C ILE B 522 12.53 -1.31 27.18
N ALA B 523 13.81 -1.68 27.09
CA ALA B 523 14.55 -2.06 28.29
C ALA B 523 14.68 -0.91 29.27
N LEU B 524 14.96 0.30 28.76
CA LEU B 524 15.09 1.47 29.63
C LEU B 524 13.78 1.78 30.33
N ILE B 525 12.67 1.80 29.59
CA ILE B 525 11.40 2.14 30.23
C ILE B 525 10.96 1.03 31.19
N THR B 526 11.25 -0.23 30.92
CA THR B 526 10.87 -1.23 31.95
C THR B 526 11.64 -0.97 33.24
N GLY B 527 12.89 -0.51 33.13
CA GLY B 527 13.73 -0.23 34.31
C GLY B 527 13.08 0.82 35.20
N ALA B 528 12.58 1.91 34.60
CA ALA B 528 11.91 2.97 35.36
C ALA B 528 10.66 2.43 36.04
N TYR B 529 9.88 1.60 35.35
CA TYR B 529 8.68 0.98 35.95
C TYR B 529 9.11 0.22 37.22
N ASP B 530 10.17 -0.60 37.10
CA ASP B 530 10.64 -1.37 38.28
C ASP B 530 11.09 -0.41 39.38
N THR B 531 11.83 0.64 39.06
CA THR B 531 12.32 1.60 40.07
C THR B 531 11.15 2.21 40.81
N ILE B 532 10.07 2.56 40.11
CA ILE B 532 8.92 3.26 40.77
C ILE B 532 8.15 2.24 41.62
N LYS B 533 8.06 0.99 41.16
CA LYS B 533 7.38 -0.05 41.99
C LYS B 533 8.28 -0.42 43.20
N HIS B 534 9.56 -0.04 43.18
CA HIS B 534 10.46 -0.28 44.36
C HIS B 534 10.70 1.02 45.15
N GLY C 68 49.37 17.74 31.16
CA GLY C 68 49.00 19.05 30.64
C GLY C 68 47.67 19.04 29.91
N ARG C 69 47.35 20.17 29.27
CA ARG C 69 46.11 20.34 28.53
C ARG C 69 46.43 20.38 27.04
N LYS C 70 45.79 19.49 26.27
CA LYS C 70 46.02 19.44 24.83
C LYS C 70 44.82 18.86 24.11
N PRO C 71 43.74 19.63 23.93
CA PRO C 71 42.57 19.13 23.21
C PRO C 71 42.68 19.35 21.71
N CYS C 72 43.88 19.65 21.23
CA CYS C 72 44.07 20.00 19.82
C CYS C 72 43.68 18.86 18.89
N LYS C 73 44.04 17.63 19.24
CA LYS C 73 43.68 16.49 18.39
C LYS C 73 42.18 16.29 18.35
N LEU C 74 41.50 16.50 19.49
CA LEU C 74 40.05 16.36 19.51
C LEU C 74 39.38 17.42 18.66
N MET C 75 39.95 18.63 18.60
CA MET C 75 39.41 19.70 17.78
C MET C 75 39.39 19.31 16.30
N LEU C 76 40.46 18.66 15.84
CA LEU C 76 40.61 18.36 14.41
C LEU C 76 39.45 17.54 13.87
N GLN C 77 38.99 16.54 14.62
CA GLN C 77 37.99 15.63 14.09
C GLN C 77 36.62 16.26 13.95
N VAL C 78 36.31 17.29 14.74
CA VAL C 78 35.02 17.97 14.59
C VAL C 78 35.00 18.81 13.31
N VAL C 79 36.10 19.52 13.03
CA VAL C 79 36.19 20.25 11.76
C VAL C 79 36.16 19.26 10.60
N LYS C 80 36.74 18.08 10.79
CA LYS C 80 36.68 17.04 9.76
C LYS C 80 35.24 16.63 9.48
N ILE C 81 34.47 16.37 10.55
CA ILE C 81 33.07 16.01 10.36
C ILE C 81 32.33 17.12 9.63
N LEU C 82 32.59 18.37 10.01
CA LEU C 82 31.92 19.50 9.39
C LEU C 82 32.22 19.58 7.89
N VAL C 83 33.50 19.46 7.52
CA VAL C 83 33.88 19.66 6.12
C VAL C 83 33.38 18.50 5.27
N VAL C 84 33.48 17.26 5.76
CA VAL C 84 32.98 16.13 4.98
C VAL C 84 31.47 16.22 4.80
N THR C 85 30.75 16.71 5.82
CA THR C 85 29.31 16.86 5.68
C THR C 85 28.96 17.92 4.64
N VAL C 86 29.65 19.07 4.66
CA VAL C 86 29.37 20.11 3.67
C VAL C 86 29.70 19.61 2.27
N GLN C 87 30.83 18.93 2.12
CA GLN C 87 31.23 18.41 0.81
C GLN C 87 30.20 17.42 0.27
N LEU C 88 29.72 16.52 1.14
CA LEU C 88 28.72 15.56 0.72
C LEU C 88 27.43 16.26 0.30
N ILE C 89 27.02 17.30 1.05
CA ILE C 89 25.79 18.01 0.71
C ILE C 89 25.91 18.69 -0.66
N LEU C 90 27.04 19.36 -0.91
CA LEU C 90 27.23 20.03 -2.20
C LEU C 90 27.23 19.03 -3.34
N PHE C 91 27.98 17.93 -3.19
CA PHE C 91 28.04 16.93 -4.24
C PHE C 91 26.67 16.32 -4.50
N GLY C 92 25.91 16.06 -3.43
CA GLY C 92 24.57 15.51 -3.59
C GLY C 92 23.65 16.45 -4.33
N LEU C 93 23.71 17.75 -4.02
CA LEU C 93 22.86 18.70 -4.74
C LEU C 93 23.19 18.71 -6.22
N SER C 94 24.47 18.79 -6.57
CA SER C 94 24.86 18.80 -7.98
C SER C 94 24.43 17.51 -8.68
N ASN C 95 24.64 16.37 -8.04
CA ASN C 95 24.31 15.09 -8.65
C ASN C 95 22.81 14.94 -8.83
N GLN C 96 22.02 15.43 -7.87
CA GLN C 96 20.57 15.42 -8.02
C GLN C 96 20.13 16.25 -9.23
N LEU C 97 20.73 17.42 -9.40
CA LEU C 97 20.38 18.24 -10.58
C LEU C 97 20.68 17.48 -11.87
N ALA C 98 21.87 16.89 -11.96
CA ALA C 98 22.24 16.17 -13.19
C ALA C 98 21.33 14.97 -13.43
N VAL C 99 20.96 14.26 -12.37
CA VAL C 99 20.12 13.07 -12.51
C VAL C 99 18.71 13.46 -12.91
N THR C 100 18.19 14.56 -12.38
CA THR C 100 16.88 15.06 -12.80
C THR C 100 16.90 15.40 -14.29
N PHE C 101 17.96 16.06 -14.76
CA PHE C 101 18.04 16.39 -16.17
C PHE C 101 18.04 15.12 -17.02
N ARG C 102 18.84 14.12 -16.64
CA ARG C 102 18.91 12.88 -17.42
C ARG C 102 17.56 12.18 -17.44
N GLU C 103 16.89 12.10 -16.28
CA GLU C 103 15.62 11.38 -16.20
C GLU C 103 14.54 12.07 -17.03
N GLU C 104 14.46 13.40 -16.97
CA GLU C 104 13.48 14.10 -17.79
C GLU C 104 13.75 13.93 -19.27
N ASN C 105 15.03 13.94 -19.67
CA ASN C 105 15.35 13.71 -21.07
C ASN C 105 14.92 12.31 -21.50
N THR C 106 15.15 11.30 -20.65
CA THR C 106 14.76 9.94 -20.99
C THR C 106 13.24 9.81 -21.10
N ILE C 107 12.50 10.44 -20.19
CA ILE C 107 11.04 10.38 -20.26
C ILE C 107 10.53 11.03 -21.55
N ALA C 108 11.10 12.19 -21.90
CA ALA C 108 10.73 12.83 -23.15
C ALA C 108 11.05 11.95 -24.35
N PHE C 109 12.19 11.24 -24.30
CA PHE C 109 12.54 10.33 -25.39
C PHE C 109 11.52 9.21 -25.53
N ARG C 110 11.10 8.62 -24.41
CA ARG C 110 10.08 7.57 -24.48
C ARG C 110 8.79 8.11 -25.08
N HIS C 111 8.34 9.28 -24.61
CA HIS C 111 7.10 9.84 -25.14
C HIS C 111 7.21 10.18 -26.62
N LEU C 112 8.40 10.57 -27.07
CA LEU C 112 8.57 10.92 -28.48
C LEU C 112 8.65 9.70 -29.38
N PHE C 113 9.31 8.63 -28.92
CA PHE C 113 9.68 7.55 -29.83
C PHE C 113 8.89 6.26 -29.64
N LEU C 114 8.17 6.08 -28.54
CA LEU C 114 7.39 4.88 -28.32
C LEU C 114 5.94 5.13 -28.70
N LEU C 115 5.44 4.37 -29.67
CA LEU C 115 4.10 4.58 -30.18
C LEU C 115 3.06 4.13 -29.15
N GLY C 116 2.12 5.01 -28.85
CA GLY C 116 1.07 4.69 -27.88
C GLY C 116 1.59 4.45 -26.48
N TYR C 117 2.59 5.21 -26.07
CA TYR C 117 3.19 5.05 -24.74
C TYR C 117 2.52 5.98 -23.75
N SER C 118 2.27 5.46 -22.56
CA SER C 118 1.67 6.23 -21.46
C SER C 118 2.52 6.06 -20.21
N ASP C 119 2.48 7.08 -19.34
CA ASP C 119 3.23 7.04 -18.10
C ASP C 119 2.73 5.90 -17.21
N GLY C 120 3.66 5.14 -16.66
CA GLY C 120 3.36 4.01 -15.80
C GLY C 120 3.35 2.67 -16.52
N ALA C 121 3.26 2.67 -17.85
CA ALA C 121 3.27 1.44 -18.62
C ALA C 121 4.69 1.22 -19.16
N ASP C 122 5.58 0.80 -18.26
CA ASP C 122 6.98 0.55 -18.60
C ASP C 122 7.32 -0.93 -18.68
N ASP C 123 6.85 -1.73 -17.73
CA ASP C 123 7.11 -3.16 -17.73
C ASP C 123 6.10 -3.95 -18.55
N THR C 124 4.88 -3.44 -18.69
CA THR C 124 3.85 -4.11 -19.47
C THR C 124 3.77 -3.62 -20.91
N PHE C 125 4.61 -2.67 -21.30
CA PHE C 125 4.60 -2.15 -22.67
C PHE C 125 5.21 -3.17 -23.61
N ALA C 126 4.40 -3.70 -24.53
CA ALA C 126 4.85 -4.75 -25.42
C ALA C 126 3.99 -4.76 -26.67
N ALA C 127 4.48 -5.43 -27.70
CA ALA C 127 3.76 -5.64 -28.93
C ALA C 127 3.25 -7.07 -29.00
N TYR C 128 2.12 -7.26 -29.67
CA TYR C 128 1.48 -8.56 -29.76
C TYR C 128 1.14 -9.01 -31.17
N THR C 129 1.17 -8.11 -32.16
CA THR C 129 0.90 -8.47 -33.54
C THR C 129 2.03 -7.97 -34.44
N ARG C 130 2.14 -8.62 -35.60
CA ARG C 130 3.14 -8.22 -36.59
C ARG C 130 2.92 -6.79 -37.04
N GLU C 131 1.65 -6.42 -37.27
CA GLU C 131 1.32 -5.05 -37.64
C GLU C 131 1.72 -4.07 -36.54
N GLN C 132 1.47 -4.44 -35.29
CA GLN C 132 1.87 -3.58 -34.17
C GLN C 132 3.37 -3.37 -34.14
N LEU C 133 4.15 -4.45 -34.34
CA LEU C 133 5.61 -4.33 -34.32
C LEU C 133 6.09 -3.45 -35.47
N TYR C 134 5.55 -3.66 -36.67
CA TYR C 134 5.92 -2.83 -37.81
C TYR C 134 5.61 -1.37 -37.55
N GLN C 135 4.41 -1.09 -37.03
CA GLN C 135 4.04 0.30 -36.75
C GLN C 135 4.94 0.93 -35.70
N ALA C 136 5.29 0.17 -34.66
CA ALA C 136 6.17 0.71 -33.62
C ALA C 136 7.54 1.07 -34.20
N ILE C 137 8.12 0.16 -34.98
CA ILE C 137 9.45 0.42 -35.55
C ILE C 137 9.40 1.62 -36.49
N PHE C 138 8.40 1.65 -37.39
CA PHE C 138 8.31 2.74 -38.35
C PHE C 138 8.05 4.07 -37.66
N HIS C 139 7.22 4.07 -36.63
CA HIS C 139 6.96 5.30 -35.88
C HIS C 139 8.22 5.80 -35.19
N ALA C 140 9.01 4.89 -34.62
CA ALA C 140 10.26 5.31 -34.00
C ALA C 140 11.19 5.96 -35.02
N VAL C 141 11.34 5.33 -36.19
CA VAL C 141 12.23 5.88 -37.21
C VAL C 141 11.72 7.23 -37.72
N ASP C 142 10.42 7.33 -37.98
CA ASP C 142 9.86 8.58 -38.49
C ASP C 142 9.97 9.71 -37.47
N GLN C 143 9.75 9.40 -36.18
CA GLN C 143 9.91 10.41 -35.16
C GLN C 143 11.36 10.82 -35.01
N TYR C 144 12.31 9.90 -35.24
CA TYR C 144 13.71 10.29 -35.32
C TYR C 144 13.94 11.25 -36.48
N LEU C 145 13.30 11.00 -37.62
CA LEU C 145 13.52 11.85 -38.79
C LEU C 145 12.87 13.23 -38.63
N ALA C 146 11.77 13.33 -37.88
CA ALA C 146 11.04 14.57 -37.71
C ALA C 146 11.37 15.28 -36.40
N LEU C 147 12.43 14.85 -35.71
CA LEU C 147 12.75 15.39 -34.40
C LEU C 147 13.00 16.90 -34.41
N PRO C 148 13.82 17.46 -35.31
CA PRO C 148 14.05 18.91 -35.27
C PRO C 148 12.78 19.73 -35.50
N ASP C 149 11.76 19.15 -36.12
CA ASP C 149 10.51 19.85 -36.36
C ASP C 149 9.51 19.67 -35.23
N VAL C 150 9.49 18.52 -34.57
CA VAL C 150 8.42 18.23 -33.62
C VAL C 150 8.87 18.39 -32.17
N SER C 151 10.16 18.27 -31.92
CA SER C 151 10.65 18.18 -30.55
C SER C 151 10.73 19.54 -29.88
N LEU C 152 10.72 19.51 -28.54
CA LEU C 152 10.85 20.70 -27.71
C LEU C 152 12.22 20.83 -27.05
N GLY C 153 13.21 20.06 -27.50
CA GLY C 153 14.43 19.94 -26.73
C GLY C 153 15.74 20.34 -27.39
N ARG C 154 15.69 20.83 -28.63
CA ARG C 154 16.88 21.32 -29.34
C ARG C 154 18.00 20.27 -29.32
N TYR C 155 17.72 19.17 -30.02
CA TYR C 155 18.67 18.07 -30.13
C TYR C 155 19.39 18.11 -31.48
N ALA C 156 20.64 17.66 -31.47
CA ALA C 156 21.48 17.64 -32.66
C ALA C 156 21.85 16.20 -33.01
N TYR C 157 22.00 15.94 -34.31
CA TYR C 157 22.43 14.63 -34.77
C TYR C 157 23.95 14.49 -34.61
N VAL C 158 24.42 13.25 -34.75
CA VAL C 158 25.83 12.96 -34.53
C VAL C 158 26.53 12.45 -35.77
N ARG C 159 25.82 11.95 -36.78
CA ARG C 159 26.42 11.39 -37.99
C ARG C 159 27.42 10.30 -37.61
N GLY C 160 26.90 9.23 -37.01
CA GLY C 160 27.69 8.21 -36.35
C GLY C 160 28.90 7.68 -37.09
N GLY C 161 29.93 7.33 -36.34
CA GLY C 161 31.13 6.72 -36.89
C GLY C 161 31.67 5.62 -36.01
N GLY C 162 30.82 5.06 -35.17
CA GLY C 162 31.20 4.00 -34.25
C GLY C 162 31.00 2.61 -34.81
N ASP C 163 30.73 1.66 -33.92
CA ASP C 163 30.55 0.27 -34.34
C ASP C 163 29.16 0.02 -34.92
N PRO C 164 28.07 0.41 -34.24
CA PRO C 164 26.74 0.16 -34.83
C PRO C 164 26.51 0.94 -36.11
N TRP C 165 27.05 2.15 -36.23
CA TRP C 165 26.77 3.05 -37.34
C TRP C 165 27.93 3.06 -38.33
N THR C 166 27.61 2.95 -39.61
CA THR C 166 28.61 3.12 -40.65
C THR C 166 29.02 4.59 -40.75
N ASN C 167 30.02 4.85 -41.60
CA ASN C 167 30.58 6.19 -41.72
C ASN C 167 29.59 7.09 -42.44
N GLY C 168 28.79 7.82 -41.66
CA GLY C 168 27.84 8.76 -42.23
C GLY C 168 26.39 8.37 -42.05
N SER C 169 26.07 7.69 -40.95
CA SER C 169 24.70 7.31 -40.65
C SER C 169 24.39 7.63 -39.19
N GLY C 170 23.18 8.13 -38.95
CA GLY C 170 22.79 8.52 -37.61
C GLY C 170 22.03 7.44 -36.85
N LEU C 171 21.18 6.69 -37.54
CA LEU C 171 20.35 5.67 -36.92
C LEU C 171 20.65 4.31 -37.53
N ALA C 172 20.75 3.30 -36.66
CA ALA C 172 21.02 1.93 -37.09
C ALA C 172 19.86 1.04 -36.66
N LEU C 173 19.16 0.48 -37.62
CA LEU C 173 18.08 -0.48 -37.39
C LEU C 173 18.59 -1.88 -37.72
N CYS C 174 18.63 -2.75 -36.72
CA CYS C 174 19.30 -4.04 -36.85
C CYS C 174 18.40 -5.16 -36.36
N GLN C 175 18.19 -6.16 -37.22
CA GLN C 175 17.63 -7.42 -36.75
C GLN C 175 18.73 -8.30 -36.15
N ARG C 176 18.29 -9.35 -35.48
CA ARG C 176 19.20 -10.37 -34.94
C ARG C 176 18.43 -11.68 -34.90
N TYR C 177 18.82 -12.63 -35.74
CA TYR C 177 18.08 -13.86 -35.91
C TYR C 177 19.06 -15.02 -36.11
N TYR C 178 18.54 -16.23 -35.97
CA TYR C 178 19.34 -17.43 -36.11
C TYR C 178 19.76 -17.62 -37.57
N HIS C 179 20.93 -18.23 -37.76
CA HIS C 179 21.43 -18.46 -39.11
C HIS C 179 20.58 -19.49 -39.84
N ARG C 180 20.34 -20.63 -39.20
CA ARG C 180 19.46 -21.67 -39.74
C ARG C 180 18.35 -21.92 -38.73
N GLY C 181 17.14 -21.49 -39.08
CA GLY C 181 16.00 -21.73 -38.22
C GLY C 181 14.78 -22.24 -38.96
N HIS C 182 14.35 -23.46 -38.64
CA HIS C 182 13.15 -24.06 -39.22
C HIS C 182 12.34 -24.67 -38.08
N VAL C 183 11.24 -24.00 -37.71
CA VAL C 183 10.34 -24.49 -36.67
C VAL C 183 9.04 -24.90 -37.32
N ASP C 184 8.69 -26.17 -37.20
CA ASP C 184 7.46 -26.72 -37.76
C ASP C 184 6.79 -27.45 -36.61
N PRO C 185 6.04 -26.72 -35.76
CA PRO C 185 5.36 -27.35 -34.61
C PRO C 185 4.34 -28.41 -34.99
N ALA C 186 3.82 -28.34 -36.22
CA ALA C 186 2.73 -29.22 -36.65
C ALA C 186 3.19 -30.61 -37.04
N ASN C 187 4.47 -30.78 -37.36
CA ASN C 187 5.06 -32.10 -37.53
C ASN C 187 5.90 -32.51 -36.34
N ASP C 188 5.95 -31.65 -35.31
CA ASP C 188 6.78 -31.85 -34.14
C ASP C 188 8.25 -32.07 -34.50
N THR C 189 8.70 -31.34 -35.54
CA THR C 189 10.08 -31.41 -36.00
C THR C 189 10.62 -29.99 -36.15
N PHE C 190 11.94 -29.89 -36.06
CA PHE C 190 12.63 -28.62 -36.22
C PHE C 190 14.13 -28.90 -36.35
N ASP C 191 14.82 -27.97 -37.00
CA ASP C 191 16.29 -27.96 -36.99
C ASP C 191 16.75 -26.51 -36.86
N ILE C 192 17.63 -26.26 -35.89
CA ILE C 192 18.08 -24.92 -35.55
C ILE C 192 19.59 -24.93 -35.39
N ASP C 193 20.25 -23.92 -35.96
CA ASP C 193 21.66 -23.68 -35.73
C ASP C 193 21.80 -22.42 -34.89
N PRO C 194 22.04 -22.53 -33.58
CA PRO C 194 22.10 -21.33 -32.74
C PRO C 194 23.31 -20.47 -33.05
N MET C 195 23.09 -19.41 -33.82
CA MET C 195 24.13 -18.45 -34.16
C MET C 195 23.48 -17.17 -34.67
N VAL C 196 23.77 -16.04 -34.03
CA VAL C 196 23.02 -14.82 -34.29
C VAL C 196 23.57 -14.14 -35.54
N VAL C 197 22.73 -14.04 -36.56
CA VAL C 197 23.05 -13.28 -37.78
C VAL C 197 22.43 -11.90 -37.65
N THR C 198 23.22 -10.86 -37.94
CA THR C 198 22.79 -9.48 -37.77
C THR C 198 22.83 -8.77 -39.12
N ASP C 199 21.69 -8.25 -39.54
CA ASP C 199 21.59 -7.41 -40.74
C ASP C 199 21.05 -6.06 -40.33
N CYS C 200 21.77 -4.99 -40.69
CA CYS C 200 21.45 -3.64 -40.27
C CYS C 200 21.12 -2.76 -41.45
N ILE C 201 20.15 -1.86 -41.24
CA ILE C 201 19.81 -0.81 -42.19
C ILE C 201 20.27 0.51 -41.60
N GLN C 202 20.99 1.30 -42.40
CA GLN C 202 21.56 2.56 -41.95
C GLN C 202 20.70 3.72 -42.48
N VAL C 203 20.33 4.62 -41.58
CA VAL C 203 19.52 5.79 -41.92
C VAL C 203 20.32 7.03 -41.60
N ASP C 204 20.42 7.94 -42.58
CA ASP C 204 21.12 9.20 -42.36
C ASP C 204 20.11 10.33 -42.31
N PRO C 205 20.24 11.25 -41.35
CA PRO C 205 19.23 12.30 -41.19
C PRO C 205 19.44 13.42 -42.19
N PRO C 206 18.36 13.92 -42.80
CA PRO C 206 18.49 15.11 -43.64
C PRO C 206 18.94 16.31 -42.82
N GLU C 207 19.69 17.20 -43.47
CA GLU C 207 20.26 18.37 -42.81
C GLU C 207 19.34 19.58 -42.84
N ARG C 208 18.12 19.44 -43.36
CA ARG C 208 17.16 20.54 -43.46
C ARG C 208 17.74 21.72 -44.24
N SER C 224 16.14 5.26 -46.65
CA SER C 224 15.12 5.30 -47.70
C SER C 224 14.41 3.94 -47.81
N SER C 225 15.17 2.87 -47.60
CA SER C 225 14.65 1.51 -47.73
C SER C 225 14.34 0.87 -46.37
N TYR C 226 14.24 1.67 -45.31
CA TYR C 226 13.88 1.11 -44.01
C TYR C 226 12.42 0.70 -43.95
N LYS C 227 11.57 1.24 -44.84
CA LYS C 227 10.18 0.83 -44.92
C LYS C 227 10.00 -0.54 -45.59
N ASN C 228 11.05 -1.08 -46.21
CA ASN C 228 11.01 -2.39 -46.84
C ASN C 228 11.52 -3.48 -45.92
N LEU C 229 11.63 -3.20 -44.63
CA LEU C 229 12.21 -4.14 -43.68
C LEU C 229 11.31 -5.37 -43.51
N THR C 230 11.91 -6.55 -43.54
CA THR C 230 11.22 -7.81 -43.28
C THR C 230 11.85 -8.45 -42.05
N LEU C 231 11.01 -8.84 -41.09
CA LEU C 231 11.50 -9.15 -39.75
C LEU C 231 11.92 -10.59 -39.55
N LYS C 232 11.43 -11.53 -40.38
CA LYS C 232 11.75 -12.95 -40.23
C LYS C 232 11.35 -13.44 -38.82
N PHE C 233 10.05 -13.39 -38.58
CA PHE C 233 9.52 -13.50 -37.22
C PHE C 233 9.84 -14.85 -36.58
N HIS C 234 9.82 -15.93 -37.36
CA HIS C 234 10.06 -17.25 -36.80
C HIS C 234 11.48 -17.38 -36.26
N LYS C 235 12.47 -16.83 -36.97
CA LYS C 235 13.85 -16.87 -36.52
C LYS C 235 14.25 -15.67 -35.66
N LEU C 236 13.36 -14.69 -35.48
CA LEU C 236 13.72 -13.44 -34.83
C LEU C 236 14.11 -13.66 -33.37
N VAL C 237 15.16 -12.96 -32.94
CA VAL C 237 15.59 -12.94 -31.56
C VAL C 237 15.34 -11.57 -30.91
N ASN C 238 15.78 -10.50 -31.57
CA ASN C 238 15.49 -9.15 -31.09
C ASN C 238 15.67 -8.16 -32.24
N VAL C 239 15.07 -6.99 -32.07
CA VAL C 239 15.23 -5.87 -32.98
C VAL C 239 15.63 -4.65 -32.14
N THR C 240 16.67 -3.95 -32.58
CA THR C 240 17.19 -2.80 -31.84
C THR C 240 17.35 -1.61 -32.76
N ILE C 241 17.15 -0.42 -32.19
CA ILE C 241 17.35 0.85 -32.89
C ILE C 241 18.38 1.65 -32.09
N HIS C 242 19.43 2.08 -32.77
CA HIS C 242 20.54 2.80 -32.13
C HIS C 242 20.69 4.18 -32.77
N PHE C 243 20.71 5.21 -31.95
CA PHE C 243 21.03 6.56 -32.39
C PHE C 243 21.48 7.38 -31.20
N ARG C 244 22.13 8.50 -31.48
CA ARG C 244 22.65 9.37 -30.44
C ARG C 244 22.17 10.80 -30.66
N LEU C 245 22.05 11.55 -29.56
CA LEU C 245 21.53 12.90 -29.58
C LEU C 245 22.42 13.78 -28.72
N LYS C 246 22.74 14.97 -29.21
CA LYS C 246 23.56 15.94 -28.50
C LYS C 246 22.69 17.11 -28.06
N THR C 247 22.80 17.48 -26.78
CA THR C 247 22.04 18.59 -26.22
C THR C 247 22.93 19.38 -25.27
N ILE C 248 22.48 20.56 -24.90
CA ILE C 248 23.18 21.45 -23.99
C ILE C 248 22.34 21.57 -22.72
N ASN C 249 22.95 21.28 -21.57
CA ASN C 249 22.26 21.37 -20.29
C ASN C 249 22.20 22.83 -19.87
N LEU C 250 21.00 23.42 -19.92
CA LEU C 250 20.81 24.81 -19.55
C LEU C 250 20.32 24.99 -18.12
N GLN C 251 20.11 23.90 -17.38
CA GLN C 251 19.76 24.02 -15.97
C GLN C 251 20.92 24.58 -15.15
N SER C 252 22.15 24.31 -15.59
CA SER C 252 23.33 24.76 -14.86
C SER C 252 23.50 26.27 -14.85
N LEU C 253 22.73 27.00 -15.66
CA LEU C 253 22.67 28.45 -15.50
C LEU C 253 22.24 28.82 -14.09
N ILE C 254 21.36 28.03 -13.49
CA ILE C 254 21.09 28.09 -12.06
C ILE C 254 22.22 27.34 -11.34
N ASN C 255 22.60 27.84 -10.17
CA ASN C 255 23.76 27.41 -9.37
C ASN C 255 25.04 27.98 -9.97
N ASN C 256 24.94 28.85 -10.97
CA ASN C 256 26.09 29.57 -11.54
C ASN C 256 27.15 28.62 -12.08
N GLU C 257 26.71 27.55 -12.73
CA GLU C 257 27.62 26.62 -13.40
C GLU C 257 27.63 26.88 -14.90
N ILE C 258 28.73 26.49 -15.52
CA ILE C 258 28.86 26.60 -16.99
C ILE C 258 28.10 25.46 -17.63
N PRO C 259 27.24 25.72 -18.62
CA PRO C 259 26.45 24.66 -19.25
C PRO C 259 27.31 23.53 -19.79
N ASP C 260 26.79 22.31 -19.65
CA ASP C 260 27.48 21.09 -20.02
C ASP C 260 26.95 20.57 -21.36
N CYS C 261 27.81 19.89 -22.10
CA CYS C 261 27.45 19.29 -23.38
C CYS C 261 27.14 17.82 -23.14
N TYR C 262 25.86 17.45 -23.29
CA TYR C 262 25.41 16.07 -23.11
C TYR C 262 25.28 15.37 -24.45
N THR C 263 25.62 14.08 -24.46
CA THR C 263 25.39 13.19 -25.60
C THR C 263 24.65 11.97 -25.09
N PHE C 264 23.39 11.82 -25.51
CA PHE C 264 22.56 10.70 -25.09
C PHE C 264 22.61 9.60 -26.14
N SER C 265 23.03 8.41 -25.74
CA SER C 265 22.93 7.23 -26.58
C SER C 265 21.63 6.52 -26.28
N VAL C 266 20.77 6.38 -27.28
CA VAL C 266 19.42 5.86 -27.12
C VAL C 266 19.34 4.48 -27.75
N LEU C 267 18.85 3.51 -26.99
CA LEU C 267 18.64 2.15 -27.46
C LEU C 267 17.20 1.76 -27.25
N ILE C 268 16.50 1.43 -28.34
CA ILE C 268 15.14 0.90 -28.31
C ILE C 268 15.20 -0.57 -28.67
N THR C 269 14.80 -1.42 -27.74
CA THR C 269 14.91 -2.87 -27.92
C THR C 269 13.53 -3.49 -28.05
N PHE C 270 13.35 -4.30 -29.09
CA PHE C 270 12.17 -5.15 -29.26
C PHE C 270 12.65 -6.58 -29.07
N ASP C 271 12.41 -7.13 -27.88
CA ASP C 271 13.03 -8.37 -27.45
C ASP C 271 12.08 -9.54 -27.65
N ASN C 272 12.51 -10.53 -28.44
CA ASN C 272 11.75 -11.74 -28.69
C ASN C 272 12.56 -12.97 -28.28
N LYS C 273 13.29 -12.87 -27.17
CA LYS C 273 14.13 -13.97 -26.73
C LYS C 273 13.33 -15.11 -26.12
N ALA C 274 12.08 -14.86 -25.70
CA ALA C 274 11.25 -15.89 -25.10
C ALA C 274 10.40 -16.64 -26.12
N HIS C 275 10.24 -16.10 -27.33
CA HIS C 275 9.43 -16.70 -28.39
C HIS C 275 8.07 -17.13 -27.87
N SER C 276 7.42 -16.23 -27.11
CA SER C 276 6.15 -16.53 -26.46
C SER C 276 4.98 -15.77 -27.09
N GLY C 277 5.22 -15.04 -28.18
CA GLY C 277 4.19 -14.24 -28.81
C GLY C 277 4.05 -12.85 -28.25
N ARG C 278 4.76 -12.52 -27.16
CA ARG C 278 4.72 -11.21 -26.54
C ARG C 278 6.12 -10.61 -26.58
N ILE C 279 6.26 -9.49 -27.27
CA ILE C 279 7.56 -8.86 -27.47
C ILE C 279 7.64 -7.55 -26.69
N PRO C 280 8.32 -7.53 -25.54
CA PRO C 280 8.44 -6.27 -24.78
C PRO C 280 9.22 -5.21 -25.56
N ILE C 281 8.84 -3.96 -25.33
CA ILE C 281 9.49 -2.80 -25.95
C ILE C 281 9.99 -1.89 -24.84
N SER C 282 11.28 -1.60 -24.85
CA SER C 282 11.89 -0.75 -23.84
C SER C 282 12.83 0.26 -24.50
N LEU C 283 12.99 1.41 -23.85
CA LEU C 283 13.91 2.44 -24.31
C LEU C 283 14.87 2.78 -23.17
N GLU C 284 16.16 2.63 -23.42
CA GLU C 284 17.19 2.94 -22.45
C GLU C 284 18.16 3.98 -23.02
N THR C 285 18.67 4.84 -22.14
CA THR C 285 19.59 5.89 -22.53
C THR C 285 20.86 5.82 -21.70
N GLN C 286 21.98 6.23 -22.31
CA GLN C 286 23.25 6.37 -21.63
C GLN C 286 23.84 7.73 -21.98
N ALA C 287 24.06 8.57 -20.97
CA ALA C 287 24.52 9.94 -21.19
C ALA C 287 26.03 10.03 -21.04
N HIS C 288 26.68 10.67 -22.00
CA HIS C 288 28.12 10.95 -21.95
C HIS C 288 28.30 12.47 -21.82
N ILE C 289 28.72 12.91 -20.65
CA ILE C 289 28.89 14.34 -20.38
C ILE C 289 30.29 14.77 -20.80
N GLN C 290 30.37 15.86 -21.55
CA GLN C 290 31.64 16.45 -21.95
C GLN C 290 31.54 17.96 -21.80
N GLU C 291 32.67 18.63 -21.95
CA GLU C 291 32.71 20.07 -21.91
C GLU C 291 32.36 20.66 -23.28
N CYS C 292 31.96 21.93 -23.29
CA CYS C 292 31.55 22.61 -24.49
C CYS C 292 32.69 23.48 -25.01
N LYS C 293 32.90 23.46 -26.33
CA LYS C 293 34.09 24.05 -26.92
C LYS C 293 34.17 25.56 -26.67
N HIS C 294 33.05 26.27 -26.86
CA HIS C 294 33.02 27.72 -26.68
C HIS C 294 31.88 28.07 -25.71
N PRO C 295 32.09 27.86 -24.41
CA PRO C 295 31.07 28.19 -23.41
C PRO C 295 31.16 29.63 -22.89
N SER C 296 30.69 30.57 -23.71
CA SER C 296 30.70 31.99 -23.36
C SER C 296 29.34 32.35 -22.74
N VAL C 297 29.34 32.67 -21.44
CA VAL C 297 28.13 33.03 -20.72
C VAL C 297 28.39 34.37 -20.04
N PHE C 298 28.09 35.46 -20.75
CA PHE C 298 28.03 36.83 -20.22
C PHE C 298 29.11 37.12 -19.18
N GLN C 299 28.71 37.23 -17.92
CA GLN C 299 29.63 37.49 -16.81
C GLN C 299 29.69 36.22 -15.96
N HIS C 300 30.59 35.32 -16.33
CA HIS C 300 30.77 34.07 -15.60
C HIS C 300 32.10 33.42 -15.99
N SER C 304 36.18 28.19 -8.42
CA SER C 304 37.34 27.56 -7.81
C SER C 304 37.10 27.26 -6.33
N PHE C 305 35.98 27.79 -5.83
CA PHE C 305 35.62 27.54 -4.43
C PHE C 305 35.45 26.06 -4.15
N ARG C 306 34.80 25.34 -5.06
CA ARG C 306 34.58 23.90 -4.88
C ARG C 306 35.91 23.14 -4.86
N LEU C 307 36.80 23.47 -5.79
CA LEU C 307 38.10 22.79 -5.84
C LEU C 307 38.92 23.08 -4.59
N LEU C 308 38.93 24.34 -4.15
CA LEU C 308 39.69 24.67 -2.94
C LEU C 308 39.10 24.01 -1.70
N PHE C 309 37.77 23.91 -1.63
CA PHE C 309 37.14 23.21 -0.52
C PHE C 309 37.50 21.73 -0.53
N ASP C 310 37.55 21.12 -1.71
CA ASP C 310 37.98 19.73 -1.81
C ASP C 310 39.42 19.57 -1.34
N VAL C 311 40.29 20.52 -1.72
CA VAL C 311 41.68 20.47 -1.28
C VAL C 311 41.76 20.58 0.24
N VAL C 312 40.93 21.46 0.83
CA VAL C 312 40.92 21.62 2.29
C VAL C 312 40.49 20.33 2.96
N VAL C 313 39.45 19.67 2.42
CA VAL C 313 39.00 18.40 2.97
C VAL C 313 40.13 17.37 2.91
N ILE C 314 40.85 17.33 1.79
CA ILE C 314 41.96 16.39 1.65
C ILE C 314 43.03 16.67 2.71
N LEU C 315 43.35 17.95 2.92
CA LEU C 315 44.36 18.31 3.90
C LEU C 315 43.95 17.88 5.31
N THR C 316 42.71 18.19 5.70
CA THR C 316 42.27 17.82 7.04
C THR C 316 42.22 16.31 7.23
N CYS C 317 41.81 15.56 6.20
CA CYS C 317 41.79 14.12 6.35
C CYS C 317 43.18 13.51 6.34
N SER C 318 44.16 14.15 5.69
CA SER C 318 45.52 13.65 5.75
C SER C 318 46.14 13.91 7.11
N LEU C 319 45.85 15.08 7.71
CA LEU C 319 46.31 15.33 9.07
C LEU C 319 45.69 14.33 10.05
N SER C 320 44.39 14.06 9.91
CA SER C 320 43.74 13.08 10.79
C SER C 320 44.36 11.69 10.62
N PHE C 321 44.63 11.30 9.36
CA PHE C 321 45.28 10.02 9.11
C PHE C 321 46.65 9.96 9.78
N LEU C 322 47.43 11.04 9.66
CA LEU C 322 48.77 11.06 10.23
C LEU C 322 48.72 10.91 11.75
N LEU C 323 47.84 11.66 12.42
CA LEU C 323 47.77 11.57 13.87
C LEU C 323 47.27 10.19 14.32
N CYS C 324 46.28 9.63 13.62
CA CYS C 324 45.80 8.30 14.00
C CYS C 324 46.88 7.24 13.80
N ALA C 325 47.67 7.35 12.73
CA ALA C 325 48.76 6.41 12.52
C ALA C 325 49.81 6.53 13.61
N ARG C 326 50.15 7.76 14.00
CA ARG C 326 51.11 7.93 15.10
C ARG C 326 50.58 7.32 16.40
N SER C 327 49.29 7.52 16.68
CA SER C 327 48.71 6.95 17.89
C SER C 327 48.74 5.43 17.86
N LEU C 328 48.46 4.83 16.70
CA LEU C 328 48.57 3.39 16.58
C LEU C 328 50.01 2.90 16.78
N LEU C 329 50.98 3.67 16.30
CA LEU C 329 52.38 3.30 16.52
C LEU C 329 52.71 3.32 18.00
N ARG C 330 52.27 4.35 18.71
CA ARG C 330 52.48 4.40 20.16
C ARG C 330 51.80 3.24 20.86
N GLY C 331 50.58 2.91 20.43
CA GLY C 331 49.87 1.78 21.01
C GLY C 331 50.62 0.47 20.85
N PHE C 332 51.15 0.23 19.64
CA PHE C 332 51.91 -1.00 19.41
C PHE C 332 53.20 -1.01 20.21
N LEU C 333 53.88 0.14 20.33
CA LEU C 333 55.08 0.20 21.15
C LEU C 333 54.78 -0.18 22.60
N LEU C 334 53.69 0.38 23.15
CA LEU C 334 53.31 0.04 24.52
C LEU C 334 52.87 -1.41 24.62
N GLN C 335 52.27 -1.96 23.57
CA GLN C 335 51.89 -3.37 23.59
C GLN C 335 53.14 -4.26 23.70
N ASN C 336 54.18 -3.95 22.94
CA ASN C 336 55.42 -4.73 23.07
C ASN C 336 56.06 -4.52 24.44
N GLU C 337 56.02 -3.30 24.96
CA GLU C 337 56.64 -3.03 26.27
C GLU C 337 55.91 -3.77 27.39
N PHE C 338 54.57 -3.86 27.32
CA PHE C 338 53.83 -4.59 28.34
C PHE C 338 53.92 -6.11 28.13
N VAL C 339 54.01 -6.56 26.88
CA VAL C 339 54.21 -7.98 26.62
C VAL C 339 55.56 -8.43 27.19
N GLY C 340 56.55 -7.55 27.18
CA GLY C 340 57.84 -7.88 27.77
C GLY C 340 57.84 -7.94 29.28
N PHE C 341 56.66 -8.04 29.89
CA PHE C 341 56.55 -8.18 31.34
C PHE C 341 55.67 -9.36 31.75
N MET C 342 54.72 -9.75 30.89
CA MET C 342 53.91 -10.93 31.18
C MET C 342 54.80 -12.15 31.36
N TRP C 343 55.87 -12.24 30.57
CA TRP C 343 57.00 -13.13 30.86
C TRP C 343 56.61 -14.59 30.81
N GLU C 354 40.71 -11.82 24.30
CA GLU C 354 40.70 -10.41 23.95
C GLU C 354 41.83 -9.65 24.65
N ARG C 355 42.60 -10.38 25.46
CA ARG C 355 43.71 -9.76 26.17
C ARG C 355 44.84 -9.36 25.22
N LEU C 356 44.98 -10.07 24.10
CA LEU C 356 46.08 -9.80 23.18
C LEU C 356 45.97 -8.42 22.56
N GLU C 357 44.76 -8.02 22.16
CA GLU C 357 44.57 -6.74 21.49
C GLU C 357 44.56 -5.61 22.51
N PHE C 358 45.29 -4.54 22.20
CA PHE C 358 45.29 -3.32 23.00
C PHE C 358 45.28 -2.10 22.09
N VAL C 359 44.47 -2.14 21.05
CA VAL C 359 44.39 -1.08 20.05
C VAL C 359 43.06 -0.36 20.19
N ASN C 360 43.06 0.93 19.85
CA ASN C 360 41.86 1.76 19.92
C ASN C 360 41.11 1.64 18.59
N GLY C 361 39.92 1.01 18.64
CA GLY C 361 39.14 0.82 17.43
C GLY C 361 38.64 2.11 16.82
N TRP C 362 38.46 3.14 17.64
CA TRP C 362 38.02 4.43 17.13
C TRP C 362 39.04 4.99 16.14
N TYR C 363 40.32 4.84 16.44
CA TYR C 363 41.36 5.32 15.55
C TYR C 363 41.38 4.54 14.24
N ILE C 364 41.11 3.24 14.31
CA ILE C 364 41.01 2.43 13.09
C ILE C 364 39.85 2.91 12.22
N LEU C 365 38.70 3.16 12.85
CA LEU C 365 37.56 3.68 12.11
C LEU C 365 37.88 5.04 11.49
N LEU C 366 38.58 5.90 12.24
CA LEU C 366 38.98 7.21 11.71
C LEU C 366 39.91 7.08 10.53
N VAL C 367 40.87 6.15 10.60
CA VAL C 367 41.78 5.92 9.48
C VAL C 367 41.03 5.47 8.25
N THR C 368 40.09 4.53 8.42
CA THR C 368 39.29 4.06 7.29
C THR C 368 38.49 5.21 6.68
N SER C 369 37.87 6.04 7.53
CA SER C 369 37.09 7.16 7.03
C SER C 369 37.97 8.16 6.29
N ASP C 370 39.17 8.43 6.81
CA ASP C 370 40.08 9.35 6.12
C ASP C 370 40.47 8.83 4.75
N VAL C 371 40.81 7.54 4.66
CA VAL C 371 41.20 6.96 3.37
C VAL C 371 40.03 7.05 2.38
N LEU C 372 38.83 6.68 2.85
CA LEU C 372 37.67 6.74 1.98
C LEU C 372 37.39 8.16 1.52
N THR C 373 37.54 9.14 2.41
CA THR C 373 37.27 10.53 2.05
C THR C 373 38.29 11.04 1.03
N ILE C 374 39.57 10.71 1.21
CA ILE C 374 40.58 11.16 0.25
C ILE C 374 40.32 10.54 -1.12
N SER C 375 40.03 9.23 -1.17
CA SER C 375 39.74 8.59 -2.45
C SER C 375 38.51 9.21 -3.10
N GLY C 376 37.45 9.42 -2.32
CA GLY C 376 36.24 10.02 -2.87
C GLY C 376 36.46 11.44 -3.34
N THR C 377 37.31 12.20 -2.64
CA THR C 377 37.55 13.58 -3.04
C THR C 377 38.35 13.66 -4.33
N ILE C 378 39.37 12.82 -4.47
CA ILE C 378 40.09 12.77 -5.75
C ILE C 378 39.14 12.36 -6.87
N MET C 379 38.30 11.35 -6.62
CA MET C 379 37.35 10.91 -7.63
C MET C 379 36.37 12.02 -7.99
N LYS C 380 35.95 12.80 -6.99
CA LYS C 380 35.05 13.93 -7.22
C LYS C 380 35.71 15.01 -8.05
N ILE C 381 36.98 15.31 -7.76
CA ILE C 381 37.71 16.29 -8.56
C ILE C 381 37.77 15.84 -10.01
N GLY C 382 38.06 14.56 -10.23
CA GLY C 382 38.02 14.03 -11.59
C GLY C 382 36.67 14.15 -12.27
N ILE C 383 35.62 13.71 -11.57
CA ILE C 383 34.27 13.75 -12.11
C ILE C 383 33.88 15.18 -12.50
N GLU C 384 34.20 16.15 -11.64
CA GLU C 384 33.87 17.53 -11.94
C GLU C 384 34.74 18.09 -13.06
N ALA C 385 35.97 17.60 -13.20
CA ALA C 385 36.81 17.97 -14.33
C ALA C 385 36.35 17.31 -15.63
N LYS C 386 35.42 16.36 -15.53
CA LYS C 386 34.75 15.72 -16.68
C LYS C 386 35.61 14.64 -17.34
N ASN C 387 36.73 14.29 -16.72
CA ASN C 387 37.55 13.21 -17.23
C ASN C 387 37.15 11.84 -16.70
N LEU C 388 36.22 11.80 -15.74
CA LEU C 388 35.69 10.55 -15.19
C LEU C 388 34.20 10.71 -14.99
N ALA C 389 33.44 9.68 -15.36
CA ALA C 389 32.00 9.70 -15.06
C ALA C 389 31.74 8.95 -13.75
N SER C 390 31.92 7.63 -13.78
CA SER C 390 32.10 6.75 -12.61
C SER C 390 31.37 7.24 -11.35
N TYR C 391 30.08 7.55 -11.48
CA TYR C 391 29.39 8.28 -10.41
C TYR C 391 29.12 7.41 -9.18
N ASP C 392 28.94 6.09 -9.37
CA ASP C 392 28.53 5.22 -8.27
C ASP C 392 29.64 5.08 -7.23
N VAL C 393 30.87 4.85 -7.68
CA VAL C 393 31.96 4.53 -6.75
C VAL C 393 32.24 5.73 -5.85
N CYS C 394 32.32 6.92 -6.44
CA CYS C 394 32.61 8.12 -5.65
C CYS C 394 31.52 8.39 -4.61
N SER C 395 30.26 8.25 -5.02
CA SER C 395 29.16 8.47 -4.09
C SER C 395 29.19 7.45 -2.96
N ILE C 396 29.47 6.18 -3.27
CA ILE C 396 29.54 5.16 -2.23
C ILE C 396 30.67 5.47 -1.26
N LEU C 397 31.85 5.83 -1.78
CA LEU C 397 32.96 6.15 -0.90
C LEU C 397 32.64 7.33 0.02
N LEU C 398 32.09 8.41 -0.56
CA LEU C 398 31.80 9.59 0.24
C LEU C 398 30.73 9.31 1.29
N GLY C 399 29.68 8.56 0.91
CA GLY C 399 28.63 8.26 1.87
C GLY C 399 29.10 7.37 3.00
N THR C 400 29.88 6.34 2.68
CA THR C 400 30.41 5.47 3.72
C THR C 400 31.33 6.24 4.65
N SER C 401 32.16 7.12 4.09
CA SER C 401 33.05 7.93 4.92
C SER C 401 32.26 8.86 5.84
N THR C 402 31.20 9.49 5.31
CA THR C 402 30.38 10.37 6.13
C THR C 402 29.71 9.61 7.26
N LEU C 403 29.18 8.42 6.96
CA LEU C 403 28.58 7.60 8.01
C LEU C 403 29.60 7.24 9.07
N LEU C 404 30.80 6.83 8.65
CA LEU C 404 31.83 6.46 9.62
C LEU C 404 32.24 7.63 10.50
N VAL C 405 32.39 8.82 9.93
CA VAL C 405 32.77 9.96 10.76
C VAL C 405 31.63 10.37 11.68
N TRP C 406 30.37 10.15 11.27
CA TRP C 406 29.27 10.42 12.18
C TRP C 406 29.12 9.35 13.26
N VAL C 407 29.75 8.19 13.09
CA VAL C 407 29.78 7.21 14.18
C VAL C 407 30.63 7.71 15.35
N GLY C 408 31.69 8.48 15.08
CA GLY C 408 32.63 8.87 16.11
C GLY C 408 32.07 9.78 17.19
N VAL C 409 30.93 10.41 16.94
CA VAL C 409 30.27 11.17 18.00
C VAL C 409 29.91 10.24 19.15
N ILE C 410 29.68 8.96 18.87
CA ILE C 410 29.53 7.98 19.94
C ILE C 410 30.82 7.91 20.76
N ARG C 411 31.97 7.92 20.10
CA ARG C 411 33.24 7.94 20.83
C ARG C 411 33.32 9.15 21.75
N TYR C 412 32.89 10.32 21.25
CA TYR C 412 32.87 11.50 22.12
C TYR C 412 31.92 11.31 23.30
N LEU C 413 30.77 10.68 23.06
CA LEU C 413 29.79 10.48 24.13
C LEU C 413 30.26 9.46 25.16
N THR C 414 31.14 8.52 24.76
CA THR C 414 31.62 7.53 25.73
C THR C 414 32.45 8.18 26.83
N PHE C 415 33.05 9.34 26.55
CA PHE C 415 33.85 10.04 27.55
C PHE C 415 33.03 10.37 28.80
N PHE C 416 31.72 10.50 28.65
CA PHE C 416 30.83 10.71 29.78
C PHE C 416 30.52 9.38 30.48
N HIS C 417 29.54 9.37 31.37
CA HIS C 417 29.27 8.18 32.19
C HIS C 417 27.93 7.54 31.86
N ASN C 418 26.85 8.30 31.82
CA ASN C 418 25.54 7.72 31.52
C ASN C 418 25.47 7.27 30.06
N TYR C 419 25.96 8.10 29.14
CA TYR C 419 26.09 7.66 27.75
C TYR C 419 26.98 6.43 27.66
N ASN C 420 28.04 6.40 28.46
CA ASN C 420 28.96 5.26 28.44
C ASN C 420 28.25 3.97 28.85
N ILE C 421 27.43 4.02 29.90
CA ILE C 421 26.71 2.81 30.31
C ILE C 421 25.65 2.43 29.28
N LEU C 422 25.02 3.43 28.65
CA LEU C 422 24.04 3.13 27.61
C LEU C 422 24.68 2.47 26.39
N ILE C 423 25.92 2.80 26.09
CA ILE C 423 26.61 2.16 24.98
C ILE C 423 27.22 0.81 25.39
N ALA C 424 27.63 0.69 26.66
CA ALA C 424 28.17 -0.57 27.15
C ALA C 424 27.08 -1.64 27.30
N THR C 425 25.83 -1.22 27.49
CA THR C 425 24.73 -2.19 27.47
C THR C 425 24.64 -2.87 26.11
N LEU C 426 24.68 -2.09 25.02
CA LEU C 426 24.66 -2.66 23.68
C LEU C 426 25.90 -3.49 23.42
N ARG C 427 27.06 -3.02 23.88
CA ARG C 427 28.29 -3.80 23.70
C ARG C 427 28.16 -5.17 24.37
N VAL C 428 27.58 -5.21 25.56
CA VAL C 428 27.38 -6.47 26.27
C VAL C 428 26.38 -7.35 25.53
N ALA C 429 25.30 -6.75 25.01
CA ALA C 429 24.24 -7.53 24.39
C ALA C 429 24.61 -8.08 23.01
N LEU C 430 25.58 -7.48 22.32
CA LEU C 430 25.92 -7.89 20.95
C LEU C 430 26.25 -9.36 20.77
N PRO C 431 27.15 -9.98 21.56
CA PRO C 431 27.54 -11.38 21.28
C PRO C 431 26.37 -12.35 21.28
N SER C 432 25.51 -12.28 22.30
CA SER C 432 24.35 -13.16 22.33
C SER C 432 23.41 -12.88 21.17
N VAL C 433 23.34 -11.61 20.74
CA VAL C 433 22.52 -11.27 19.58
C VAL C 433 23.04 -11.95 18.34
N MET C 434 24.36 -12.01 18.16
CA MET C 434 24.92 -12.71 17.00
C MET C 434 24.73 -14.22 17.10
N ARG C 435 24.87 -14.78 18.30
CA ARG C 435 24.70 -16.22 18.47
C ARG C 435 23.27 -16.64 18.19
N PHE C 436 22.29 -15.85 18.63
CA PHE C 436 20.90 -16.12 18.27
C PHE C 436 20.63 -15.85 16.80
N CYS C 437 21.35 -14.89 16.21
CA CYS C 437 21.19 -14.60 14.79
C CYS C 437 21.53 -15.81 13.95
N CYS C 438 22.61 -16.52 14.29
CA CYS C 438 22.95 -17.73 13.55
C CYS C 438 21.83 -18.79 13.64
N CYS C 439 21.34 -19.03 14.86
CA CYS C 439 20.31 -20.05 15.08
C CYS C 439 19.02 -19.72 14.35
N ALA C 440 18.67 -18.44 14.30
CA ALA C 440 17.46 -18.04 13.57
C ALA C 440 17.71 -17.94 12.08
N GLY C 441 18.95 -17.72 11.66
CA GLY C 441 19.29 -17.57 10.27
C GLY C 441 19.27 -18.88 9.54
N VAL C 442 19.61 -19.98 10.22
CA VAL C 442 19.50 -21.28 9.55
C VAL C 442 18.03 -21.58 9.23
N ILE C 443 17.13 -21.33 10.19
CA ILE C 443 15.70 -21.50 9.93
C ILE C 443 15.23 -20.56 8.83
N TYR C 444 15.69 -19.31 8.87
CA TYR C 444 15.30 -18.32 7.89
C TYR C 444 15.72 -18.73 6.48
N LEU C 445 16.94 -19.26 6.35
CA LEU C 445 17.42 -19.75 5.06
C LEU C 445 16.59 -20.93 4.58
N GLY C 446 16.27 -21.86 5.48
CA GLY C 446 15.44 -22.99 5.08
C GLY C 446 14.07 -22.54 4.59
N TYR C 447 13.46 -21.58 5.30
CA TYR C 447 12.17 -21.04 4.88
C TYR C 447 12.28 -20.29 3.56
N CYS C 448 13.38 -19.58 3.33
CA CYS C 448 13.57 -18.89 2.06
C CYS C 448 13.63 -19.88 0.92
N PHE C 449 14.40 -20.96 1.08
CA PHE C 449 14.50 -21.97 0.02
C PHE C 449 13.14 -22.62 -0.23
N CYS C 450 12.43 -23.00 0.83
CA CYS C 450 11.13 -23.64 0.65
C CYS C 450 10.14 -22.71 -0.02
N GLY C 451 10.08 -21.45 0.43
CA GLY C 451 9.16 -20.50 -0.16
C GLY C 451 9.47 -20.23 -1.62
N TRP C 452 10.75 -20.08 -1.97
CA TRP C 452 11.11 -19.92 -3.37
C TRP C 452 10.62 -21.11 -4.18
N ILE C 453 11.02 -22.32 -3.78
CA ILE C 453 10.75 -23.50 -4.60
C ILE C 453 9.25 -23.75 -4.75
N VAL C 454 8.45 -23.40 -3.75
CA VAL C 454 7.03 -23.72 -3.85
C VAL C 454 6.24 -22.57 -4.47
N LEU C 455 6.47 -21.32 -4.04
CA LEU C 455 5.63 -20.20 -4.42
C LEU C 455 6.23 -19.36 -5.55
N GLY C 456 7.31 -19.80 -6.19
CA GLY C 456 7.77 -19.13 -7.38
C GLY C 456 6.78 -19.12 -8.53
N PRO C 457 6.20 -20.27 -8.85
CA PRO C 457 5.25 -20.32 -9.98
C PRO C 457 3.99 -19.49 -9.79
N TYR C 458 3.60 -19.19 -8.54
CA TYR C 458 2.29 -18.62 -8.29
C TYR C 458 2.27 -17.28 -7.58
N HIS C 459 3.40 -16.81 -7.06
CA HIS C 459 3.43 -15.59 -6.27
C HIS C 459 4.42 -14.61 -6.86
N VAL C 460 3.99 -13.35 -7.01
CA VAL C 460 4.84 -12.33 -7.61
C VAL C 460 6.04 -12.02 -6.72
N LYS C 461 5.86 -12.06 -5.41
CA LYS C 461 6.90 -11.70 -4.47
C LYS C 461 7.88 -12.84 -4.19
N PHE C 462 7.70 -14.00 -4.82
CA PHE C 462 8.54 -15.16 -4.56
C PHE C 462 9.29 -15.64 -5.79
N ARG C 463 9.54 -14.76 -6.76
CA ARG C 463 10.13 -15.19 -8.02
C ARG C 463 11.62 -15.49 -7.89
N SER C 464 12.36 -14.67 -7.15
CA SER C 464 13.79 -14.85 -6.98
C SER C 464 14.12 -15.03 -5.50
N LEU C 465 15.33 -15.54 -5.23
CA LEU C 465 15.74 -15.79 -3.86
C LEU C 465 15.89 -14.49 -3.07
N SER C 466 16.47 -13.46 -3.69
CA SER C 466 16.59 -12.18 -3.01
C SER C 466 15.22 -11.57 -2.73
N MET C 467 14.29 -11.70 -3.67
CA MET C 467 12.93 -11.23 -3.44
C MET C 467 12.26 -11.99 -2.32
N VAL C 468 12.48 -13.30 -2.25
CA VAL C 468 11.92 -14.10 -1.16
C VAL C 468 12.49 -13.65 0.17
N SER C 469 13.80 -13.39 0.21
CA SER C 469 14.42 -12.91 1.44
C SER C 469 13.85 -11.57 1.88
N GLU C 470 13.66 -10.64 0.93
CA GLU C 470 13.08 -9.35 1.27
C GLU C 470 11.65 -9.50 1.75
N CYS C 471 10.86 -10.37 1.10
CA CYS C 471 9.49 -10.59 1.52
C CYS C 471 9.43 -11.15 2.93
N LEU C 472 10.27 -12.14 3.23
CA LEU C 472 10.28 -12.73 4.58
C LEU C 472 10.75 -11.71 5.61
N PHE C 473 11.75 -10.91 5.27
CA PHE C 473 12.25 -9.89 6.20
C PHE C 473 11.17 -8.86 6.51
N SER C 474 10.43 -8.42 5.48
CA SER C 474 9.34 -7.48 5.72
C SER C 474 8.20 -8.12 6.50
N LEU C 475 7.95 -9.42 6.27
CA LEU C 475 6.93 -10.12 7.04
C LEU C 475 7.31 -10.19 8.51
N ILE C 476 8.59 -10.42 8.81
CA ILE C 476 9.06 -10.49 10.19
C ILE C 476 8.80 -9.18 10.92
N ASN C 477 8.95 -8.05 10.23
CA ASN C 477 8.81 -6.73 10.85
C ASN C 477 7.40 -6.17 10.75
N GLY C 478 6.45 -6.95 10.24
CA GLY C 478 5.06 -6.52 10.20
C GLY C 478 4.70 -5.62 9.05
N ASP C 479 5.16 -5.93 7.84
CA ASP C 479 4.85 -5.13 6.67
C ASP C 479 4.49 -6.03 5.50
N ASP C 480 3.47 -5.62 4.75
CA ASP C 480 3.08 -6.28 3.50
C ASP C 480 2.68 -7.73 3.72
N MET C 481 1.81 -7.94 4.70
CA MET C 481 1.33 -9.28 5.05
C MET C 481 0.01 -9.61 4.34
N PHE C 482 -0.95 -8.68 4.40
CA PHE C 482 -2.23 -8.93 3.75
C PHE C 482 -2.09 -9.00 2.23
N VAL C 483 -1.13 -8.27 1.65
CA VAL C 483 -0.93 -8.36 0.21
C VAL C 483 -0.43 -9.74 -0.17
N THR C 484 0.47 -10.31 0.62
CA THR C 484 0.92 -11.68 0.38
C THR C 484 -0.23 -12.67 0.51
N PHE C 485 -1.03 -12.53 1.57
CA PHE C 485 -2.15 -13.43 1.77
C PHE C 485 -3.17 -13.32 0.64
N ALA C 486 -3.44 -12.10 0.17
CA ALA C 486 -4.41 -11.90 -0.89
C ALA C 486 -3.88 -12.40 -2.24
N ALA C 487 -2.58 -12.23 -2.48
CA ALA C 487 -1.98 -12.78 -3.69
C ALA C 487 -2.10 -14.30 -3.71
N MET C 488 -1.92 -14.94 -2.56
CA MET C 488 -2.13 -16.38 -2.50
C MET C 488 -3.61 -16.73 -2.64
N GLN C 489 -4.49 -15.91 -2.07
CA GLN C 489 -5.92 -16.18 -2.11
C GLN C 489 -6.50 -16.05 -3.52
N ALA C 490 -5.89 -15.19 -4.35
CA ALA C 490 -6.38 -14.97 -5.71
C ALA C 490 -6.24 -16.24 -6.57
N GLN C 491 -5.59 -17.27 -6.02
CA GLN C 491 -5.42 -18.54 -6.69
C GLN C 491 -5.85 -19.68 -5.79
N GLN C 492 -6.91 -19.47 -5.00
CA GLN C 492 -7.40 -20.54 -4.12
C GLN C 492 -8.16 -21.60 -4.90
N GLY C 493 -8.90 -21.21 -5.93
CA GLY C 493 -9.66 -22.18 -6.71
C GLY C 493 -8.79 -23.17 -7.44
N ARG C 494 -7.65 -22.73 -7.95
CA ARG C 494 -6.69 -23.59 -8.64
C ARG C 494 -5.57 -23.98 -7.68
N SER C 495 -5.24 -25.26 -7.64
CA SER C 495 -4.21 -25.81 -6.76
C SER C 495 -4.52 -25.49 -5.29
N SER C 496 -5.62 -26.07 -4.82
CA SER C 496 -5.97 -25.97 -3.41
C SER C 496 -4.89 -26.55 -2.51
N LEU C 497 -4.15 -27.54 -3.00
CA LEU C 497 -3.01 -28.07 -2.26
C LEU C 497 -1.95 -26.98 -2.07
N VAL C 498 -1.66 -26.23 -3.13
CA VAL C 498 -0.70 -25.14 -3.04
C VAL C 498 -1.22 -24.05 -2.11
N TRP C 499 -2.52 -23.76 -2.17
CA TRP C 499 -3.09 -22.74 -1.29
C TRP C 499 -2.97 -23.15 0.19
N LEU C 500 -3.28 -24.41 0.49
CA LEU C 500 -3.17 -24.89 1.86
C LEU C 500 -1.72 -24.87 2.34
N PHE C 501 -0.79 -25.29 1.47
CA PHE C 501 0.61 -25.25 1.83
C PHE C 501 1.07 -23.82 2.09
N SER C 502 0.62 -22.87 1.27
CA SER C 502 0.99 -21.48 1.47
C SER C 502 0.44 -20.95 2.78
N GLN C 503 -0.81 -21.31 3.12
CA GLN C 503 -1.36 -20.91 4.41
C GLN C 503 -0.51 -21.43 5.57
N LEU C 504 -0.21 -22.73 5.54
CA LEU C 504 0.60 -23.31 6.62
C LEU C 504 1.98 -22.65 6.68
N TYR C 505 2.60 -22.46 5.52
CA TYR C 505 3.94 -21.87 5.45
C TYR C 505 3.95 -20.47 6.05
N LEU C 506 3.04 -19.61 5.59
CA LEU C 506 3.01 -18.23 6.05
C LEU C 506 2.68 -18.14 7.54
N TYR C 507 1.66 -18.89 7.99
CA TYR C 507 1.30 -18.82 9.40
C TYR C 507 2.43 -19.32 10.29
N SER C 508 3.05 -20.45 9.93
CA SER C 508 4.14 -20.98 10.72
C SER C 508 5.31 -20.02 10.78
N PHE C 509 5.70 -19.46 9.63
CA PHE C 509 6.83 -18.53 9.61
C PHE C 509 6.55 -17.31 10.48
N ILE C 510 5.40 -16.67 10.27
CA ILE C 510 5.11 -15.44 10.99
C ILE C 510 5.02 -15.70 12.49
N SER C 511 4.29 -16.75 12.89
CA SER C 511 4.19 -17.07 14.31
C SER C 511 5.56 -17.34 14.91
N LEU C 512 6.32 -18.25 14.31
CA LEU C 512 7.60 -18.67 14.87
C LEU C 512 8.58 -17.50 15.00
N PHE C 513 8.63 -16.63 14.00
CA PHE C 513 9.61 -15.54 14.07
C PHE C 513 9.11 -14.36 14.90
N ILE C 514 7.94 -13.82 14.56
CA ILE C 514 7.46 -12.63 15.25
C ILE C 514 7.21 -12.91 16.73
N TYR C 515 6.58 -14.04 17.04
CA TYR C 515 6.17 -14.29 18.41
C TYR C 515 7.27 -14.88 19.29
N MET C 516 8.34 -15.44 18.70
CA MET C 516 9.40 -16.05 19.49
C MET C 516 10.76 -15.40 19.28
N VAL C 517 11.18 -15.19 18.03
CA VAL C 517 12.53 -14.70 17.76
C VAL C 517 12.69 -13.27 18.23
N LEU C 518 11.75 -12.39 17.85
CA LEU C 518 11.83 -11.00 18.28
C LEU C 518 11.66 -10.88 19.79
N SER C 519 10.78 -11.69 20.38
CA SER C 519 10.63 -11.70 21.82
C SER C 519 11.92 -12.09 22.51
N LEU C 520 12.63 -13.08 21.97
CA LEU C 520 13.92 -13.45 22.55
C LEU C 520 14.97 -12.38 22.35
N PHE C 521 14.94 -11.66 21.23
CA PHE C 521 15.86 -10.53 21.05
C PHE C 521 15.63 -9.47 22.13
N ILE C 522 14.36 -9.10 22.34
CA ILE C 522 14.02 -8.14 23.39
C ILE C 522 14.46 -8.67 24.75
N ALA C 523 14.25 -9.97 25.01
CA ALA C 523 14.62 -10.55 26.28
C ALA C 523 16.14 -10.50 26.49
N LEU C 524 16.92 -10.78 25.45
CA LEU C 524 18.37 -10.74 25.58
C LEU C 524 18.86 -9.34 25.88
N ILE C 525 18.37 -8.34 25.15
CA ILE C 525 18.83 -6.98 25.38
C ILE C 525 18.36 -6.46 26.73
N THR C 526 17.18 -6.84 27.22
CA THR C 526 16.84 -6.36 28.58
C THR C 526 17.81 -6.95 29.59
N GLY C 527 18.28 -8.17 29.37
CA GLY C 527 19.23 -8.82 30.29
C GLY C 527 20.51 -8.02 30.41
N ALA C 528 21.05 -7.56 29.30
CA ALA C 528 22.29 -6.74 29.31
C ALA C 528 22.04 -5.42 30.05
N TYR C 529 20.89 -4.80 29.83
CA TYR C 529 20.54 -3.55 30.56
C TYR C 529 20.61 -3.83 32.07
N ASP C 530 19.97 -4.92 32.50
CA ASP C 530 19.99 -5.27 33.95
C ASP C 530 21.43 -5.52 34.42
N THR C 531 22.23 -6.25 33.65
CA THR C 531 23.63 -6.55 34.03
C THR C 531 24.41 -5.27 34.21
N ILE C 532 24.22 -4.28 33.33
CA ILE C 532 25.02 -3.02 33.41
C ILE C 532 24.51 -2.18 34.60
N LYS C 533 23.21 -2.21 34.87
CA LYS C 533 22.69 -1.48 36.07
C LYS C 533 23.10 -2.22 37.36
N HIS C 534 23.56 -3.48 37.26
CA HIS C 534 24.07 -4.20 38.46
C HIS C 534 25.61 -4.28 38.46
N GLY D 68 36.83 -43.64 21.34
CA GLY D 68 37.61 -43.30 20.18
C GLY D 68 37.08 -42.09 19.45
N ARG D 69 37.66 -41.80 18.28
CA ARG D 69 37.28 -40.66 17.45
C ARG D 69 36.56 -41.19 16.21
N LYS D 70 35.34 -40.70 15.97
CA LYS D 70 34.57 -41.13 14.81
C LYS D 70 33.57 -40.07 14.40
N PRO D 71 34.01 -39.00 13.74
CA PRO D 71 33.06 -37.96 13.29
C PRO D 71 32.48 -38.26 11.92
N CYS D 72 32.62 -39.51 11.47
CA CYS D 72 32.21 -39.86 10.12
C CYS D 72 30.72 -39.66 9.90
N LYS D 73 29.90 -40.04 10.89
CA LYS D 73 28.46 -39.86 10.75
C LYS D 73 28.09 -38.38 10.68
N LEU D 74 28.78 -37.54 11.46
CA LEU D 74 28.52 -36.10 11.43
C LEU D 74 28.89 -35.50 10.07
N MET D 75 29.94 -36.04 9.44
CA MET D 75 30.36 -35.55 8.13
C MET D 75 29.26 -35.76 7.08
N LEU D 76 28.58 -36.91 7.14
CA LEU D 76 27.61 -37.27 6.12
C LEU D 76 26.49 -36.24 5.99
N GLN D 77 25.99 -35.74 7.12
CA GLN D 77 24.83 -34.85 7.06
C GLN D 77 25.13 -33.48 6.48
N VAL D 78 26.38 -33.02 6.57
CA VAL D 78 26.73 -31.73 5.96
C VAL D 78 26.77 -31.85 4.44
N VAL D 79 27.35 -32.94 3.92
CA VAL D 79 27.31 -33.18 2.48
C VAL D 79 25.87 -33.35 2.02
N LYS D 80 25.03 -33.96 2.86
CA LYS D 80 23.62 -34.09 2.55
C LYS D 80 22.96 -32.73 2.40
N ILE D 81 23.21 -31.83 3.35
CA ILE D 81 22.65 -30.48 3.27
C ILE D 81 23.12 -29.80 1.99
N LEU D 82 24.41 -29.95 1.67
CA LEU D 82 24.95 -29.31 0.48
C LEU D 82 24.28 -29.82 -0.79
N VAL D 83 24.13 -31.15 -0.91
CA VAL D 83 23.61 -31.70 -2.16
C VAL D 83 22.12 -31.38 -2.32
N VAL D 84 21.35 -31.46 -1.23
CA VAL D 84 19.93 -31.14 -1.33
C VAL D 84 19.74 -29.66 -1.67
N THR D 85 20.60 -28.79 -1.13
CA THR D 85 20.50 -27.37 -1.47
C THR D 85 20.80 -27.12 -2.95
N VAL D 86 21.87 -27.74 -3.47
CA VAL D 86 22.20 -27.55 -4.88
C VAL D 86 21.09 -28.10 -5.77
N GLN D 87 20.54 -29.28 -5.44
CA GLN D 87 19.47 -29.87 -6.23
C GLN D 87 18.24 -28.98 -6.23
N LEU D 88 17.88 -28.43 -5.07
CA LEU D 88 16.73 -27.54 -5.01
C LEU D 88 16.97 -26.29 -5.85
N ILE D 89 18.18 -25.74 -5.81
CA ILE D 89 18.46 -24.53 -6.58
C ILE D 89 18.34 -24.80 -8.08
N LEU D 90 18.90 -25.92 -8.55
CA LEU D 90 18.82 -26.26 -9.97
C LEU D 90 17.37 -26.46 -10.41
N PHE D 91 16.61 -27.23 -9.62
CA PHE D 91 15.22 -27.49 -9.97
C PHE D 91 14.42 -26.19 -9.97
N GLY D 92 14.67 -25.30 -9.02
CA GLY D 92 13.97 -24.04 -8.99
C GLY D 92 14.27 -23.18 -10.20
N LEU D 93 15.53 -23.13 -10.62
CA LEU D 93 15.87 -22.35 -11.81
C LEU D 93 15.14 -22.88 -13.04
N SER D 94 15.17 -24.19 -13.25
CA SER D 94 14.48 -24.77 -14.41
C SER D 94 12.98 -24.50 -14.35
N ASN D 95 12.38 -24.69 -13.17
CA ASN D 95 10.94 -24.50 -13.05
C ASN D 95 10.55 -23.05 -13.26
N GLN D 96 11.37 -22.11 -12.79
CA GLN D 96 11.12 -20.69 -13.04
C GLN D 96 11.14 -20.38 -14.54
N LEU D 97 12.11 -20.95 -15.25
CA LEU D 97 12.14 -20.73 -16.69
C LEU D 97 10.87 -21.24 -17.36
N ALA D 98 10.44 -22.46 -17.01
CA ALA D 98 9.25 -23.02 -17.63
C ALA D 98 7.99 -22.22 -17.28
N VAL D 99 7.90 -21.74 -16.03
CA VAL D 99 6.74 -20.99 -15.61
C VAL D 99 6.69 -19.63 -16.29
N THR D 100 7.85 -18.99 -16.46
CA THR D 100 7.90 -17.73 -17.21
C THR D 100 7.41 -17.93 -18.64
N PHE D 101 7.85 -19.01 -19.28
CA PHE D 101 7.39 -19.28 -20.65
C PHE D 101 5.87 -19.45 -20.69
N ARG D 102 5.33 -20.25 -19.76
CA ARG D 102 3.88 -20.47 -19.74
C ARG D 102 3.12 -19.17 -19.51
N GLU D 103 3.58 -18.35 -18.56
CA GLU D 103 2.88 -17.12 -18.22
C GLU D 103 2.89 -16.14 -19.39
N GLU D 104 4.04 -15.99 -20.06
CA GLU D 104 4.10 -15.08 -21.20
C GLU D 104 3.20 -15.58 -22.34
N ASN D 105 3.16 -16.89 -22.56
CA ASN D 105 2.26 -17.43 -23.58
C ASN D 105 0.80 -17.12 -23.24
N THR D 106 0.42 -17.28 -21.97
CA THR D 106 -0.96 -17.00 -21.57
C THR D 106 -1.29 -15.52 -21.73
N ILE D 107 -0.37 -14.63 -21.38
CA ILE D 107 -0.62 -13.20 -21.53
C ILE D 107 -0.79 -12.85 -23.01
N ALA D 108 0.06 -13.40 -23.86
CA ALA D 108 -0.09 -13.18 -25.30
C ALA D 108 -1.42 -13.70 -25.80
N PHE D 109 -1.87 -14.85 -25.28
CA PHE D 109 -3.17 -15.39 -25.68
C PHE D 109 -4.30 -14.47 -25.30
N ARG D 110 -4.27 -13.91 -24.08
CA ARG D 110 -5.31 -12.97 -23.68
C ARG D 110 -5.31 -11.75 -24.58
N HIS D 111 -4.13 -11.19 -24.86
CA HIS D 111 -4.08 -10.00 -25.71
C HIS D 111 -4.54 -10.30 -27.12
N LEU D 112 -4.31 -11.52 -27.60
CA LEU D 112 -4.72 -11.87 -28.96
C LEU D 112 -6.23 -12.14 -29.05
N PHE D 113 -6.82 -12.77 -28.05
CA PHE D 113 -8.16 -13.31 -28.20
C PHE D 113 -9.25 -12.57 -27.43
N LEU D 114 -8.90 -11.72 -26.46
CA LEU D 114 -9.90 -10.97 -25.70
C LEU D 114 -10.04 -9.57 -26.31
N LEU D 115 -11.25 -9.25 -26.76
CA LEU D 115 -11.49 -7.98 -27.42
C LEU D 115 -11.45 -6.83 -26.41
N GLY D 116 -10.66 -5.81 -26.72
CA GLY D 116 -10.55 -4.66 -25.83
C GLY D 116 -9.95 -4.99 -24.48
N TYR D 117 -8.98 -5.90 -24.44
CA TYR D 117 -8.36 -6.31 -23.19
C TYR D 117 -7.12 -5.46 -22.91
N SER D 118 -6.97 -5.07 -21.65
CA SER D 118 -5.81 -4.30 -21.20
C SER D 118 -5.20 -4.97 -19.98
N ASP D 119 -3.91 -4.76 -19.79
CA ASP D 119 -3.21 -5.33 -18.65
C ASP D 119 -3.76 -4.77 -17.35
N GLY D 120 -4.00 -5.65 -16.38
CA GLY D 120 -4.55 -5.28 -15.10
C GLY D 120 -6.05 -5.44 -14.98
N ALA D 121 -6.75 -5.53 -16.11
CA ALA D 121 -8.21 -5.72 -16.11
C ALA D 121 -8.50 -7.20 -16.32
N ASP D 122 -8.29 -7.98 -15.26
CA ASP D 122 -8.52 -9.42 -15.27
C ASP D 122 -9.77 -9.83 -14.52
N ASP D 123 -10.00 -9.28 -13.33
CA ASP D 123 -11.18 -9.61 -12.54
C ASP D 123 -12.40 -8.76 -12.91
N THR D 124 -12.18 -7.55 -13.42
CA THR D 124 -13.27 -6.66 -13.82
C THR D 124 -13.62 -6.77 -15.29
N PHE D 125 -12.92 -7.61 -16.05
CA PHE D 125 -13.19 -7.75 -17.47
C PHE D 125 -14.49 -8.54 -17.67
N ALA D 126 -15.50 -7.89 -18.23
CA ALA D 126 -16.81 -8.52 -18.38
C ALA D 126 -17.56 -7.84 -19.51
N ALA D 127 -18.60 -8.50 -19.97
CA ALA D 127 -19.52 -7.96 -20.97
C ALA D 127 -20.81 -7.53 -20.30
N TYR D 128 -21.46 -6.51 -20.88
CA TYR D 128 -22.67 -5.96 -20.31
C TYR D 128 -23.83 -5.84 -21.30
N THR D 129 -23.58 -5.97 -22.60
CA THR D 129 -24.64 -5.90 -23.59
C THR D 129 -24.55 -7.11 -24.52
N ARG D 130 -25.70 -7.42 -25.14
CA ARG D 130 -25.77 -8.53 -26.08
C ARG D 130 -24.82 -8.30 -27.26
N GLU D 131 -24.76 -7.07 -27.75
CA GLU D 131 -23.85 -6.73 -28.84
C GLU D 131 -22.39 -6.91 -28.40
N GLN D 132 -22.07 -6.52 -27.16
CA GLN D 132 -20.72 -6.72 -26.64
C GLN D 132 -20.37 -8.20 -26.59
N LEU D 133 -21.28 -9.03 -26.12
CA LEU D 133 -21.01 -10.47 -26.03
C LEU D 133 -20.81 -11.07 -27.41
N TYR D 134 -21.68 -10.71 -28.36
CA TYR D 134 -21.53 -11.20 -29.73
C TYR D 134 -20.20 -10.79 -30.32
N GLN D 135 -19.81 -9.52 -30.13
CA GLN D 135 -18.55 -9.04 -30.68
C GLN D 135 -17.37 -9.75 -30.05
N ALA D 136 -17.41 -9.99 -28.74
CA ALA D 136 -16.32 -10.70 -28.07
C ALA D 136 -16.16 -12.11 -28.62
N ILE D 137 -17.28 -12.84 -28.74
CA ILE D 137 -17.20 -14.21 -29.24
C ILE D 137 -16.68 -14.24 -30.67
N PHE D 138 -17.25 -13.38 -31.53
CA PHE D 138 -16.83 -13.37 -32.93
C PHE D 138 -15.39 -12.95 -33.09
N HIS D 139 -14.93 -11.98 -32.29
CA HIS D 139 -13.53 -11.57 -32.34
C HIS D 139 -12.61 -12.69 -31.92
N ALA D 140 -12.99 -13.44 -30.88
CA ALA D 140 -12.17 -14.58 -30.46
C ALA D 140 -12.05 -15.60 -31.58
N VAL D 141 -13.17 -15.93 -32.22
CA VAL D 141 -13.13 -16.95 -33.28
C VAL D 141 -12.33 -16.45 -34.48
N ASP D 142 -12.52 -15.18 -34.87
CA ASP D 142 -11.80 -14.64 -36.02
C ASP D 142 -10.30 -14.56 -35.74
N GLN D 143 -9.92 -14.17 -34.53
CA GLN D 143 -8.49 -14.14 -34.18
C GLN D 143 -7.91 -15.54 -34.15
N TYR D 144 -8.70 -16.54 -33.76
CA TYR D 144 -8.25 -17.93 -33.91
C TYR D 144 -8.02 -18.28 -35.37
N LEU D 145 -8.91 -17.82 -36.26
CA LEU D 145 -8.77 -18.15 -37.67
C LEU D 145 -7.60 -17.42 -38.33
N ALA D 146 -7.25 -16.23 -37.86
CA ALA D 146 -6.19 -15.42 -38.45
C ALA D 146 -4.88 -15.53 -37.69
N LEU D 147 -4.76 -16.50 -36.78
CA LEU D 147 -3.58 -16.61 -35.94
C LEU D 147 -2.27 -16.80 -36.72
N PRO D 148 -2.19 -17.70 -37.71
CA PRO D 148 -0.90 -17.84 -38.42
C PRO D 148 -0.48 -16.59 -39.16
N ASP D 149 -1.41 -15.70 -39.47
CA ASP D 149 -1.09 -14.45 -40.17
C ASP D 149 -0.76 -13.32 -39.21
N VAL D 150 -1.39 -13.26 -38.04
CA VAL D 150 -1.26 -12.09 -37.19
C VAL D 150 -0.32 -12.32 -36.02
N SER D 151 -0.13 -13.57 -35.62
CA SER D 151 0.56 -13.87 -34.37
C SER D 151 2.07 -13.78 -34.52
N LEU D 152 2.73 -13.60 -33.39
CA LEU D 152 4.19 -13.54 -33.31
C LEU D 152 4.80 -14.81 -32.71
N GLY D 153 4.03 -15.89 -32.58
CA GLY D 153 4.48 -16.99 -31.75
C GLY D 153 4.61 -18.36 -32.40
N ARG D 154 4.36 -18.47 -33.71
CA ARG D 154 4.54 -19.72 -34.46
C ARG D 154 3.80 -20.87 -33.78
N TYR D 155 2.48 -20.75 -33.80
CA TYR D 155 1.58 -21.75 -33.22
C TYR D 155 1.01 -22.65 -34.31
N ALA D 156 0.77 -23.91 -33.95
CA ALA D 156 0.22 -24.90 -34.87
C ALA D 156 -1.13 -25.38 -34.35
N TYR D 157 -2.01 -25.73 -35.29
CA TYR D 157 -3.31 -26.28 -34.95
C TYR D 157 -3.18 -27.76 -34.61
N VAL D 158 -4.24 -28.31 -34.01
CA VAL D 158 -4.21 -29.69 -33.54
C VAL D 158 -5.21 -30.58 -34.26
N ARG D 159 -6.23 -30.03 -34.90
CA ARG D 159 -7.28 -30.81 -35.55
C ARG D 159 -7.88 -31.82 -34.57
N GLY D 160 -8.53 -31.27 -33.55
CA GLY D 160 -8.96 -32.01 -32.38
C GLY D 160 -9.66 -33.33 -32.60
N GLY D 161 -9.45 -34.27 -31.69
CA GLY D 161 -10.11 -35.55 -31.72
C GLY D 161 -10.52 -36.02 -30.34
N GLY D 162 -10.66 -35.08 -29.41
CA GLY D 162 -11.02 -35.38 -28.04
C GLY D 162 -12.51 -35.32 -27.80
N ASP D 163 -12.89 -34.99 -26.57
CA ASP D 163 -14.29 -34.93 -26.20
C ASP D 163 -14.97 -33.65 -26.67
N PRO D 164 -14.42 -32.46 -26.41
CA PRO D 164 -15.08 -31.24 -26.91
C PRO D 164 -15.12 -31.14 -28.42
N TRP D 165 -14.10 -31.66 -29.11
CA TRP D 165 -13.95 -31.47 -30.54
C TRP D 165 -14.32 -32.76 -31.27
N THR D 166 -15.12 -32.62 -32.33
CA THR D 166 -15.40 -33.75 -33.20
C THR D 166 -14.17 -34.11 -34.02
N ASN D 167 -14.28 -35.20 -34.78
CA ASN D 167 -13.15 -35.71 -35.55
C ASN D 167 -12.87 -34.77 -36.73
N GLY D 168 -11.94 -33.85 -36.55
CA GLY D 168 -11.55 -32.94 -37.60
C GLY D 168 -11.95 -31.50 -37.38
N SER D 169 -11.97 -31.06 -36.12
CA SER D 169 -12.31 -29.68 -35.79
C SER D 169 -11.31 -29.16 -34.76
N GLY D 170 -10.91 -27.91 -34.93
CA GLY D 170 -9.92 -27.31 -34.06
C GLY D 170 -10.52 -26.51 -32.91
N LEU D 171 -11.61 -25.80 -33.17
CA LEU D 171 -12.24 -24.94 -32.18
C LEU D 171 -13.67 -25.39 -31.94
N ALA D 172 -14.07 -25.41 -30.67
CA ALA D 172 -15.41 -25.81 -30.27
C ALA D 172 -16.07 -24.64 -29.54
N LEU D 173 -17.14 -24.10 -30.12
CA LEU D 173 -17.94 -23.05 -29.51
C LEU D 173 -19.24 -23.67 -28.99
N CYS D 174 -19.45 -23.61 -27.69
CA CYS D 174 -20.53 -24.35 -27.04
C CYS D 174 -21.33 -23.45 -26.12
N GLN D 175 -22.64 -23.40 -26.33
CA GLN D 175 -23.53 -22.84 -25.32
C GLN D 175 -23.83 -23.89 -24.25
N ARG D 176 -24.42 -23.42 -23.15
CA ARG D 176 -24.88 -24.29 -22.08
C ARG D 176 -26.06 -23.58 -21.42
N TYR D 177 -27.26 -24.14 -21.58
CA TYR D 177 -28.48 -23.50 -21.14
C TYR D 177 -29.45 -24.54 -20.60
N TYR D 178 -30.46 -24.05 -19.88
CA TYR D 178 -31.45 -24.93 -19.28
C TYR D 178 -32.33 -25.55 -20.37
N HIS D 179 -32.80 -26.77 -20.10
CA HIS D 179 -33.66 -27.45 -21.07
C HIS D 179 -35.00 -26.76 -21.22
N ARG D 180 -35.66 -26.49 -20.09
CA ARG D 180 -36.92 -25.75 -20.07
C ARG D 180 -36.72 -24.52 -19.20
N GLY D 181 -36.69 -23.35 -19.82
CA GLY D 181 -36.58 -22.11 -19.08
C GLY D 181 -37.53 -21.03 -19.55
N HIS D 182 -38.44 -20.62 -18.67
CA HIS D 182 -39.39 -19.55 -18.95
C HIS D 182 -39.39 -18.61 -17.75
N VAL D 183 -38.77 -17.45 -17.88
CA VAL D 183 -38.73 -16.44 -16.83
C VAL D 183 -39.57 -15.26 -17.29
N ASP D 184 -40.62 -14.96 -16.53
CA ASP D 184 -41.51 -13.84 -16.83
C ASP D 184 -41.61 -13.06 -15.53
N PRO D 185 -40.64 -12.17 -15.27
CA PRO D 185 -40.65 -11.37 -14.04
C PRO D 185 -41.85 -10.45 -13.88
N ALA D 186 -42.50 -10.10 -15.00
CA ALA D 186 -43.59 -9.12 -15.00
C ALA D 186 -44.92 -9.70 -14.54
N ASN D 187 -45.08 -11.02 -14.60
CA ASN D 187 -46.21 -11.70 -14.00
C ASN D 187 -45.83 -12.38 -12.69
N ASP D 188 -44.58 -12.24 -12.28
CA ASP D 188 -44.03 -12.92 -11.10
C ASP D 188 -44.25 -14.42 -11.17
N THR D 189 -44.13 -14.98 -12.38
CA THR D 189 -44.26 -16.41 -12.60
C THR D 189 -43.09 -16.90 -13.44
N PHE D 190 -42.80 -18.19 -13.30
CA PHE D 190 -41.73 -18.84 -14.04
C PHE D 190 -41.86 -20.34 -13.86
N ASP D 191 -41.34 -21.09 -14.84
CA ASP D 191 -41.16 -22.53 -14.71
C ASP D 191 -39.81 -22.90 -15.32
N ILE D 192 -39.00 -23.63 -14.55
CA ILE D 192 -37.63 -23.95 -14.94
C ILE D 192 -37.37 -25.43 -14.66
N ASP D 193 -36.75 -26.10 -15.63
CA ASP D 193 -36.27 -27.47 -15.43
C ASP D 193 -34.75 -27.43 -15.38
N PRO D 194 -34.14 -27.49 -14.19
CA PRO D 194 -32.68 -27.37 -14.12
C PRO D 194 -31.98 -28.58 -14.73
N MET D 195 -31.49 -28.42 -15.96
CA MET D 195 -30.76 -29.45 -16.66
C MET D 195 -30.02 -28.82 -17.83
N VAL D 196 -28.70 -28.96 -17.88
CA VAL D 196 -27.87 -28.19 -18.81
C VAL D 196 -27.89 -28.87 -20.17
N VAL D 197 -28.43 -28.18 -21.17
CA VAL D 197 -28.39 -28.62 -22.55
C VAL D 197 -27.23 -27.93 -23.24
N THR D 198 -26.42 -28.70 -23.97
CA THR D 198 -25.21 -28.19 -24.61
C THR D 198 -25.31 -28.39 -26.11
N ASP D 199 -25.22 -27.29 -26.86
CA ASP D 199 -25.16 -27.31 -28.31
C ASP D 199 -23.85 -26.66 -28.74
N CYS D 200 -23.07 -27.38 -29.54
CA CYS D 200 -21.73 -26.94 -29.94
C CYS D 200 -21.64 -26.73 -31.43
N ILE D 201 -20.88 -25.70 -31.82
CA ILE D 201 -20.53 -25.44 -33.22
C ILE D 201 -19.05 -25.76 -33.38
N GLN D 202 -18.72 -26.54 -34.40
CA GLN D 202 -17.36 -26.98 -34.65
C GLN D 202 -16.76 -26.15 -35.78
N VAL D 203 -15.57 -25.61 -35.54
CA VAL D 203 -14.85 -24.80 -36.52
C VAL D 203 -13.54 -25.50 -36.84
N ASP D 204 -13.27 -25.69 -38.13
CA ASP D 204 -12.02 -26.28 -38.56
C ASP D 204 -11.14 -25.23 -39.22
N PRO D 205 -9.86 -25.17 -38.89
CA PRO D 205 -8.99 -24.11 -39.40
C PRO D 205 -8.55 -24.40 -40.82
N PRO D 206 -8.57 -23.40 -41.70
CA PRO D 206 -7.98 -23.58 -43.03
C PRO D 206 -6.49 -23.86 -42.94
N GLU D 207 -5.99 -24.65 -43.89
CA GLU D 207 -4.60 -25.06 -43.90
C GLU D 207 -3.69 -24.10 -44.66
N ARG D 208 -4.23 -22.99 -45.14
CA ARG D 208 -3.46 -21.99 -45.90
C ARG D 208 -2.80 -22.61 -47.12
N SER D 224 -18.15 -22.14 -40.54
CA SER D 224 -18.79 -21.28 -41.52
C SER D 224 -20.06 -20.65 -40.97
N SER D 225 -20.77 -21.43 -40.15
CA SER D 225 -22.05 -21.00 -39.58
C SER D 225 -21.92 -20.53 -38.13
N TYR D 226 -20.70 -20.25 -37.67
CA TYR D 226 -20.53 -19.73 -36.32
C TYR D 226 -21.02 -18.30 -36.19
N LYS D 227 -21.13 -17.57 -37.29
CA LYS D 227 -21.67 -16.22 -37.28
C LYS D 227 -23.19 -16.19 -37.12
N ASN D 228 -23.86 -17.35 -37.26
CA ASN D 228 -25.30 -17.45 -37.09
C ASN D 228 -25.69 -17.89 -35.69
N LEU D 229 -24.76 -17.80 -34.75
CA LEU D 229 -24.99 -18.29 -33.39
C LEU D 229 -26.04 -17.43 -32.69
N THR D 230 -26.98 -18.09 -32.02
CA THR D 230 -27.99 -17.43 -31.19
C THR D 230 -27.82 -17.91 -29.76
N LEU D 231 -27.74 -16.97 -28.82
CA LEU D 231 -27.25 -17.28 -27.48
C LEU D 231 -28.32 -17.74 -26.51
N LYS D 232 -29.60 -17.41 -26.75
CA LYS D 232 -30.69 -17.77 -25.83
C LYS D 232 -30.41 -17.21 -24.43
N PHE D 233 -30.39 -15.88 -24.37
CA PHE D 233 -29.83 -15.17 -23.22
C PHE D 233 -30.60 -15.48 -21.93
N HIS D 234 -31.92 -15.61 -22.02
CA HIS D 234 -32.72 -15.84 -20.81
C HIS D 234 -32.38 -17.17 -20.17
N LYS D 235 -32.18 -18.22 -20.97
CA LYS D 235 -31.81 -19.52 -20.44
C LYS D 235 -30.31 -19.74 -20.32
N LEU D 236 -29.49 -18.79 -20.76
CA LEU D 236 -28.06 -19.01 -20.85
C LEU D 236 -27.43 -19.20 -19.48
N VAL D 237 -26.50 -20.14 -19.40
CA VAL D 237 -25.70 -20.37 -18.19
C VAL D 237 -24.25 -19.97 -18.40
N ASN D 238 -23.63 -20.45 -19.48
CA ASN D 238 -22.28 -20.03 -19.83
C ASN D 238 -22.02 -20.32 -21.29
N VAL D 239 -21.01 -19.65 -21.84
CA VAL D 239 -20.52 -19.88 -23.19
C VAL D 239 -19.01 -20.10 -23.10
N THR D 240 -18.52 -21.15 -23.75
CA THR D 240 -17.11 -21.51 -23.68
C THR D 240 -16.56 -21.74 -25.08
N ILE D 241 -15.28 -21.41 -25.25
CA ILE D 241 -14.55 -21.64 -26.49
C ILE D 241 -13.34 -22.52 -26.16
N HIS D 242 -13.21 -23.64 -26.86
CA HIS D 242 -12.14 -24.59 -26.60
C HIS D 242 -11.30 -24.77 -27.86
N PHE D 243 -9.98 -24.62 -27.71
CA PHE D 243 -9.06 -24.95 -28.78
C PHE D 243 -7.68 -25.18 -28.17
N ARG D 244 -6.80 -25.81 -28.95
CA ARG D 244 -5.46 -26.14 -28.49
C ARG D 244 -4.43 -25.62 -29.47
N LEU D 245 -3.24 -25.32 -28.96
CA LEU D 245 -2.16 -24.76 -29.74
C LEU D 245 -0.86 -25.47 -29.40
N LYS D 246 -0.09 -25.80 -30.43
CA LYS D 246 1.21 -26.46 -30.26
C LYS D 246 2.33 -25.49 -30.60
N THR D 247 3.31 -25.40 -29.71
CA THR D 247 4.45 -24.52 -29.90
C THR D 247 5.72 -25.24 -29.44
N ILE D 248 6.87 -24.67 -29.81
CA ILE D 248 8.17 -25.20 -29.43
C ILE D 248 8.84 -24.19 -28.52
N ASN D 249 9.26 -24.64 -27.34
CA ASN D 249 9.93 -23.78 -26.37
C ASN D 249 11.38 -23.60 -26.80
N LEU D 250 11.71 -22.40 -27.26
CA LEU D 250 13.05 -22.08 -27.72
C LEU D 250 13.90 -21.39 -26.65
N GLN D 251 13.34 -21.13 -25.47
CA GLN D 251 14.14 -20.58 -24.38
C GLN D 251 15.17 -21.59 -23.88
N SER D 252 14.86 -22.89 -23.99
CA SER D 252 15.75 -23.93 -23.50
C SER D 252 17.05 -24.02 -24.29
N LEU D 253 17.16 -23.34 -25.44
CA LEU D 253 18.47 -23.19 -26.07
C LEU D 253 19.46 -22.56 -25.12
N ILE D 254 19.00 -21.64 -24.28
CA ILE D 254 19.77 -21.18 -23.13
C ILE D 254 19.64 -22.22 -22.03
N ASN D 255 20.72 -22.41 -21.27
CA ASN D 255 20.91 -23.47 -20.27
C ASN D 255 21.22 -24.80 -20.95
N ASN D 256 21.43 -24.79 -22.27
CA ASN D 256 21.87 -25.97 -23.02
C ASN D 256 20.90 -27.14 -22.88
N GLU D 257 19.61 -26.85 -22.89
CA GLU D 257 18.58 -27.87 -22.88
C GLU D 257 18.01 -28.09 -24.28
N ILE D 258 17.48 -29.28 -24.49
CA ILE D 258 16.83 -29.61 -25.76
C ILE D 258 15.44 -28.99 -25.77
N PRO D 259 15.05 -28.27 -26.84
CA PRO D 259 13.74 -27.63 -26.86
C PRO D 259 12.59 -28.60 -26.62
N ASP D 260 11.57 -28.12 -25.91
CA ASP D 260 10.42 -28.92 -25.52
C ASP D 260 9.24 -28.61 -26.41
N CYS D 261 8.36 -29.60 -26.59
CA CYS D 261 7.15 -29.45 -27.39
C CYS D 261 5.99 -29.17 -26.43
N TYR D 262 5.46 -27.95 -26.48
CA TYR D 262 4.34 -27.54 -25.64
C TYR D 262 3.03 -27.63 -26.40
N THR D 263 1.98 -28.03 -25.70
CA THR D 263 0.60 -28.01 -26.20
C THR D 263 -0.25 -27.26 -25.19
N PHE D 264 -0.74 -26.08 -25.58
CA PHE D 264 -1.56 -25.25 -24.70
C PHE D 264 -3.03 -25.49 -25.00
N SER D 265 -3.78 -25.91 -23.98
CA SER D 265 -5.23 -26.00 -24.07
C SER D 265 -5.82 -24.69 -23.56
N VAL D 266 -6.56 -23.99 -24.41
CA VAL D 266 -7.06 -22.65 -24.12
C VAL D 266 -8.57 -22.73 -23.93
N LEU D 267 -9.04 -22.18 -22.81
CA LEU D 267 -10.47 -22.11 -22.50
C LEU D 267 -10.86 -20.66 -22.26
N ILE D 268 -11.78 -20.15 -23.06
CA ILE D 268 -12.35 -18.83 -22.87
C ILE D 268 -13.78 -19.01 -22.39
N THR D 269 -14.08 -18.51 -21.19
CA THR D 269 -15.37 -18.72 -20.56
C THR D 269 -16.12 -17.40 -20.47
N PHE D 270 -17.37 -17.40 -20.92
CA PHE D 270 -18.31 -16.30 -20.73
C PHE D 270 -19.37 -16.81 -19.75
N ASP D 271 -19.23 -16.44 -18.48
CA ASP D 271 -19.99 -17.06 -17.40
C ASP D 271 -21.20 -16.20 -17.04
N ASN D 272 -22.38 -16.78 -17.14
CA ASN D 272 -23.64 -16.12 -16.77
C ASN D 272 -24.36 -16.92 -15.70
N LYS D 273 -23.62 -17.49 -14.75
CA LYS D 273 -24.22 -18.31 -13.72
C LYS D 273 -24.96 -17.48 -12.67
N ALA D 274 -24.67 -16.18 -12.56
CA ALA D 274 -25.32 -15.32 -11.59
C ALA D 274 -26.59 -14.67 -12.13
N HIS D 275 -26.78 -14.65 -13.44
CA HIS D 275 -27.92 -14.02 -14.10
C HIS D 275 -28.17 -12.61 -13.54
N SER D 276 -27.10 -11.84 -13.45
CA SER D 276 -27.15 -10.50 -12.87
C SER D 276 -26.97 -9.40 -13.90
N GLY D 277 -26.90 -9.74 -15.19
CA GLY D 277 -26.66 -8.78 -16.23
C GLY D 277 -25.21 -8.49 -16.52
N ARG D 278 -24.29 -9.04 -15.72
CA ARG D 278 -22.86 -8.84 -15.89
C ARG D 278 -22.22 -10.20 -16.13
N ILE D 279 -21.61 -10.38 -17.28
CA ILE D 279 -21.04 -11.67 -17.66
C ILE D 279 -19.51 -11.57 -17.70
N PRO D 280 -18.81 -12.09 -16.69
CA PRO D 280 -17.35 -12.05 -16.70
C PRO D 280 -16.76 -12.87 -17.84
N ILE D 281 -15.64 -12.41 -18.36
CA ILE D 281 -14.91 -13.08 -19.44
C ILE D 281 -13.50 -13.37 -18.94
N SER D 282 -13.11 -14.64 -18.99
CA SER D 282 -11.79 -15.06 -18.54
C SER D 282 -11.19 -16.04 -19.54
N LEU D 283 -9.86 -16.06 -19.59
CA LEU D 283 -9.11 -16.98 -20.44
C LEU D 283 -8.13 -17.75 -19.58
N GLU D 284 -8.23 -19.08 -19.59
CA GLU D 284 -7.34 -19.95 -18.84
C GLU D 284 -6.66 -20.93 -19.79
N THR D 285 -5.42 -21.28 -19.46
CA THR D 285 -4.63 -22.19 -20.26
C THR D 285 -4.10 -23.33 -19.40
N GLN D 286 -3.95 -24.50 -20.03
CA GLN D 286 -3.33 -25.67 -19.42
C GLN D 286 -2.30 -26.22 -20.40
N ALA D 287 -1.04 -26.27 -19.96
CA ALA D 287 0.05 -26.68 -20.83
C ALA D 287 0.38 -28.16 -20.61
N HIS D 288 0.50 -28.90 -21.71
CA HIS D 288 0.92 -30.30 -21.69
C HIS D 288 2.29 -30.39 -22.36
N ILE D 289 3.34 -30.62 -21.57
CA ILE D 289 4.69 -30.69 -22.09
C ILE D 289 5.00 -32.11 -22.54
N GLN D 290 5.54 -32.24 -23.76
CA GLN D 290 5.98 -33.53 -24.28
C GLN D 290 7.32 -33.34 -24.97
N GLU D 291 7.93 -34.45 -25.35
CA GLU D 291 9.18 -34.41 -26.08
C GLU D 291 8.92 -34.23 -27.58
N CYS D 292 9.94 -33.76 -28.29
CA CYS D 292 9.84 -33.49 -29.72
C CYS D 292 10.44 -34.65 -30.50
N LYS D 293 9.75 -35.04 -31.59
CA LYS D 293 10.08 -36.27 -32.29
C LYS D 293 11.49 -36.24 -32.87
N HIS D 294 11.87 -35.14 -33.52
CA HIS D 294 13.19 -35.00 -34.14
C HIS D 294 13.85 -33.74 -33.62
N PRO D 295 14.37 -33.77 -32.39
CA PRO D 295 15.07 -32.60 -31.81
C PRO D 295 16.56 -32.57 -32.14
N SER D 296 16.87 -32.16 -33.37
CA SER D 296 18.26 -32.04 -33.83
C SER D 296 18.73 -30.61 -33.62
N VAL D 297 19.68 -30.42 -32.71
CA VAL D 297 20.23 -29.09 -32.40
C VAL D 297 21.75 -29.19 -32.52
N PHE D 298 22.27 -28.93 -33.73
CA PHE D 298 23.69 -28.75 -34.01
C PHE D 298 24.61 -29.66 -33.21
N GLN D 299 25.31 -29.08 -32.23
CA GLN D 299 26.21 -29.82 -31.34
C GLN D 299 25.59 -29.83 -29.95
N HIS D 300 24.73 -30.82 -29.70
CA HIS D 300 24.08 -30.95 -28.40
C HIS D 300 23.47 -32.34 -28.27
N SER D 304 23.48 -35.58 -18.73
CA SER D 304 23.39 -36.68 -17.78
C SER D 304 23.89 -36.25 -16.40
N PHE D 305 24.46 -35.04 -16.35
CA PHE D 305 24.95 -34.51 -15.08
C PHE D 305 23.83 -34.38 -14.08
N ARG D 306 22.66 -33.89 -14.52
CA ARG D 306 21.53 -33.72 -13.61
C ARG D 306 21.04 -35.06 -13.07
N LEU D 307 20.94 -36.07 -13.95
CA LEU D 307 20.48 -37.38 -13.51
C LEU D 307 21.47 -38.01 -12.54
N LEU D 308 22.78 -37.90 -12.83
CA LEU D 308 23.77 -38.47 -11.93
C LEU D 308 23.78 -37.74 -10.59
N PHE D 309 23.59 -36.43 -10.60
CA PHE D 309 23.51 -35.68 -9.34
C PHE D 309 22.30 -36.11 -8.52
N ASP D 310 21.16 -36.34 -9.20
CA ASP D 310 19.99 -36.85 -8.50
C ASP D 310 20.27 -38.22 -7.90
N VAL D 311 20.96 -39.09 -8.63
CA VAL D 311 21.32 -40.40 -8.11
C VAL D 311 22.21 -40.26 -6.88
N VAL D 312 23.16 -39.32 -6.92
CA VAL D 312 24.05 -39.10 -5.79
C VAL D 312 23.27 -38.64 -4.57
N VAL D 313 22.32 -37.73 -4.77
CA VAL D 313 21.47 -37.26 -3.66
C VAL D 313 20.70 -38.44 -3.07
N ILE D 314 20.15 -39.30 -3.93
CA ILE D 314 19.43 -40.47 -3.44
C ILE D 314 20.33 -41.37 -2.61
N LEU D 315 21.56 -41.60 -3.08
CA LEU D 315 22.50 -42.44 -2.34
C LEU D 315 22.83 -41.86 -0.97
N THR D 316 23.15 -40.56 -0.93
CA THR D 316 23.49 -39.95 0.35
C THR D 316 22.30 -39.96 1.32
N CYS D 317 21.09 -39.73 0.81
CA CYS D 317 19.94 -39.76 1.71
C CYS D 317 19.59 -41.17 2.15
N SER D 318 19.89 -42.18 1.35
CA SER D 318 19.66 -43.55 1.80
C SER D 318 20.66 -43.97 2.86
N LEU D 319 21.93 -43.55 2.71
CA LEU D 319 22.90 -43.79 3.77
C LEU D 319 22.50 -43.09 5.07
N SER D 320 22.05 -41.84 4.98
CA SER D 320 21.61 -41.13 6.17
C SER D 320 20.42 -41.83 6.83
N PHE D 321 19.45 -42.28 6.01
CA PHE D 321 18.31 -43.03 6.53
C PHE D 321 18.77 -44.28 7.26
N LEU D 322 19.71 -45.02 6.65
CA LEU D 322 20.18 -46.27 7.25
C LEU D 322 20.84 -46.02 8.60
N LEU D 323 21.72 -45.02 8.68
CA LEU D 323 22.39 -44.75 9.94
C LEU D 323 21.41 -44.27 11.00
N CYS D 324 20.46 -43.41 10.63
CA CYS D 324 19.48 -42.94 11.61
C CYS D 324 18.60 -44.08 12.11
N ALA D 325 18.23 -45.01 11.22
CA ALA D 325 17.44 -46.17 11.64
C ALA D 325 18.23 -47.05 12.59
N ARG D 326 19.52 -47.28 12.31
CA ARG D 326 20.35 -48.06 13.22
C ARG D 326 20.44 -47.38 14.59
N SER D 327 20.61 -46.06 14.60
CA SER D 327 20.70 -45.33 15.87
C SER D 327 19.40 -45.45 16.65
N LEU D 328 18.26 -45.37 15.97
CA LEU D 328 16.98 -45.56 16.65
C LEU D 328 16.85 -46.97 17.21
N LEU D 329 17.35 -47.97 16.49
CA LEU D 329 17.31 -49.34 17.00
C LEU D 329 18.14 -49.47 18.27
N ARG D 330 19.34 -48.87 18.27
CA ARG D 330 20.16 -48.89 19.49
C ARG D 330 19.46 -48.17 20.64
N GLY D 331 18.82 -47.03 20.33
CA GLY D 331 18.09 -46.31 21.36
C GLY D 331 16.98 -47.14 21.98
N PHE D 332 16.21 -47.83 21.14
CA PHE D 332 15.14 -48.67 21.67
C PHE D 332 15.69 -49.84 22.48
N LEU D 333 16.80 -50.44 22.03
CA LEU D 333 17.42 -51.52 22.80
C LEU D 333 17.83 -51.03 24.18
N LEU D 334 18.46 -49.86 24.25
CA LEU D 334 18.84 -49.31 25.55
C LEU D 334 17.63 -48.93 26.37
N GLN D 335 16.54 -48.50 25.73
CA GLN D 335 15.32 -48.20 26.46
C GLN D 335 14.76 -49.45 27.14
N ASN D 336 14.75 -50.59 26.43
CA ASN D 336 14.30 -51.81 27.07
C ASN D 336 15.26 -52.26 28.17
N GLU D 337 16.57 -52.09 27.95
CA GLU D 337 17.53 -52.50 28.96
C GLU D 337 17.41 -51.66 30.23
N PHE D 338 17.16 -50.36 30.10
CA PHE D 338 16.98 -49.51 31.28
C PHE D 338 15.62 -49.70 31.92
N VAL D 339 14.59 -49.98 31.12
CA VAL D 339 13.27 -50.29 31.67
C VAL D 339 13.34 -51.56 32.52
N GLY D 340 14.20 -52.51 32.12
CA GLY D 340 14.36 -53.71 32.91
C GLY D 340 15.10 -53.51 34.23
N PHE D 341 15.21 -52.26 34.69
CA PHE D 341 15.83 -51.96 35.97
C PHE D 341 14.94 -51.09 36.86
N MET D 342 14.07 -50.29 36.25
CA MET D 342 13.13 -49.51 37.06
C MET D 342 12.28 -50.41 37.94
N TRP D 343 11.92 -51.58 37.42
CA TRP D 343 11.45 -52.70 38.23
C TRP D 343 10.15 -52.39 38.95
N GLU D 354 7.27 -37.45 30.51
CA GLU D 354 8.28 -37.41 29.47
C GLU D 354 9.41 -38.39 29.76
N ARG D 355 9.31 -39.07 30.90
CA ARG D 355 10.33 -40.05 31.27
C ARG D 355 10.30 -41.28 30.37
N LEU D 356 9.12 -41.60 29.81
CA LEU D 356 9.00 -42.81 29.00
C LEU D 356 9.84 -42.71 27.73
N GLU D 357 9.83 -41.55 27.07
CA GLU D 357 10.55 -41.40 25.81
C GLU D 357 12.03 -41.20 26.07
N PHE D 358 12.86 -41.91 25.30
CA PHE D 358 14.30 -41.74 25.32
C PHE D 358 14.86 -41.80 23.91
N VAL D 359 14.18 -41.14 22.97
CA VAL D 359 14.55 -41.16 21.57
C VAL D 359 15.08 -39.78 21.18
N ASN D 360 15.99 -39.77 20.20
CA ASN D 360 16.60 -38.54 19.71
C ASN D 360 15.71 -37.97 18.59
N GLY D 361 15.08 -36.83 18.85
CA GLY D 361 14.18 -36.24 17.87
C GLY D 361 14.90 -35.76 16.62
N TRP D 362 16.18 -35.42 16.74
CA TRP D 362 16.95 -34.99 15.58
C TRP D 362 17.03 -36.11 14.55
N TYR D 363 17.21 -37.36 15.01
CA TYR D 363 17.27 -38.48 14.08
C TYR D 363 15.92 -38.71 13.41
N ILE D 364 14.82 -38.50 14.13
CA ILE D 364 13.49 -38.61 13.54
C ILE D 364 13.32 -37.57 12.43
N LEU D 365 13.73 -36.33 12.72
CA LEU D 365 13.66 -35.27 11.71
C LEU D 365 14.52 -35.61 10.50
N LEU D 366 15.70 -36.16 10.74
CA LEU D 366 16.59 -36.56 9.63
C LEU D 366 15.96 -37.66 8.79
N VAL D 367 15.32 -38.64 9.44
CA VAL D 367 14.65 -39.71 8.70
C VAL D 367 13.53 -39.15 7.83
N THR D 368 12.73 -38.24 8.39
CA THR D 368 11.65 -37.63 7.62
C THR D 368 12.21 -36.87 6.42
N SER D 369 13.28 -36.11 6.64
CA SER D 369 13.89 -35.34 5.55
C SER D 369 14.43 -36.26 4.47
N ASP D 370 15.07 -37.37 4.87
CA ASP D 370 15.59 -38.32 3.89
C ASP D 370 14.49 -38.93 3.06
N VAL D 371 13.39 -39.33 3.70
CA VAL D 371 12.27 -39.92 2.96
C VAL D 371 11.70 -38.90 1.98
N LEU D 372 11.49 -37.67 2.45
CA LEU D 372 10.96 -36.63 1.58
C LEU D 372 11.89 -36.35 0.40
N THR D 373 13.20 -36.33 0.66
CA THR D 373 14.15 -36.06 -0.42
C THR D 373 14.16 -37.18 -1.45
N ILE D 374 14.12 -38.44 -1.01
CA ILE D 374 14.11 -39.54 -1.96
C ILE D 374 12.84 -39.51 -2.81
N SER D 375 11.69 -39.29 -2.17
CA SER D 375 10.44 -39.22 -2.93
C SER D 375 10.48 -38.06 -3.93
N GLY D 376 10.94 -36.89 -3.49
CA GLY D 376 11.03 -35.75 -4.38
C GLY D 376 12.01 -35.95 -5.51
N THR D 377 13.12 -36.66 -5.26
CA THR D 377 14.11 -36.88 -6.30
C THR D 377 13.59 -37.85 -7.35
N ILE D 378 12.92 -38.92 -6.93
CA ILE D 378 12.29 -39.82 -7.92
C ILE D 378 11.25 -39.06 -8.73
N MET D 379 10.44 -38.23 -8.06
CA MET D 379 9.42 -37.47 -8.76
C MET D 379 10.06 -36.48 -9.73
N LYS D 380 11.20 -35.89 -9.35
CA LYS D 380 11.91 -34.98 -10.23
C LYS D 380 12.48 -35.70 -11.45
N ILE D 381 13.02 -36.91 -11.24
CA ILE D 381 13.52 -37.68 -12.38
C ILE D 381 12.38 -37.96 -13.35
N GLY D 382 11.22 -38.33 -12.82
CA GLY D 382 10.07 -38.52 -13.69
C GLY D 382 9.65 -37.27 -14.44
N ILE D 383 9.53 -36.16 -13.73
CA ILE D 383 9.13 -34.88 -14.33
C ILE D 383 10.09 -34.49 -15.45
N GLU D 384 11.39 -34.64 -15.21
CA GLU D 384 12.37 -34.29 -16.23
C GLU D 384 12.36 -35.28 -17.39
N ALA D 385 12.01 -36.54 -17.13
CA ALA D 385 11.83 -37.51 -18.20
C ALA D 385 10.54 -37.27 -18.98
N LYS D 386 9.67 -36.38 -18.49
CA LYS D 386 8.46 -35.90 -19.17
C LYS D 386 7.31 -36.90 -19.08
N ASN D 387 7.46 -37.94 -18.27
CA ASN D 387 6.37 -38.88 -18.05
C ASN D 387 5.45 -38.46 -16.90
N LEU D 388 5.81 -37.42 -16.16
CA LEU D 388 4.98 -36.88 -15.09
C LEU D 388 5.05 -35.37 -15.13
N ALA D 389 3.90 -34.71 -14.97
CA ALA D 389 3.91 -33.24 -14.85
C ALA D 389 3.93 -32.84 -13.39
N SER D 390 2.82 -33.09 -12.68
CA SER D 390 2.72 -33.14 -11.22
C SER D 390 3.69 -32.23 -10.49
N TYR D 391 3.75 -30.95 -10.87
CA TYR D 391 4.84 -30.08 -10.43
C TYR D 391 4.71 -29.69 -8.96
N ASP D 392 3.48 -29.61 -8.43
CA ASP D 392 3.28 -29.09 -7.08
C ASP D 392 3.83 -30.05 -6.03
N VAL D 393 3.53 -31.34 -6.16
CA VAL D 393 3.89 -32.30 -5.11
C VAL D 393 5.40 -32.41 -4.97
N CYS D 394 6.11 -32.50 -6.09
CA CYS D 394 7.56 -32.62 -6.05
C CYS D 394 8.20 -31.39 -5.42
N SER D 395 7.73 -30.21 -5.80
CA SER D 395 8.28 -28.97 -5.23
C SER D 395 8.01 -28.90 -3.73
N ILE D 396 6.80 -29.28 -3.30
CA ILE D 396 6.49 -29.26 -1.88
C ILE D 396 7.39 -30.22 -1.11
N LEU D 397 7.56 -31.44 -1.63
CA LEU D 397 8.41 -32.42 -0.96
C LEU D 397 9.84 -31.90 -0.85
N LEU D 398 10.40 -31.40 -1.95
CA LEU D 398 11.79 -30.94 -1.95
C LEU D 398 11.97 -29.74 -1.02
N GLY D 399 11.03 -28.80 -1.03
CA GLY D 399 11.15 -27.64 -0.16
C GLY D 399 11.04 -27.99 1.30
N THR D 400 10.09 -28.85 1.66
CA THR D 400 9.96 -29.28 3.05
C THR D 400 11.21 -30.02 3.51
N SER D 401 11.76 -30.88 2.64
CA SER D 401 12.97 -31.60 3.00
C SER D 401 14.14 -30.65 3.20
N THR D 402 14.29 -29.65 2.31
CA THR D 402 15.37 -28.68 2.46
C THR D 402 15.23 -27.90 3.76
N LEU D 403 14.02 -27.47 4.09
CA LEU D 403 13.80 -26.77 5.35
C LEU D 403 14.17 -27.65 6.54
N LEU D 404 13.75 -28.92 6.51
CA LEU D 404 14.03 -29.82 7.62
C LEU D 404 15.54 -30.04 7.78
N VAL D 405 16.26 -30.22 6.67
CA VAL D 405 17.70 -30.43 6.79
C VAL D 405 18.40 -29.14 7.25
N TRP D 406 17.87 -27.97 6.90
CA TRP D 406 18.44 -26.74 7.43
C TRP D 406 18.08 -26.49 8.88
N VAL D 407 17.08 -27.20 9.42
CA VAL D 407 16.83 -27.12 10.86
C VAL D 407 17.96 -27.77 11.66
N GLY D 408 18.59 -28.82 11.11
CA GLY D 408 19.57 -29.61 11.87
C GLY D 408 20.83 -28.85 12.24
N VAL D 409 21.10 -27.72 11.59
CA VAL D 409 22.23 -26.89 12.02
C VAL D 409 22.01 -26.42 13.45
N ILE D 410 20.74 -26.29 13.86
CA ILE D 410 20.46 -26.04 15.27
C ILE D 410 20.98 -27.20 16.12
N ARG D 411 20.77 -28.43 15.67
CA ARG D 411 21.32 -29.59 16.38
C ARG D 411 22.83 -29.48 16.52
N TYR D 412 23.51 -29.07 15.45
CA TYR D 412 24.95 -28.88 15.55
C TYR D 412 25.30 -27.78 16.55
N LEU D 413 24.52 -26.70 16.57
CA LEU D 413 24.80 -25.60 17.49
C LEU D 413 24.52 -25.97 18.95
N THR D 414 23.63 -26.93 19.19
CA THR D 414 23.34 -27.34 20.57
C THR D 414 24.56 -27.97 21.23
N PHE D 415 25.46 -28.54 20.43
CA PHE D 415 26.67 -29.16 20.98
C PHE D 415 27.51 -28.16 21.78
N PHE D 416 27.39 -26.88 21.47
CA PHE D 416 28.06 -25.83 22.22
C PHE D 416 27.27 -25.49 23.48
N HIS D 417 27.60 -24.41 24.16
CA HIS D 417 27.00 -24.08 25.45
C HIS D 417 26.13 -22.83 25.39
N ASN D 418 26.64 -21.73 24.86
CA ASN D 418 25.84 -20.50 24.79
C ASN D 418 24.69 -20.66 23.80
N TYR D 419 24.96 -21.23 22.63
CA TYR D 419 23.88 -21.56 21.71
C TYR D 419 22.90 -22.53 22.36
N ASN D 420 23.40 -23.47 23.16
CA ASN D 420 22.54 -24.42 23.83
C ASN D 420 21.58 -23.74 24.79
N ILE D 421 22.08 -22.76 25.57
CA ILE D 421 21.19 -22.07 26.49
C ILE D 421 20.21 -21.18 25.73
N LEU D 422 20.65 -20.59 24.62
CA LEU D 422 19.75 -19.77 23.81
C LEU D 422 18.62 -20.61 23.20
N ILE D 423 18.89 -21.87 22.88
CA ILE D 423 17.84 -22.73 22.35
C ILE D 423 16.99 -23.34 23.47
N ALA D 424 17.59 -23.58 24.64
CA ALA D 424 16.85 -24.10 25.78
C ALA D 424 15.90 -23.06 26.36
N THR D 425 16.20 -21.77 26.19
CA THR D 425 15.25 -20.73 26.58
C THR D 425 13.96 -20.87 25.79
N LEU D 426 14.06 -21.02 24.47
CA LEU D 426 12.87 -21.21 23.64
C LEU D 426 12.17 -22.51 23.98
N ARG D 427 12.94 -23.58 24.22
CA ARG D 427 12.33 -24.85 24.60
C ARG D 427 11.51 -24.70 25.87
N VAL D 428 12.04 -23.95 26.85
CA VAL D 428 11.31 -23.73 28.09
C VAL D 428 10.06 -22.88 27.85
N ALA D 429 10.19 -21.86 27.00
CA ALA D 429 9.07 -20.93 26.79
C ALA D 429 7.94 -21.51 25.96
N LEU D 430 8.19 -22.54 25.15
CA LEU D 430 7.17 -23.08 24.24
C LEU D 430 5.86 -23.51 24.91
N PRO D 431 5.87 -24.31 25.99
CA PRO D 431 4.58 -24.80 26.53
C PRO D 431 3.62 -23.70 26.95
N SER D 432 4.12 -22.69 27.68
CA SER D 432 3.25 -21.58 28.07
C SER D 432 2.78 -20.81 26.86
N VAL D 433 3.62 -20.73 25.82
CA VAL D 433 3.20 -20.06 24.59
C VAL D 433 2.04 -20.80 23.95
N MET D 434 2.05 -22.13 23.95
CA MET D 434 0.91 -22.87 23.40
C MET D 434 -0.34 -22.73 24.27
N ARG D 435 -0.16 -22.74 25.58
CA ARG D 435 -1.30 -22.62 26.48
C ARG D 435 -1.98 -21.26 26.34
N PHE D 436 -1.19 -20.20 26.20
CA PHE D 436 -1.77 -18.88 25.92
C PHE D 436 -2.32 -18.81 24.50
N CYS D 437 -1.74 -19.55 23.57
CA CYS D 437 -2.25 -19.58 22.20
C CYS D 437 -3.69 -20.09 22.17
N CYS D 438 -3.98 -21.14 22.93
CA CYS D 438 -5.36 -21.63 22.99
C CYS D 438 -6.33 -20.57 23.53
N CYS D 439 -5.96 -19.93 24.64
CA CYS D 439 -6.82 -18.92 25.27
C CYS D 439 -7.06 -17.74 24.36
N ALA D 440 -6.04 -17.33 23.60
CA ALA D 440 -6.23 -16.22 22.67
C ALA D 440 -6.89 -16.66 21.38
N GLY D 441 -6.79 -17.94 21.03
CA GLY D 441 -7.35 -18.46 19.80
C GLY D 441 -8.84 -18.60 19.88
N VAL D 442 -9.37 -18.91 21.07
CA VAL D 442 -10.83 -18.94 21.19
C VAL D 442 -11.43 -17.55 20.95
N ILE D 443 -10.82 -16.52 21.54
CA ILE D 443 -11.26 -15.14 21.28
C ILE D 443 -11.09 -14.79 19.81
N TYR D 444 -9.96 -15.18 19.23
CA TYR D 444 -9.67 -14.88 17.83
C TYR D 444 -10.71 -15.50 16.91
N LEU D 445 -11.09 -16.76 17.19
CA LEU D 445 -12.12 -17.43 16.40
C LEU D 445 -13.47 -16.75 16.56
N GLY D 446 -13.82 -16.34 17.78
CA GLY D 446 -15.08 -15.62 17.96
C GLY D 446 -15.10 -14.32 17.20
N TYR D 447 -14.00 -13.58 17.22
CA TYR D 447 -13.91 -12.33 16.46
C TYR D 447 -13.95 -12.58 14.97
N CYS D 448 -13.34 -13.68 14.49
CA CYS D 448 -13.40 -14.01 13.07
C CYS D 448 -14.83 -14.27 12.64
N PHE D 449 -15.57 -15.06 13.42
CA PHE D 449 -16.96 -15.35 13.09
C PHE D 449 -17.81 -14.08 13.09
N CYS D 450 -17.65 -13.24 14.12
CA CYS D 450 -18.44 -12.01 14.19
C CYS D 450 -18.11 -11.08 13.04
N GLY D 451 -16.82 -10.90 12.75
CA GLY D 451 -16.42 -10.03 11.65
C GLY D 451 -16.94 -10.51 10.31
N TRP D 452 -16.84 -11.82 10.06
CA TRP D 452 -17.39 -12.36 8.82
C TRP D 452 -18.88 -12.06 8.73
N ILE D 453 -19.65 -12.45 9.75
CA ILE D 453 -21.10 -12.36 9.67
C ILE D 453 -21.56 -10.91 9.53
N VAL D 454 -20.84 -9.96 10.12
CA VAL D 454 -21.31 -8.58 10.06
C VAL D 454 -20.76 -7.83 8.86
N LEU D 455 -19.46 -7.93 8.58
CA LEU D 455 -18.80 -7.11 7.58
C LEU D 455 -18.61 -7.81 6.25
N GLY D 456 -19.19 -8.99 6.04
CA GLY D 456 -19.20 -9.59 4.73
C GLY D 456 -19.90 -8.77 3.67
N PRO D 457 -21.12 -8.29 3.95
CA PRO D 457 -21.85 -7.50 2.93
C PRO D 457 -21.19 -6.19 2.54
N TYR D 458 -20.32 -5.62 3.38
CA TYR D 458 -19.87 -4.26 3.18
C TYR D 458 -18.36 -4.09 3.06
N HIS D 459 -17.56 -5.11 3.35
CA HIS D 459 -16.12 -4.96 3.37
C HIS D 459 -15.48 -5.98 2.44
N VAL D 460 -14.55 -5.52 1.61
CA VAL D 460 -13.91 -6.39 0.63
C VAL D 460 -13.05 -7.44 1.32
N LYS D 461 -12.41 -7.07 2.43
CA LYS D 461 -11.49 -7.97 3.13
C LYS D 461 -12.20 -8.95 4.06
N PHE D 462 -13.53 -8.92 4.14
CA PHE D 462 -14.28 -9.76 5.06
C PHE D 462 -15.24 -10.70 4.34
N ARG D 463 -14.97 -11.03 3.07
CA ARG D 463 -15.93 -11.82 2.30
C ARG D 463 -15.95 -13.29 2.70
N SER D 464 -14.79 -13.88 2.96
CA SER D 464 -14.68 -15.29 3.33
C SER D 464 -14.02 -15.41 4.71
N LEU D 465 -14.18 -16.60 5.31
CA LEU D 465 -13.62 -16.82 6.64
C LEU D 465 -12.10 -16.81 6.62
N SER D 466 -11.49 -17.41 5.61
CA SER D 466 -10.03 -17.37 5.51
C SER D 466 -9.53 -15.95 5.30
N MET D 467 -10.24 -15.17 4.48
CA MET D 467 -9.87 -13.76 4.30
C MET D 467 -10.00 -12.99 5.60
N VAL D 468 -11.06 -13.25 6.37
CA VAL D 468 -11.23 -12.59 7.66
C VAL D 468 -10.08 -12.95 8.60
N SER D 469 -9.69 -14.22 8.60
CA SER D 469 -8.57 -14.64 9.45
C SER D 469 -7.29 -13.96 9.04
N GLU D 470 -7.02 -13.86 7.73
CA GLU D 470 -5.81 -13.17 7.28
C GLU D 470 -5.84 -11.69 7.64
N CYS D 471 -7.01 -11.06 7.47
CA CYS D 471 -7.14 -9.64 7.83
C CYS D 471 -6.87 -9.42 9.31
N LEU D 472 -7.46 -10.26 10.17
CA LEU D 472 -7.25 -10.11 11.60
C LEU D 472 -5.80 -10.37 11.99
N PHE D 473 -5.19 -11.39 11.36
CA PHE D 473 -3.79 -11.69 11.65
C PHE D 473 -2.88 -10.54 11.25
N SER D 474 -3.13 -9.93 10.09
CA SER D 474 -2.33 -8.77 9.69
C SER D 474 -2.59 -7.56 10.59
N LEU D 475 -3.84 -7.41 11.06
CA LEU D 475 -4.14 -6.33 11.99
C LEU D 475 -3.39 -6.50 13.30
N ILE D 476 -3.28 -7.74 13.77
CA ILE D 476 -2.57 -8.01 15.02
C ILE D 476 -1.11 -7.59 14.92
N ASN D 477 -0.49 -7.78 13.75
CA ASN D 477 0.92 -7.50 13.56
C ASN D 477 1.18 -6.09 13.04
N GLY D 478 0.15 -5.26 12.94
CA GLY D 478 0.33 -3.88 12.56
C GLY D 478 0.45 -3.62 11.07
N ASP D 479 -0.39 -4.27 10.26
CA ASP D 479 -0.35 -4.08 8.82
C ASP D 479 -1.77 -3.94 8.28
N ASP D 480 -1.93 -3.02 7.33
CA ASP D 480 -3.18 -2.83 6.59
C ASP D 480 -4.34 -2.47 7.52
N MET D 481 -4.11 -1.48 8.39
CA MET D 481 -5.12 -1.02 9.34
C MET D 481 -5.90 0.17 8.80
N PHE D 482 -5.21 1.17 8.27
CA PHE D 482 -5.90 2.34 7.73
C PHE D 482 -6.74 1.97 6.51
N VAL D 483 -6.31 0.99 5.72
CA VAL D 483 -7.12 0.59 4.57
C VAL D 483 -8.43 -0.02 5.03
N THR D 484 -8.40 -0.85 6.08
CA THR D 484 -9.62 -1.38 6.66
C THR D 484 -10.53 -0.27 7.18
N PHE D 485 -9.94 0.67 7.93
CA PHE D 485 -10.73 1.77 8.47
C PHE D 485 -11.34 2.62 7.37
N ALA D 486 -10.59 2.88 6.30
CA ALA D 486 -11.09 3.71 5.21
C ALA D 486 -12.15 2.97 4.39
N ALA D 487 -11.98 1.66 4.22
CA ALA D 487 -13.01 0.87 3.55
C ALA D 487 -14.31 0.92 4.33
N MET D 488 -14.24 0.86 5.65
CA MET D 488 -15.46 1.02 6.45
C MET D 488 -15.98 2.45 6.39
N GLN D 489 -15.09 3.43 6.35
CA GLN D 489 -15.51 4.84 6.33
C GLN D 489 -16.20 5.21 5.02
N ALA D 490 -15.84 4.54 3.92
CA ALA D 490 -16.42 4.84 2.62
C ALA D 490 -17.91 4.53 2.58
N GLN D 491 -18.43 3.92 3.64
CA GLN D 491 -19.84 3.59 3.77
C GLN D 491 -20.38 4.08 5.11
N GLN D 492 -19.92 5.25 5.55
CA GLN D 492 -20.40 5.81 6.81
C GLN D 492 -21.80 6.40 6.66
N GLY D 493 -22.09 7.01 5.51
CA GLY D 493 -23.40 7.61 5.31
C GLY D 493 -24.52 6.60 5.29
N ARG D 494 -24.29 5.41 4.74
CA ARG D 494 -25.27 4.34 4.71
C ARG D 494 -24.96 3.35 5.83
N SER D 495 -26.00 2.97 6.58
CA SER D 495 -25.88 2.04 7.71
C SER D 495 -24.87 2.56 8.74
N SER D 496 -25.25 3.68 9.35
CA SER D 496 -24.46 4.24 10.43
C SER D 496 -24.36 3.27 11.61
N LEU D 497 -25.38 2.42 11.79
CA LEU D 497 -25.29 1.37 12.80
C LEU D 497 -24.16 0.40 12.47
N VAL D 498 -24.05 0.00 11.21
CA VAL D 498 -22.96 -0.90 10.80
C VAL D 498 -21.62 -0.19 10.95
N TRP D 499 -21.55 1.10 10.63
CA TRP D 499 -20.30 1.82 10.78
C TRP D 499 -19.86 1.90 12.24
N LEU D 500 -20.80 2.19 13.14
CA LEU D 500 -20.48 2.25 14.56
C LEU D 500 -20.06 0.88 15.07
N PHE D 501 -20.75 -0.18 14.66
CA PHE D 501 -20.37 -1.52 15.08
C PHE D 501 -18.98 -1.87 14.57
N SER D 502 -18.66 -1.49 13.33
CA SER D 502 -17.33 -1.75 12.79
C SER D 502 -16.25 -1.01 13.56
N GLN D 503 -16.52 0.25 13.93
CA GLN D 503 -15.58 1.00 14.75
C GLN D 503 -15.32 0.29 16.07
N LEU D 504 -16.40 -0.08 16.79
CA LEU D 504 -16.23 -0.76 18.06
C LEU D 504 -15.49 -2.08 17.89
N TYR D 505 -15.86 -2.85 16.88
CA TYR D 505 -15.25 -4.15 16.62
C TYR D 505 -13.74 -4.02 16.38
N LEU D 506 -13.36 -3.13 15.45
CA LEU D 506 -11.96 -2.97 15.11
C LEU D 506 -11.15 -2.44 16.28
N TYR D 507 -11.65 -1.40 16.96
CA TYR D 507 -10.91 -0.85 18.08
C TYR D 507 -10.73 -1.86 19.19
N SER D 508 -11.81 -2.58 19.55
CA SER D 508 -11.72 -3.57 20.60
C SER D 508 -10.74 -4.68 20.25
N PHE D 509 -10.82 -5.21 19.02
CA PHE D 509 -9.92 -6.28 18.62
C PHE D 509 -8.47 -5.82 18.67
N ILE D 510 -8.16 -4.68 18.04
CA ILE D 510 -6.78 -4.22 17.97
C ILE D 510 -6.23 -3.95 19.36
N SER D 511 -6.99 -3.23 20.19
CA SER D 511 -6.53 -2.94 21.54
C SER D 511 -6.28 -4.22 22.32
N LEU D 512 -7.29 -5.11 22.37
CA LEU D 512 -7.21 -6.32 23.18
C LEU D 512 -6.04 -7.20 22.77
N PHE D 513 -5.81 -7.36 21.46
CA PHE D 513 -4.75 -8.26 21.02
C PHE D 513 -3.38 -7.60 21.05
N ILE D 514 -3.22 -6.46 20.37
CA ILE D 514 -1.91 -5.84 20.27
C ILE D 514 -1.41 -5.40 21.65
N TYR D 515 -2.28 -4.78 22.45
CA TYR D 515 -1.81 -4.20 23.70
C TYR D 515 -1.74 -5.20 24.86
N MET D 516 -2.38 -6.36 24.76
CA MET D 516 -2.37 -7.33 25.84
C MET D 516 -1.77 -8.68 25.44
N VAL D 517 -2.21 -9.25 24.32
CA VAL D 517 -1.79 -10.60 23.95
C VAL D 517 -0.30 -10.63 23.60
N LEU D 518 0.14 -9.71 22.74
CA LEU D 518 1.54 -9.66 22.35
C LEU D 518 2.42 -9.28 23.54
N SER D 519 1.93 -8.37 24.40
CA SER D 519 2.67 -8.01 25.60
C SER D 519 2.84 -9.22 26.51
N LEU D 520 1.80 -10.05 26.64
CA LEU D 520 1.93 -11.25 27.45
C LEU D 520 2.86 -12.27 26.81
N PHE D 521 2.88 -12.36 25.47
CA PHE D 521 3.85 -13.23 24.81
C PHE D 521 5.27 -12.82 25.13
N ILE D 522 5.55 -11.51 25.00
CA ILE D 522 6.87 -10.99 25.34
C ILE D 522 7.19 -11.25 26.80
N ALA D 523 6.20 -11.07 27.69
CA ALA D 523 6.42 -11.30 29.11
C ALA D 523 6.75 -12.76 29.39
N LEU D 524 6.05 -13.69 28.74
CA LEU D 524 6.32 -15.11 28.96
C LEU D 524 7.72 -15.48 28.51
N ILE D 525 8.12 -15.05 27.31
CA ILE D 525 9.44 -15.42 26.84
C ILE D 525 10.54 -14.73 27.66
N THR D 526 10.33 -13.52 28.15
CA THR D 526 11.40 -12.97 29.01
C THR D 526 11.56 -13.82 30.27
N GLY D 527 10.46 -14.37 30.78
CA GLY D 527 10.50 -15.22 31.98
C GLY D 527 11.38 -16.42 31.78
N ALA D 528 11.25 -17.10 30.64
CA ALA D 528 12.09 -18.27 30.33
C ALA D 528 13.56 -17.87 30.23
N TYR D 529 13.85 -16.73 29.61
CA TYR D 529 15.24 -16.22 29.52
C TYR D 529 15.80 -16.10 30.95
N ASP D 530 15.03 -15.46 31.84
CA ASP D 530 15.49 -15.29 33.24
C ASP D 530 15.69 -16.66 33.90
N THR D 531 14.77 -17.60 33.71
CA THR D 531 14.88 -18.94 34.32
C THR D 531 16.13 -19.62 33.87
N ILE D 532 16.49 -19.51 32.59
CA ILE D 532 17.70 -20.23 32.05
C ILE D 532 18.96 -19.53 32.56
N LYS D 533 18.93 -18.20 32.68
CA LYS D 533 20.12 -17.48 33.26
C LYS D 533 20.22 -17.75 34.77
N HIS D 534 19.15 -18.28 35.40
CA HIS D 534 19.22 -18.65 36.84
C HIS D 534 19.33 -20.17 37.04
#